data_1G3V
# 
_entry.id   1G3V 
# 
_audit_conform.dict_name       mmcif_pdbx.dic 
_audit_conform.dict_version    5.386 
_audit_conform.dict_location   http://mmcif.pdb.org/dictionaries/ascii/mmcif_pdbx.dic 
# 
loop_
_database_2.database_id 
_database_2.database_code 
_database_2.pdbx_database_accession 
_database_2.pdbx_DOI 
PDB   1G3V         pdb_00001g3v 10.2210/pdb1g3v/pdb 
NDB   BD0042       ?            ?                   
RCSB  RCSB012199   ?            ?                   
WWPDB D_1000012199 ?            ?                   
# 
loop_
_pdbx_audit_revision_history.ordinal 
_pdbx_audit_revision_history.data_content_type 
_pdbx_audit_revision_history.major_revision 
_pdbx_audit_revision_history.minor_revision 
_pdbx_audit_revision_history.revision_date 
1 'Structure model' 1 0 2002-01-11 
2 'Structure model' 1 1 2008-04-27 
3 'Structure model' 1 2 2011-07-13 
4 'Structure model' 1 3 2018-01-31 
5 'Structure model' 1 4 2024-02-07 
# 
_pdbx_audit_revision_details.ordinal             1 
_pdbx_audit_revision_details.revision_ordinal    1 
_pdbx_audit_revision_details.data_content_type   'Structure model' 
_pdbx_audit_revision_details.provider            repository 
_pdbx_audit_revision_details.type                'Initial release' 
_pdbx_audit_revision_details.description         ? 
_pdbx_audit_revision_details.details             ? 
# 
loop_
_pdbx_audit_revision_group.ordinal 
_pdbx_audit_revision_group.revision_ordinal 
_pdbx_audit_revision_group.data_content_type 
_pdbx_audit_revision_group.group 
1 2 'Structure model' 'Version format compliance' 
2 3 'Structure model' 'Version format compliance' 
3 4 'Structure model' 'Experimental preparation'  
4 5 'Structure model' 'Data collection'           
5 5 'Structure model' 'Database references'       
6 5 'Structure model' 'Derived calculations'      
# 
loop_
_pdbx_audit_revision_category.ordinal 
_pdbx_audit_revision_category.revision_ordinal 
_pdbx_audit_revision_category.data_content_type 
_pdbx_audit_revision_category.category 
1 4 'Structure model' exptl_crystal_grow     
2 5 'Structure model' chem_comp_atom         
3 5 'Structure model' chem_comp_bond         
4 5 'Structure model' database_2             
5 5 'Structure model' diffrn_source          
6 5 'Structure model' pdbx_struct_conn_angle 
7 5 'Structure model' struct_conn            
8 5 'Structure model' struct_site            
# 
loop_
_pdbx_audit_revision_item.ordinal 
_pdbx_audit_revision_item.revision_ordinal 
_pdbx_audit_revision_item.data_content_type 
_pdbx_audit_revision_item.item 
1  4 'Structure model' '_exptl_crystal_grow.temp'                    
2  5 'Structure model' '_database_2.pdbx_DOI'                        
3  5 'Structure model' '_database_2.pdbx_database_accession'         
4  5 'Structure model' '_diffrn_source.pdbx_synchrotron_site'        
5  5 'Structure model' '_pdbx_struct_conn_angle.ptnr1_auth_comp_id'  
6  5 'Structure model' '_pdbx_struct_conn_angle.ptnr1_auth_seq_id'   
7  5 'Structure model' '_pdbx_struct_conn_angle.ptnr1_label_asym_id' 
8  5 'Structure model' '_pdbx_struct_conn_angle.ptnr1_label_atom_id' 
9  5 'Structure model' '_pdbx_struct_conn_angle.ptnr1_label_comp_id' 
10 5 'Structure model' '_pdbx_struct_conn_angle.ptnr1_label_seq_id'  
11 5 'Structure model' '_pdbx_struct_conn_angle.ptnr2_auth_seq_id'   
12 5 'Structure model' '_pdbx_struct_conn_angle.ptnr2_label_asym_id' 
13 5 'Structure model' '_pdbx_struct_conn_angle.ptnr3_auth_asym_id'  
14 5 'Structure model' '_pdbx_struct_conn_angle.ptnr3_auth_comp_id'  
15 5 'Structure model' '_pdbx_struct_conn_angle.ptnr3_auth_seq_id'   
16 5 'Structure model' '_pdbx_struct_conn_angle.ptnr3_label_asym_id' 
17 5 'Structure model' '_pdbx_struct_conn_angle.ptnr3_label_atom_id' 
18 5 'Structure model' '_pdbx_struct_conn_angle.ptnr3_label_comp_id' 
19 5 'Structure model' '_pdbx_struct_conn_angle.ptnr3_label_seq_id'  
20 5 'Structure model' '_pdbx_struct_conn_angle.ptnr3_symmetry'      
21 5 'Structure model' '_pdbx_struct_conn_angle.value'               
22 5 'Structure model' '_struct_conn.pdbx_dist_value'                
23 5 'Structure model' '_struct_conn.ptnr1_auth_asym_id'             
24 5 'Structure model' '_struct_conn.ptnr1_auth_comp_id'             
25 5 'Structure model' '_struct_conn.ptnr1_auth_seq_id'              
26 5 'Structure model' '_struct_conn.ptnr1_label_asym_id'            
27 5 'Structure model' '_struct_conn.ptnr1_label_atom_id'            
28 5 'Structure model' '_struct_conn.ptnr1_label_comp_id'            
29 5 'Structure model' '_struct_conn.ptnr1_label_seq_id'             
30 5 'Structure model' '_struct_conn.ptnr2_auth_asym_id'             
31 5 'Structure model' '_struct_conn.ptnr2_auth_comp_id'             
32 5 'Structure model' '_struct_conn.ptnr2_auth_seq_id'              
33 5 'Structure model' '_struct_conn.ptnr2_label_asym_id'            
34 5 'Structure model' '_struct_conn.ptnr2_label_atom_id'            
35 5 'Structure model' '_struct_conn.ptnr2_label_comp_id'            
36 5 'Structure model' '_struct_conn.ptnr2_label_seq_id'             
37 5 'Structure model' '_struct_conn.ptnr2_symmetry'                 
38 5 'Structure model' '_struct_site.pdbx_auth_asym_id'              
39 5 'Structure model' '_struct_site.pdbx_auth_comp_id'              
40 5 'Structure model' '_struct_site.pdbx_auth_seq_id'               
# 
_pdbx_database_status.status_code                     REL 
_pdbx_database_status.entry_id                        1G3V 
_pdbx_database_status.recvd_initial_deposition_date   2000-10-25 
_pdbx_database_status.deposit_site                    NDB 
_pdbx_database_status.process_site                    NDB 
_pdbx_database_status.status_code_sf                  REL 
_pdbx_database_status.SG_entry                        . 
_pdbx_database_status.pdb_format_compatible           Y 
_pdbx_database_status.status_code_mr                  ? 
_pdbx_database_status.status_code_cs                  ? 
_pdbx_database_status.methods_development_category    ? 
_pdbx_database_status.status_code_nmr_data            ? 
# 
loop_
_pdbx_database_related.db_name 
_pdbx_database_related.db_id 
_pdbx_database_related.details 
_pdbx_database_related.content_type 
NDB ud0004 
;STRUCTURE OF THE OLIGONUCLEOTIDE D(CGTATATACG) AS A SITE  
SPECIFIC COMPLEX WITH NICKEL IONS
;
unspecified 
NDB dd0016 
;NI2+/GUANINE INTERACTIONS AND NETROPSIN/GUANINE STACKING IN 
D(CGTATATACG)2
;
unspecified 
# 
loop_
_audit_author.name 
_audit_author.pdbx_ordinal 
'Subirana, J.A.'   1 
'Abrescia, N.G.A.' 2 
# 
_citation.id                        primary 
_citation.title                     'Nickel-guanine interactions in DNA: crystal structure of nickel-d[CGTGTACACG]2.' 
_citation.journal_abbrev            J.Biol.Inorg.Chem. 
_citation.journal_volume            7 
_citation.page_first                195 
_citation.page_last                 199 
_citation.year                      2002 
_citation.journal_id_ASTM           JJBCFA 
_citation.country                   GW 
_citation.journal_id_ISSN           0949-8257 
_citation.journal_id_CSD            2154 
_citation.book_publisher            ? 
_citation.pdbx_database_id_PubMed   11862555 
_citation.pdbx_database_id_DOI      10.1007/s007750100286 
# 
loop_
_citation_author.citation_id 
_citation_author.name 
_citation_author.ordinal 
_citation_author.identifier_ORCID 
primary 'Abrescia, N.A.' 1 ? 
primary 'Huynh-Dinh, T.' 2 ? 
primary 'Subirana, J.A.' 3 ? 
# 
loop_
_entity.id 
_entity.type 
_entity.src_method 
_entity.pdbx_description 
_entity.formula_weight 
_entity.pdbx_number_of_molecules 
_entity.pdbx_ec 
_entity.pdbx_mutation 
_entity.pdbx_fragment 
_entity.details 
1 polymer     syn "5'-D(*CP*GP*TP*GP*TP*AP*CP*AP*CP*G)-3'" 3045.004 4  ? ? ? ? 
2 non-polymer syn 'NICKEL (II) ION'                        58.693   8  ? ? ? ? 
3 water       nat water                                    18.015   52 ? ? ? ? 
# 
_entity_poly.entity_id                      1 
_entity_poly.type                           polydeoxyribonucleotide 
_entity_poly.nstd_linkage                   no 
_entity_poly.nstd_monomer                   no 
_entity_poly.pdbx_seq_one_letter_code       '(DC)(DG)(DT)(DG)(DT)(DA)(DC)(DA)(DC)(DG)' 
_entity_poly.pdbx_seq_one_letter_code_can   CGTGTACACG 
_entity_poly.pdbx_strand_id                 A,B,C,D 
_entity_poly.pdbx_target_identifier         ? 
# 
loop_
_pdbx_entity_nonpoly.entity_id 
_pdbx_entity_nonpoly.name 
_pdbx_entity_nonpoly.comp_id 
2 'NICKEL (II) ION' NI  
3 water             HOH 
# 
loop_
_entity_poly_seq.entity_id 
_entity_poly_seq.num 
_entity_poly_seq.mon_id 
_entity_poly_seq.hetero 
1 1  DC n 
1 2  DG n 
1 3  DT n 
1 4  DG n 
1 5  DT n 
1 6  DA n 
1 7  DC n 
1 8  DA n 
1 9  DC n 
1 10 DG n 
# 
loop_
_chem_comp.id 
_chem_comp.type 
_chem_comp.mon_nstd_flag 
_chem_comp.name 
_chem_comp.pdbx_synonyms 
_chem_comp.formula 
_chem_comp.formula_weight 
DA  'DNA linking' y "2'-DEOXYADENOSINE-5'-MONOPHOSPHATE" ? 'C10 H14 N5 O6 P' 331.222 
DC  'DNA linking' y "2'-DEOXYCYTIDINE-5'-MONOPHOSPHATE"  ? 'C9 H14 N3 O7 P'  307.197 
DG  'DNA linking' y "2'-DEOXYGUANOSINE-5'-MONOPHOSPHATE" ? 'C10 H14 N5 O7 P' 347.221 
DT  'DNA linking' y "THYMIDINE-5'-MONOPHOSPHATE"         ? 'C10 H15 N2 O8 P' 322.208 
HOH non-polymer   . WATER                                ? 'H2 O'            18.015  
NI  non-polymer   . 'NICKEL (II) ION'                    ? 'Ni 2'            58.693  
# 
loop_
_pdbx_poly_seq_scheme.asym_id 
_pdbx_poly_seq_scheme.entity_id 
_pdbx_poly_seq_scheme.seq_id 
_pdbx_poly_seq_scheme.mon_id 
_pdbx_poly_seq_scheme.ndb_seq_num 
_pdbx_poly_seq_scheme.pdb_seq_num 
_pdbx_poly_seq_scheme.auth_seq_num 
_pdbx_poly_seq_scheme.pdb_mon_id 
_pdbx_poly_seq_scheme.auth_mon_id 
_pdbx_poly_seq_scheme.pdb_strand_id 
_pdbx_poly_seq_scheme.pdb_ins_code 
_pdbx_poly_seq_scheme.hetero 
A 1 1  DC 1  1  1  DC C A . n 
A 1 2  DG 2  2  2  DG G A . n 
A 1 3  DT 3  3  3  DT T A . n 
A 1 4  DG 4  4  4  DG G A . n 
A 1 5  DT 5  5  5  DT T A . n 
A 1 6  DA 6  6  6  DA A A . n 
A 1 7  DC 7  7  7  DC C A . n 
A 1 8  DA 8  8  8  DA A A . n 
A 1 9  DC 9  9  9  DC C A . n 
A 1 10 DG 10 10 10 DG G A . n 
B 1 1  DC 1  11 11 DC C B . n 
B 1 2  DG 2  12 12 DG G B . n 
B 1 3  DT 3  13 13 DT T B . n 
B 1 4  DG 4  14 14 DG G B . n 
B 1 5  DT 5  15 15 DT T B . n 
B 1 6  DA 6  16 16 DA A B . n 
B 1 7  DC 7  17 17 DC C B . n 
B 1 8  DA 8  18 18 DA A B . n 
B 1 9  DC 9  19 19 DC C B . n 
B 1 10 DG 10 20 20 DG G B . n 
C 1 1  DC 1  21 21 DC C C . n 
C 1 2  DG 2  22 22 DG G C . n 
C 1 3  DT 3  23 23 DT T C . n 
C 1 4  DG 4  24 24 DG G C . n 
C 1 5  DT 5  25 25 DT T C . n 
C 1 6  DA 6  26 26 DA A C . n 
C 1 7  DC 7  27 27 DC C C . n 
C 1 8  DA 8  28 28 DA A C . n 
C 1 9  DC 9  29 29 DC C C . n 
C 1 10 DG 10 30 30 DG G C . n 
D 1 1  DC 1  31 31 DC C D . n 
D 1 2  DG 2  32 32 DG G D . n 
D 1 3  DT 3  33 33 DT T D . n 
D 1 4  DG 4  34 34 DG G D . n 
D 1 5  DT 5  35 35 DT T D . n 
D 1 6  DA 6  36 36 DA A D . n 
D 1 7  DC 7  37 37 DC C D . n 
D 1 8  DA 8  38 38 DA A D . n 
D 1 9  DC 9  39 39 DC C D . n 
D 1 10 DG 10 40 40 DG G D . n 
# 
loop_
_pdbx_nonpoly_scheme.asym_id 
_pdbx_nonpoly_scheme.entity_id 
_pdbx_nonpoly_scheme.mon_id 
_pdbx_nonpoly_scheme.ndb_seq_num 
_pdbx_nonpoly_scheme.pdb_seq_num 
_pdbx_nonpoly_scheme.auth_seq_num 
_pdbx_nonpoly_scheme.pdb_mon_id 
_pdbx_nonpoly_scheme.auth_mon_id 
_pdbx_nonpoly_scheme.pdb_strand_id 
_pdbx_nonpoly_scheme.pdb_ins_code 
E 2 NI  1  100 81  NI  NI2 A . 
F 2 NI  1  300 83  NI  NI2 A . 
G 2 NI  1  700 87  NI  NI2 A . 
H 2 NI  1  200 82  NI  NI2 B . 
I 2 NI  1  600 86  NI  NI2 B . 
J 2 NI  1  800 88  NI  NI2 C . 
K 2 NI  1  400 84  NI  NI2 D . 
L 2 NI  1  500 85  NI  NI2 D . 
M 3 HOH 1  50  50  HOH HOH A . 
M 3 HOH 2  53  53  HOH HOH A . 
M 3 HOH 3  54  54  HOH HOH A . 
M 3 HOH 4  55  55  HOH HOH A . 
M 3 HOH 5  56  56  HOH HOH A . 
M 3 HOH 6  57  57  HOH HOH A . 
M 3 HOH 7  101 801 HOH HO2 A . 
M 3 HOH 8  102 801 HOH HO2 A . 
M 3 HOH 9  103 801 HOH HO2 A . 
M 3 HOH 10 104 801 HOH HO2 A . 
M 3 HOH 11 301 601 HOH HO2 A . 
M 3 HOH 12 302 601 HOH HO2 A . 
M 3 HOH 13 303 601 HOH HO2 A . 
M 3 HOH 14 304 601 HOH HO2 A . 
M 3 HOH 15 305 601 HOH HO2 A . 
M 3 HOH 16 701 201 HOH HO2 A . 
M 3 HOH 17 702 201 HOH HO2 A . 
M 3 HOH 18 703 201 HOH HO2 A . 
M 3 HOH 19 704 201 HOH HO2 A . 
M 3 HOH 20 705 201 HOH HO2 A . 
M 3 HOH 21 706 201 HOH HO2 A . 
N 3 HOH 1  51  51  HOH HOH B . 
N 3 HOH 2  58  58  HOH HOH B . 
N 3 HOH 3  201 701 HOH HO2 B . 
N 3 HOH 4  202 701 HOH HO2 B . 
N 3 HOH 5  203 701 HOH HO2 B . 
N 3 HOH 6  204 701 HOH HO2 B . 
N 3 HOH 7  205 701 HOH HO2 B . 
N 3 HOH 8  601 301 HOH HO2 B . 
N 3 HOH 9  602 301 HOH HO2 B . 
N 3 HOH 10 603 301 HOH HO2 B . 
N 3 HOH 11 604 301 HOH HO2 B . 
N 3 HOH 12 605 301 HOH HO2 B . 
O 3 HOH 1  52  52  HOH HOH C . 
O 3 HOH 2  59  59  HOH HOH C . 
O 3 HOH 3  60  60  HOH HOH C . 
O 3 HOH 4  801 101 HOH HO2 C . 
O 3 HOH 5  802 101 HOH HO2 C . 
O 3 HOH 6  803 101 HOH HO2 C . 
O 3 HOH 7  804 101 HOH HO2 C . 
O 3 HOH 8  805 101 HOH HO2 C . 
P 3 HOH 1  61  61  HOH HOH D . 
P 3 HOH 2  401 501 HOH HO2 D . 
P 3 HOH 3  402 501 HOH HO2 D . 
P 3 HOH 4  403 501 HOH HO2 D . 
P 3 HOH 5  404 501 HOH HO2 D . 
P 3 HOH 6  405 501 HOH HO2 D . 
P 3 HOH 7  501 401 HOH HO2 D . 
P 3 HOH 8  502 401 HOH HO2 D . 
P 3 HOH 9  503 401 HOH HO2 D . 
P 3 HOH 10 504 401 HOH HO2 D . 
P 3 HOH 11 505 401 HOH HO2 D . 
# 
loop_
_pdbx_unobs_or_zero_occ_atoms.id 
_pdbx_unobs_or_zero_occ_atoms.PDB_model_num 
_pdbx_unobs_or_zero_occ_atoms.polymer_flag 
_pdbx_unobs_or_zero_occ_atoms.occupancy_flag 
_pdbx_unobs_or_zero_occ_atoms.auth_asym_id 
_pdbx_unobs_or_zero_occ_atoms.auth_comp_id 
_pdbx_unobs_or_zero_occ_atoms.auth_seq_id 
_pdbx_unobs_or_zero_occ_atoms.PDB_ins_code 
_pdbx_unobs_or_zero_occ_atoms.auth_atom_id 
_pdbx_unobs_or_zero_occ_atoms.label_alt_id 
_pdbx_unobs_or_zero_occ_atoms.label_asym_id 
_pdbx_unobs_or_zero_occ_atoms.label_comp_id 
_pdbx_unobs_or_zero_occ_atoms.label_seq_id 
_pdbx_unobs_or_zero_occ_atoms.label_atom_id 
1  1 Y 1 A DC 1  ? "O5'" ? A DC 1 "O5'" 
2  1 Y 1 A DC 1  ? "C5'" ? A DC 1 "C5'" 
3  1 Y 1 A DC 1  ? N1    ? A DC 1 N1    
4  1 Y 1 A DC 1  ? C2    ? A DC 1 C2    
5  1 Y 1 A DC 1  ? O2    ? A DC 1 O2    
6  1 Y 1 A DC 1  ? N3    ? A DC 1 N3    
7  1 Y 1 A DC 1  ? C4    ? A DC 1 C4    
8  1 Y 1 A DC 1  ? N4    ? A DC 1 N4    
9  1 Y 1 A DC 1  ? C5    ? A DC 1 C5    
10 1 Y 1 A DC 1  ? C6    ? A DC 1 C6    
11 1 Y 1 B DC 11 ? "O5'" ? B DC 1 "O5'" 
12 1 Y 1 B DC 11 ? "C5'" ? B DC 1 "C5'" 
13 1 Y 1 B DC 11 ? "C4'" ? B DC 1 "C4'" 
14 1 Y 1 B DC 11 ? "O4'" ? B DC 1 "O4'" 
15 1 Y 1 B DC 11 ? "C2'" ? B DC 1 "C2'" 
16 1 Y 1 B DC 11 ? "C1'" ? B DC 1 "C1'" 
17 1 Y 1 B DC 11 ? N1    ? B DC 1 N1    
18 1 Y 1 B DC 11 ? C2    ? B DC 1 C2    
19 1 Y 1 B DC 11 ? O2    ? B DC 1 O2    
20 1 Y 1 B DC 11 ? N3    ? B DC 1 N3    
21 1 Y 1 B DC 11 ? C4    ? B DC 1 C4    
22 1 Y 1 B DC 11 ? N4    ? B DC 1 N4    
23 1 Y 1 B DC 11 ? C5    ? B DC 1 C5    
24 1 Y 1 B DC 11 ? C6    ? B DC 1 C6    
25 1 Y 1 C DC 21 ? "O5'" ? C DC 1 "O5'" 
26 1 Y 1 C DC 21 ? "C5'" ? C DC 1 "C5'" 
27 1 Y 1 C DC 21 ? "C4'" ? C DC 1 "C4'" 
28 1 Y 1 C DC 21 ? "O4'" ? C DC 1 "O4'" 
29 1 Y 1 C DC 21 ? "C3'" ? C DC 1 "C3'" 
30 1 Y 1 C DC 21 ? "C2'" ? C DC 1 "C2'" 
31 1 Y 1 C DC 21 ? "C1'" ? C DC 1 "C1'" 
32 1 Y 1 C DC 21 ? N1    ? C DC 1 N1    
33 1 Y 1 C DC 21 ? C2    ? C DC 1 C2    
34 1 Y 1 C DC 21 ? O2    ? C DC 1 O2    
35 1 Y 1 C DC 21 ? N3    ? C DC 1 N3    
36 1 Y 1 C DC 21 ? C4    ? C DC 1 C4    
37 1 Y 1 C DC 21 ? N4    ? C DC 1 N4    
38 1 Y 1 C DC 21 ? C5    ? C DC 1 C5    
39 1 Y 1 C DC 21 ? C6    ? C DC 1 C6    
# 
loop_
_software.name 
_software.classification 
_software.version 
_software.citation_id 
_software.pdbx_ordinal 
AMoRE     phasing          .   ? 1 
CNS       refinement       0.9 ? 2 
DENZO     'data reduction' .   ? 3 
SCALEPACK 'data scaling'   .   ? 4 
# 
_cell.entry_id           1G3V 
_cell.length_a           53.031 
_cell.length_b           53.031 
_cell.length_c           97.787 
_cell.angle_alpha        90.00 
_cell.angle_beta         90.00 
_cell.angle_gamma        90.00 
_cell.Z_PDB              32 
_cell.pdbx_unique_axis   ? 
# 
_symmetry.entry_id                         1G3V 
_symmetry.space_group_name_H-M             'P 41 21 2' 
_symmetry.pdbx_full_space_group_name_H-M   ? 
_symmetry.cell_setting                     ? 
_symmetry.Int_Tables_number                92 
# 
_exptl.entry_id          1G3V 
_exptl.method            'X-RAY DIFFRACTION' 
_exptl.crystals_number   1 
# 
_exptl_crystal.id                    1 
_exptl_crystal.density_meas          ? 
_exptl_crystal.density_percent_sol   54.59 
_exptl_crystal.density_Matthews      2.71 
_exptl_crystal.description           ? 
# 
_exptl_crystal_grow.crystal_id      1 
_exptl_crystal_grow.method          'VAPOR DIFFUSION, HANGING DROP' 
_exptl_crystal_grow.pH              6 
_exptl_crystal_grow.temp            293.0 
_exptl_crystal_grow.temp_details    ? 
_exptl_crystal_grow.pdbx_details    'DNA, NiCl2, MPD, pH 6, VAPOR DIFFUSION, HANGING DROP, temperature 20K' 
_exptl_crystal_grow.pdbx_pH_range   ? 
# 
loop_
_exptl_crystal_grow_comp.crystal_id 
_exptl_crystal_grow_comp.id 
_exptl_crystal_grow_comp.sol_id 
_exptl_crystal_grow_comp.name 
_exptl_crystal_grow_comp.conc 
_exptl_crystal_grow_comp.volume 
_exptl_crystal_grow_comp.details 
1 1 1 DNA   ? ? ? 
1 2 1 NiCl2 ? ? ? 
1 3 1 MPD   ? ? ? 
1 4 2 MPD   ? ? ? 
# 
_diffrn.id                     1 
_diffrn.ambient_temp           ? 
_diffrn.ambient_temp_details   ? 
_diffrn.crystal_id             1 
# 
_diffrn_detector.diffrn_id              1 
_diffrn_detector.detector               'IMAGE PLATE' 
_diffrn_detector.type                   MARRESEARCH 
_diffrn_detector.pdbx_collection_date   1999-11-01 
_diffrn_detector.details                ? 
# 
_diffrn_radiation.diffrn_id                        1 
_diffrn_radiation.wavelength_id                    1 
_diffrn_radiation.monochromator                    ? 
_diffrn_radiation.pdbx_monochromatic_or_laue_m_l   M 
_diffrn_radiation.pdbx_diffrn_protocol             'SINGLE WAVELENGTH' 
_diffrn_radiation.pdbx_scattering_type             x-ray 
# 
_diffrn_radiation_wavelength.id           1 
_diffrn_radiation_wavelength.wavelength   0.9058 
_diffrn_radiation_wavelength.wt           1.0 
# 
_diffrn_source.diffrn_id                   1 
_diffrn_source.source                      SYNCHROTRON 
_diffrn_source.type                        'EMBL/DESY, HAMBURG BEAMLINE X31' 
_diffrn_source.pdbx_wavelength             0.9058 
_diffrn_source.pdbx_synchrotron_site       'EMBL/DESY, HAMBURG' 
_diffrn_source.pdbx_synchrotron_beamline   X31 
_diffrn_source.pdbx_wavelength_list        ? 
# 
_reflns.entry_id                     1G3V 
_reflns.observed_criterion_sigma_I   2.5 
_reflns.observed_criterion_sigma_F   ? 
_reflns.d_resolution_low             20 
_reflns.d_resolution_high            3.1 
_reflns.number_obs                   2843 
_reflns.number_all                   2843 
_reflns.percent_possible_obs         99.7 
_reflns.pdbx_Rmerge_I_obs            0.1000000 
_reflns.pdbx_Rsym_value              ? 
_reflns.pdbx_netI_over_sigmaI        20.3 
_reflns.B_iso_Wilson_estimate        ? 
_reflns.pdbx_redundancy              15.2 
_reflns.R_free_details               ? 
_reflns.pdbx_diffrn_id               1 
_reflns.pdbx_ordinal                 1 
# 
_reflns_shell.d_res_high             3.1 
_reflns_shell.d_res_low              3.18 
_reflns_shell.percent_possible_obs   ? 
_reflns_shell.percent_possible_all   99.5 
_reflns_shell.Rmerge_I_obs           0.4900000 
_reflns_shell.meanI_over_sigI_obs    ? 
_reflns_shell.pdbx_Rsym_value        ? 
_reflns_shell.pdbx_redundancy        ? 
_reflns_shell.number_unique_all      213 
_reflns_shell.pdbx_diffrn_id         ? 
_reflns_shell.pdbx_ordinal           1 
# 
_refine.entry_id                                 1G3V 
_refine.ls_number_reflns_obs                     2472 
_refine.ls_number_reflns_all                     2472 
_refine.pdbx_ls_sigma_I                          ? 
_refine.pdbx_ls_sigma_F                          1 
_refine.pdbx_data_cutoff_high_absF               ? 
_refine.pdbx_data_cutoff_low_absF                ? 
_refine.ls_d_res_low                             8.0 
_refine.ls_d_res_high                            3.1 
_refine.ls_percent_reflns_obs                    94.2 
_refine.ls_R_factor_obs                          ? 
_refine.ls_R_factor_all                          ? 
_refine.ls_R_factor_R_work                       0.2090000 
_refine.ls_R_factor_R_free                       0.2700000 
_refine.ls_R_factor_R_free_error                 ? 
_refine.ls_R_factor_R_free_error_details         ? 
_refine.ls_percent_reflns_R_free                 ? 
_refine.ls_number_reflns_R_free                  230 
_refine.ls_number_parameters                     ? 
_refine.ls_number_restraints                     ? 
_refine.occupancy_min                            ? 
_refine.occupancy_max                            ? 
_refine.B_iso_mean                               ? 
_refine.aniso_B[1][1]                            ? 
_refine.aniso_B[2][2]                            ? 
_refine.aniso_B[3][3]                            ? 
_refine.aniso_B[1][2]                            ? 
_refine.aniso_B[1][3]                            ? 
_refine.aniso_B[2][3]                            ? 
_refine.solvent_model_details                    ? 
_refine.solvent_model_param_ksol                 ? 
_refine.solvent_model_param_bsol                 ? 
_refine.pdbx_ls_cross_valid_method               ? 
_refine.details                                  'maximum likelihood target function' 
_refine.pdbx_starting_model                      ? 
_refine.pdbx_method_to_determine_struct          ? 
_refine.pdbx_isotropic_thermal_model             ? 
_refine.pdbx_stereochemistry_target_values       
;G. Parkinson, J. Vojtechovsky, L. Clowney, A.T. Brunger, H.M. Berman, 
New Parameters for the Refinement of Nucleic Acid Containing Structures, 
Acta Cryst. D, 52, 57-64 (1996).
;
_refine.pdbx_stereochem_target_val_spec_case     ? 
_refine.pdbx_R_Free_selection_details            random 
_refine.pdbx_overall_ESU_R_Free                  ? 
_refine.overall_SU_B                             ? 
_refine.ls_redundancy_reflns_obs                 ? 
_refine.overall_SU_ML                            ? 
_refine.pdbx_overall_ESU_R                       ? 
_refine.pdbx_data_cutoff_high_rms_absF           ? 
_refine.correlation_coeff_Fo_to_Fc               ? 
_refine.correlation_coeff_Fo_to_Fc_free          ? 
_refine.overall_SU_R_Cruickshank_DPI             ? 
_refine.overall_SU_R_free                        ? 
_refine.pdbx_refine_id                           'X-RAY DIFFRACTION' 
_refine.pdbx_diffrn_id                           1 
_refine.pdbx_TLS_residual_ADP_flag               ? 
_refine.pdbx_solvent_vdw_probe_radii             ? 
_refine.pdbx_solvent_ion_probe_radii             ? 
_refine.pdbx_solvent_shrinkage_radii             ? 
_refine.pdbx_overall_phase_error                 ? 
_refine.pdbx_overall_SU_R_free_Cruickshank_DPI   ? 
_refine.pdbx_overall_SU_R_Blow_DPI               ? 
_refine.pdbx_overall_SU_R_free_Blow_DPI          ? 
# 
_refine_hist.pdbx_refine_id                   'X-RAY DIFFRACTION' 
_refine_hist.cycle_id                         LAST 
_refine_hist.pdbx_number_atoms_protein        0 
_refine_hist.pdbx_number_atoms_nucleic_acid   769 
_refine_hist.pdbx_number_atoms_ligand         8 
_refine_hist.number_atoms_solvent             52 
_refine_hist.number_atoms_total               829 
_refine_hist.d_res_high                       3.1 
_refine_hist.d_res_low                        8.0 
# 
loop_
_refine_ls_restr.type 
_refine_ls_restr.dev_ideal 
_refine_ls_restr.dev_ideal_target 
_refine_ls_restr.weight 
_refine_ls_restr.number 
_refine_ls_restr.pdbx_refine_id 
_refine_ls_restr.pdbx_restraint_function 
c_bond_d    0.008 ? ? ? 'X-RAY DIFFRACTION' ? 
c_angle_deg 1.1   ? ? ? 'X-RAY DIFFRACTION' ? 
# 
_struct.entry_id                  1G3V 
_struct.title                     'CRYSTAL STRUCTURE OF NICKEL-D[CGTGTACACG]2' 
_struct.pdbx_model_details        ? 
_struct.pdbx_CASP_flag            ? 
_struct.pdbx_model_type_details   ? 
# 
_struct_keywords.entry_id        1G3V 
_struct_keywords.pdbx_keywords   DNA 
_struct_keywords.text            'nickel binding, B-DNA, DNA' 
# 
loop_
_struct_asym.id 
_struct_asym.pdbx_blank_PDB_chainid_flag 
_struct_asym.pdbx_modified 
_struct_asym.entity_id 
_struct_asym.details 
A N N 1 ? 
B N N 1 ? 
C N N 1 ? 
D N N 1 ? 
E N N 2 ? 
F N N 2 ? 
G N N 2 ? 
H N N 2 ? 
I N N 2 ? 
J N N 2 ? 
K N N 2 ? 
L N N 2 ? 
M N N 3 ? 
N N N 3 ? 
O N N 3 ? 
P N N 3 ? 
# 
_struct_ref.id                         1 
_struct_ref.entity_id                  1 
_struct_ref.db_name                    PDB 
_struct_ref.db_code                    1G3V 
_struct_ref.pdbx_db_accession          1G3V 
_struct_ref.pdbx_db_isoform            ? 
_struct_ref.pdbx_seq_one_letter_code   ? 
_struct_ref.pdbx_align_begin           ? 
# 
loop_
_struct_ref_seq.align_id 
_struct_ref_seq.ref_id 
_struct_ref_seq.pdbx_PDB_id_code 
_struct_ref_seq.pdbx_strand_id 
_struct_ref_seq.seq_align_beg 
_struct_ref_seq.pdbx_seq_align_beg_ins_code 
_struct_ref_seq.seq_align_end 
_struct_ref_seq.pdbx_seq_align_end_ins_code 
_struct_ref_seq.pdbx_db_accession 
_struct_ref_seq.db_align_beg 
_struct_ref_seq.pdbx_db_align_beg_ins_code 
_struct_ref_seq.db_align_end 
_struct_ref_seq.pdbx_db_align_end_ins_code 
_struct_ref_seq.pdbx_auth_seq_align_beg 
_struct_ref_seq.pdbx_auth_seq_align_end 
1 1 1G3V A 1 ? 10 ? 1G3V 1  ? 10 ? 1  10 
2 1 1G3V B 1 ? 10 ? 1G3V 11 ? 20 ? 11 20 
3 1 1G3V C 1 ? 10 ? 1G3V 21 ? 30 ? 21 30 
4 1 1G3V D 1 ? 10 ? 1G3V 31 ? 40 ? 31 40 
# 
loop_
_pdbx_struct_assembly.id 
_pdbx_struct_assembly.details 
_pdbx_struct_assembly.method_details 
_pdbx_struct_assembly.oligomeric_details 
_pdbx_struct_assembly.oligomeric_count 
1 author_defined_assembly ? dimeric 2 
2 author_defined_assembly ? dimeric 2 
# 
loop_
_pdbx_struct_assembly_gen.assembly_id 
_pdbx_struct_assembly_gen.oper_expression 
_pdbx_struct_assembly_gen.asym_id_list 
1 1 A,B,E,F,G,H,I,M,N 
2 1 C,D,J,K,L,O,P     
# 
_pdbx_struct_oper_list.id                   1 
_pdbx_struct_oper_list.type                 'identity operation' 
_pdbx_struct_oper_list.name                 1_555 
_pdbx_struct_oper_list.symmetry_operation   x,y,z 
_pdbx_struct_oper_list.matrix[1][1]         1.0000000000 
_pdbx_struct_oper_list.matrix[1][2]         0.0000000000 
_pdbx_struct_oper_list.matrix[1][3]         0.0000000000 
_pdbx_struct_oper_list.vector[1]            0.0000000000 
_pdbx_struct_oper_list.matrix[2][1]         0.0000000000 
_pdbx_struct_oper_list.matrix[2][2]         1.0000000000 
_pdbx_struct_oper_list.matrix[2][3]         0.0000000000 
_pdbx_struct_oper_list.vector[2]            0.0000000000 
_pdbx_struct_oper_list.matrix[3][1]         0.0000000000 
_pdbx_struct_oper_list.matrix[3][2]         0.0000000000 
_pdbx_struct_oper_list.matrix[3][3]         1.0000000000 
_pdbx_struct_oper_list.vector[3]            0.0000000000 
# 
loop_
_struct_biol.id 
_struct_biol.pdbx_parent_biol_id 
_struct_biol.details 
1 ? ? 
2 ? ? 
# 
loop_
_struct_conn.id 
_struct_conn.conn_type_id 
_struct_conn.pdbx_leaving_atom_flag 
_struct_conn.pdbx_PDB_id 
_struct_conn.ptnr1_label_asym_id 
_struct_conn.ptnr1_label_comp_id 
_struct_conn.ptnr1_label_seq_id 
_struct_conn.ptnr1_label_atom_id 
_struct_conn.pdbx_ptnr1_label_alt_id 
_struct_conn.pdbx_ptnr1_PDB_ins_code 
_struct_conn.pdbx_ptnr1_standard_comp_id 
_struct_conn.ptnr1_symmetry 
_struct_conn.ptnr2_label_asym_id 
_struct_conn.ptnr2_label_comp_id 
_struct_conn.ptnr2_label_seq_id 
_struct_conn.ptnr2_label_atom_id 
_struct_conn.pdbx_ptnr2_label_alt_id 
_struct_conn.pdbx_ptnr2_PDB_ins_code 
_struct_conn.ptnr1_auth_asym_id 
_struct_conn.ptnr1_auth_comp_id 
_struct_conn.ptnr1_auth_seq_id 
_struct_conn.ptnr2_auth_asym_id 
_struct_conn.ptnr2_auth_comp_id 
_struct_conn.ptnr2_auth_seq_id 
_struct_conn.ptnr2_symmetry 
_struct_conn.pdbx_ptnr3_label_atom_id 
_struct_conn.pdbx_ptnr3_label_seq_id 
_struct_conn.pdbx_ptnr3_label_comp_id 
_struct_conn.pdbx_ptnr3_label_asym_id 
_struct_conn.pdbx_ptnr3_label_alt_id 
_struct_conn.pdbx_ptnr3_PDB_ins_code 
_struct_conn.details 
_struct_conn.pdbx_dist_value 
_struct_conn.pdbx_value_order 
_struct_conn.pdbx_role 
metalc1  metalc ? ? A DG 2  N7 ? ? ? 1_555 F NI  .  NI ? ? A DG 2   A NI  300 1_555 ? ? ? ? ? ? ?            2.040 ? ? 
metalc2  metalc ? ? A DG 10 N7 ? ? ? 1_555 E NI  .  NI ? ? A DG 10  A NI  100 1_555 ? ? ? ? ? ? ?            1.969 ? ? 
metalc3  metalc ? ? E NI .  NI ? ? ? 1_555 M HOH .  O  ? ? A NI 100 A HOH 101 1_555 ? ? ? ? ? ? ?            2.016 ? ? 
metalc4  metalc ? ? E NI .  NI ? ? ? 1_555 M HOH .  O  ? ? A NI 100 A HOH 102 1_555 ? ? ? ? ? ? ?            2.104 ? ? 
metalc5  metalc ? ? E NI .  NI ? ? ? 1_555 M HOH .  O  ? ? A NI 100 A HOH 103 1_555 ? ? ? ? ? ? ?            1.958 ? ? 
metalc6  metalc ? ? E NI .  NI ? ? ? 1_555 M HOH .  O  ? ? A NI 100 A HOH 104 1_555 ? ? ? ? ? ? ?            2.149 ? ? 
metalc7  metalc ? ? E NI .  NI ? ? ? 1_555 C DG  10 N7 ? ? A NI 100 C DG  30  3_545 ? ? ? ? ? ? ?            2.066 ? ? 
metalc8  metalc ? ? F NI .  NI ? ? ? 1_555 M HOH .  O  ? ? A NI 300 A HOH 301 1_555 ? ? ? ? ? ? ?            2.066 ? ? 
metalc9  metalc ? ? F NI .  NI ? ? ? 1_555 M HOH .  O  ? ? A NI 300 A HOH 302 1_555 ? ? ? ? ? ? ?            2.050 ? ? 
metalc10 metalc ? ? F NI .  NI ? ? ? 1_555 M HOH .  O  ? ? A NI 300 A HOH 303 1_555 ? ? ? ? ? ? ?            2.142 ? ? 
metalc11 metalc ? ? F NI .  NI ? ? ? 1_555 M HOH .  O  ? ? A NI 300 A HOH 304 1_555 ? ? ? ? ? ? ?            1.999 ? ? 
metalc12 metalc ? ? F NI .  NI ? ? ? 1_555 M HOH .  O  ? ? A NI 300 A HOH 305 1_555 ? ? ? ? ? ? ?            2.148 ? ? 
metalc13 metalc ? ? G NI .  NI ? ? ? 1_555 M HOH .  O  ? ? A NI 700 A HOH 701 1_555 ? ? ? ? ? ? ?            2.065 ? ? 
metalc14 metalc ? ? G NI .  NI ? ? ? 1_555 M HOH .  O  ? ? A NI 700 A HOH 702 1_555 ? ? ? ? ? ? ?            2.108 ? ? 
metalc15 metalc ? ? G NI .  NI ? ? ? 1_555 M HOH .  O  ? ? A NI 700 A HOH 703 1_555 ? ? ? ? ? ? ?            2.024 ? ? 
metalc16 metalc ? ? G NI .  NI ? ? ? 1_555 M HOH .  O  ? ? A NI 700 A HOH 704 1_555 ? ? ? ? ? ? ?            2.149 ? ? 
metalc17 metalc ? ? G NI .  NI ? ? ? 1_555 M HOH .  O  ? ? A NI 700 A HOH 705 1_555 ? ? ? ? ? ? ?            2.168 ? ? 
metalc18 metalc ? ? G NI .  NI ? ? ? 1_555 M HOH .  O  ? ? A NI 700 A HOH 706 1_555 ? ? ? ? ? ? ?            2.024 ? ? 
metalc19 metalc ? ? B DG 2  N7 ? ? ? 1_555 I NI  .  NI ? ? B DG 12  B NI  600 1_555 ? ? ? ? ? ? ?            2.053 ? ? 
metalc20 metalc ? ? B DG 10 N7 ? ? ? 1_555 H NI  .  NI ? ? B DG 20  B NI  200 1_555 ? ? ? ? ? ? ?            1.952 ? ? 
metalc21 metalc ? ? H NI .  NI ? ? ? 1_555 N HOH .  O  ? ? B NI 200 B HOH 201 1_555 ? ? ? ? ? ? ?            2.064 ? ? 
metalc22 metalc ? ? H NI .  NI ? ? ? 1_555 N HOH .  O  ? ? B NI 200 B HOH 202 1_555 ? ? ? ? ? ? ?            2.056 ? ? 
metalc23 metalc ? ? H NI .  NI ? ? ? 1_555 N HOH .  O  ? ? B NI 200 B HOH 203 1_555 ? ? ? ? ? ? ?            2.064 ? ? 
metalc24 metalc ? ? H NI .  NI ? ? ? 1_555 N HOH .  O  ? ? B NI 200 B HOH 204 1_555 ? ? ? ? ? ? ?            2.075 ? ? 
metalc25 metalc ? ? H NI .  NI ? ? ? 1_555 N HOH .  O  ? ? B NI 200 B HOH 205 1_555 ? ? ? ? ? ? ?            2.139 ? ? 
metalc26 metalc ? ? I NI .  NI ? ? ? 1_555 N HOH .  O  ? ? B NI 600 B HOH 601 1_555 ? ? ? ? ? ? ?            2.035 ? ? 
metalc27 metalc ? ? I NI .  NI ? ? ? 1_555 N HOH .  O  ? ? B NI 600 B HOH 602 1_555 ? ? ? ? ? ? ?            2.081 ? ? 
metalc28 metalc ? ? I NI .  NI ? ? ? 1_555 N HOH .  O  ? ? B NI 600 B HOH 603 1_555 ? ? ? ? ? ? ?            2.080 ? ? 
metalc29 metalc ? ? I NI .  NI ? ? ? 1_555 N HOH .  O  ? ? B NI 600 B HOH 604 1_555 ? ? ? ? ? ? ?            2.049 ? ? 
metalc30 metalc ? ? I NI .  NI ? ? ? 1_555 N HOH .  O  ? ? B NI 600 B HOH 605 1_555 ? ? ? ? ? ? ?            2.127 ? ? 
metalc31 metalc ? ? C DG 2  N7 ? ? ? 1_555 J NI  .  NI ? ? C DG 22  C NI  800 1_555 ? ? ? ? ? ? ?            2.033 ? ? 
metalc32 metalc ? ? J NI .  NI ? ? ? 1_555 O HOH .  O  ? ? C NI 800 C HOH 801 1_555 ? ? ? ? ? ? ?            2.008 ? ? 
metalc33 metalc ? ? J NI .  NI ? ? ? 1_555 O HOH .  O  ? ? C NI 800 C HOH 802 1_555 ? ? ? ? ? ? ?            2.109 ? ? 
metalc34 metalc ? ? J NI .  NI ? ? ? 1_555 O HOH .  O  ? ? C NI 800 C HOH 803 1_555 ? ? ? ? ? ? ?            2.068 ? ? 
metalc35 metalc ? ? J NI .  NI ? ? ? 1_555 O HOH .  O  ? ? C NI 800 C HOH 804 1_555 ? ? ? ? ? ? ?            2.069 ? ? 
metalc36 metalc ? ? J NI .  NI ? ? ? 1_555 O HOH .  O  ? ? C NI 800 C HOH 805 1_555 ? ? ? ? ? ? ?            2.054 ? ? 
metalc37 metalc ? ? D DG 2  N7 ? ? ? 1_555 L NI  .  NI ? ? D DG 32  D NI  500 1_555 ? ? ? ? ? ? ?            2.277 ? ? 
metalc38 metalc ? ? D DG 10 N7 ? ? ? 1_555 K NI  .  NI ? ? D DG 40  D NI  400 1_555 ? ? ? ? ? ? ?            2.048 ? ? 
metalc39 metalc ? ? K NI .  NI ? ? ? 1_555 P HOH .  O  ? ? D NI 400 D HOH 401 1_555 ? ? ? ? ? ? ?            2.038 ? ? 
metalc40 metalc ? ? K NI .  NI ? ? ? 1_555 P HOH .  O  ? ? D NI 400 D HOH 402 1_555 ? ? ? ? ? ? ?            2.107 ? ? 
metalc41 metalc ? ? K NI .  NI ? ? ? 1_555 P HOH .  O  ? ? D NI 400 D HOH 403 1_555 ? ? ? ? ? ? ?            2.043 ? ? 
metalc42 metalc ? ? K NI .  NI ? ? ? 1_555 P HOH .  O  ? ? D NI 400 D HOH 404 1_555 ? ? ? ? ? ? ?            2.091 ? ? 
metalc43 metalc ? ? K NI .  NI ? ? ? 1_555 P HOH .  O  ? ? D NI 400 D HOH 405 1_555 ? ? ? ? ? ? ?            2.115 ? ? 
metalc44 metalc ? ? L NI .  NI ? ? ? 1_555 P HOH .  O  ? ? D NI 500 D HOH 501 1_555 ? ? ? ? ? ? ?            2.021 ? ? 
metalc45 metalc ? ? L NI .  NI ? ? ? 1_555 P HOH .  O  ? ? D NI 500 D HOH 502 1_555 ? ? ? ? ? ? ?            2.107 ? ? 
metalc46 metalc ? ? L NI .  NI ? ? ? 1_555 P HOH .  O  ? ? D NI 500 D HOH 503 1_555 ? ? ? ? ? ? ?            2.054 ? ? 
metalc47 metalc ? ? L NI .  NI ? ? ? 1_555 P HOH .  O  ? ? D NI 500 D HOH 504 1_555 ? ? ? ? ? ? ?            2.061 ? ? 
metalc48 metalc ? ? L NI .  NI ? ? ? 1_555 P HOH .  O  ? ? D NI 500 D HOH 505 1_555 ? ? ? ? ? ? ?            2.003 ? ? 
hydrog1  hydrog ? ? A DG 2  N1 ? ? ? 1_555 B DC  9  N3 ? ? A DG 2   B DC  19  1_555 ? ? ? ? ? ? WATSON-CRICK ?     ? ? 
hydrog2  hydrog ? ? A DG 2  N2 ? ? ? 1_555 B DC  9  O2 ? ? A DG 2   B DC  19  1_555 ? ? ? ? ? ? WATSON-CRICK ?     ? ? 
hydrog3  hydrog ? ? A DG 2  O6 ? ? ? 1_555 B DC  9  N4 ? ? A DG 2   B DC  19  1_555 ? ? ? ? ? ? WATSON-CRICK ?     ? ? 
hydrog4  hydrog ? ? A DG 2  N2 ? ? ? 1_555 C DG  10 N3 ? ? A DG 2   C DG  30  1_555 ? ? ? ? ? ? TYPE_4_PAIR  ?     ? ? 
hydrog5  hydrog ? ? A DG 2  N3 ? ? ? 1_555 C DG  10 N2 ? ? A DG 2   C DG  30  1_555 ? ? ? ? ? ? TYPE_4_PAIR  ?     ? ? 
hydrog6  hydrog ? ? A DT 3  N3 ? ? ? 1_555 B DA  8  N1 ? ? A DT 3   B DA  18  1_555 ? ? ? ? ? ? WATSON-CRICK ?     ? ? 
hydrog7  hydrog ? ? A DT 3  O4 ? ? ? 1_555 B DA  8  N6 ? ? A DT 3   B DA  18  1_555 ? ? ? ? ? ? WATSON-CRICK ?     ? ? 
hydrog8  hydrog ? ? A DG 4  N1 ? ? ? 1_555 B DC  7  N3 ? ? A DG 4   B DC  17  1_555 ? ? ? ? ? ? WATSON-CRICK ?     ? ? 
hydrog9  hydrog ? ? A DG 4  N2 ? ? ? 1_555 B DC  7  O2 ? ? A DG 4   B DC  17  1_555 ? ? ? ? ? ? WATSON-CRICK ?     ? ? 
hydrog10 hydrog ? ? A DG 4  O6 ? ? ? 1_555 B DC  7  N4 ? ? A DG 4   B DC  17  1_555 ? ? ? ? ? ? WATSON-CRICK ?     ? ? 
hydrog11 hydrog ? ? A DT 5  N3 ? ? ? 1_555 B DA  6  N1 ? ? A DT 5   B DA  16  1_555 ? ? ? ? ? ? WATSON-CRICK ?     ? ? 
hydrog12 hydrog ? ? A DT 5  O4 ? ? ? 1_555 B DA  6  N6 ? ? A DT 5   B DA  16  1_555 ? ? ? ? ? ? WATSON-CRICK ?     ? ? 
hydrog13 hydrog ? ? A DA 6  N1 ? ? ? 1_555 B DT  5  N3 ? ? A DA 6   B DT  15  1_555 ? ? ? ? ? ? WATSON-CRICK ?     ? ? 
hydrog14 hydrog ? ? A DA 6  N6 ? ? ? 1_555 B DT  5  O4 ? ? A DA 6   B DT  15  1_555 ? ? ? ? ? ? WATSON-CRICK ?     ? ? 
hydrog15 hydrog ? ? A DC 7  N3 ? ? ? 1_555 B DG  4  N1 ? ? A DC 7   B DG  14  1_555 ? ? ? ? ? ? WATSON-CRICK ?     ? ? 
hydrog16 hydrog ? ? A DC 7  N4 ? ? ? 1_555 B DG  4  O6 ? ? A DC 7   B DG  14  1_555 ? ? ? ? ? ? WATSON-CRICK ?     ? ? 
hydrog17 hydrog ? ? A DC 7  O2 ? ? ? 1_555 B DG  4  N2 ? ? A DC 7   B DG  14  1_555 ? ? ? ? ? ? WATSON-CRICK ?     ? ? 
hydrog18 hydrog ? ? A DA 8  N1 ? ? ? 1_555 B DT  3  N3 ? ? A DA 8   B DT  13  1_555 ? ? ? ? ? ? WATSON-CRICK ?     ? ? 
hydrog19 hydrog ? ? A DA 8  N6 ? ? ? 1_555 B DT  3  O4 ? ? A DA 8   B DT  13  1_555 ? ? ? ? ? ? WATSON-CRICK ?     ? ? 
hydrog20 hydrog ? ? A DC 9  N3 ? ? ? 1_555 B DG  2  N1 ? ? A DC 9   B DG  12  1_555 ? ? ? ? ? ? WATSON-CRICK ?     ? ? 
hydrog21 hydrog ? ? A DC 9  N4 ? ? ? 1_555 B DG  2  O6 ? ? A DC 9   B DG  12  1_555 ? ? ? ? ? ? WATSON-CRICK ?     ? ? 
hydrog22 hydrog ? ? A DC 9  O2 ? ? ? 1_555 B DG  2  N2 ? ? A DC 9   B DG  12  1_555 ? ? ? ? ? ? WATSON-CRICK ?     ? ? 
hydrog23 hydrog ? ? B DG 10 N2 ? ? ? 1_555 D DG  2  N3 ? ? B DG 20  D DG  32  1_555 ? ? ? ? ? ? TYPE_4_PAIR  ?     ? ? 
hydrog24 hydrog ? ? B DG 10 N3 ? ? ? 1_555 D DG  2  N2 ? ? B DG 20  D DG  32  1_555 ? ? ? ? ? ? TYPE_4_PAIR  ?     ? ? 
hydrog25 hydrog ? ? C DG 2  N1 ? ? ? 1_555 D DC  9  N3 ? ? C DG 22  D DC  39  1_555 ? ? ? ? ? ? WATSON-CRICK ?     ? ? 
hydrog26 hydrog ? ? C DG 2  N2 ? ? ? 1_555 D DC  9  O2 ? ? C DG 22  D DC  39  1_555 ? ? ? ? ? ? WATSON-CRICK ?     ? ? 
hydrog27 hydrog ? ? C DG 2  O6 ? ? ? 1_555 D DC  9  N4 ? ? C DG 22  D DC  39  1_555 ? ? ? ? ? ? WATSON-CRICK ?     ? ? 
hydrog28 hydrog ? ? C DT 3  N3 ? ? ? 1_555 D DA  8  N1 ? ? C DT 23  D DA  38  1_555 ? ? ? ? ? ? WATSON-CRICK ?     ? ? 
hydrog29 hydrog ? ? C DT 3  O4 ? ? ? 1_555 D DA  8  N6 ? ? C DT 23  D DA  38  1_555 ? ? ? ? ? ? WATSON-CRICK ?     ? ? 
hydrog30 hydrog ? ? C DG 4  N1 ? ? ? 1_555 D DC  7  N3 ? ? C DG 24  D DC  37  1_555 ? ? ? ? ? ? WATSON-CRICK ?     ? ? 
hydrog31 hydrog ? ? C DG 4  N2 ? ? ? 1_555 D DC  7  O2 ? ? C DG 24  D DC  37  1_555 ? ? ? ? ? ? WATSON-CRICK ?     ? ? 
hydrog32 hydrog ? ? C DG 4  O6 ? ? ? 1_555 D DC  7  N4 ? ? C DG 24  D DC  37  1_555 ? ? ? ? ? ? WATSON-CRICK ?     ? ? 
hydrog33 hydrog ? ? C DT 5  N3 ? ? ? 1_555 D DA  6  N1 ? ? C DT 25  D DA  36  1_555 ? ? ? ? ? ? WATSON-CRICK ?     ? ? 
hydrog34 hydrog ? ? C DT 5  O4 ? ? ? 1_555 D DA  6  N6 ? ? C DT 25  D DA  36  1_555 ? ? ? ? ? ? WATSON-CRICK ?     ? ? 
hydrog35 hydrog ? ? C DA 6  N1 ? ? ? 1_555 D DT  5  N3 ? ? C DA 26  D DT  35  1_555 ? ? ? ? ? ? WATSON-CRICK ?     ? ? 
hydrog36 hydrog ? ? C DA 6  N6 ? ? ? 1_555 D DT  5  O4 ? ? C DA 26  D DT  35  1_555 ? ? ? ? ? ? WATSON-CRICK ?     ? ? 
hydrog37 hydrog ? ? C DC 7  N3 ? ? ? 1_555 D DG  4  N1 ? ? C DC 27  D DG  34  1_555 ? ? ? ? ? ? WATSON-CRICK ?     ? ? 
hydrog38 hydrog ? ? C DC 7  N4 ? ? ? 1_555 D DG  4  O6 ? ? C DC 27  D DG  34  1_555 ? ? ? ? ? ? WATSON-CRICK ?     ? ? 
hydrog39 hydrog ? ? C DC 7  O2 ? ? ? 1_555 D DG  4  N2 ? ? C DC 27  D DG  34  1_555 ? ? ? ? ? ? WATSON-CRICK ?     ? ? 
hydrog40 hydrog ? ? C DA 8  N1 ? ? ? 1_555 D DT  3  N3 ? ? C DA 28  D DT  33  1_555 ? ? ? ? ? ? WATSON-CRICK ?     ? ? 
hydrog41 hydrog ? ? C DA 8  N6 ? ? ? 1_555 D DT  3  O4 ? ? C DA 28  D DT  33  1_555 ? ? ? ? ? ? WATSON-CRICK ?     ? ? 
hydrog42 hydrog ? ? C DC 9  N3 ? ? ? 1_555 D DG  2  N1 ? ? C DC 29  D DG  32  1_555 ? ? ? ? ? ? WATSON-CRICK ?     ? ? 
hydrog43 hydrog ? ? C DC 9  N4 ? ? ? 1_555 D DG  2  O6 ? ? C DC 29  D DG  32  1_555 ? ? ? ? ? ? WATSON-CRICK ?     ? ? 
hydrog44 hydrog ? ? C DC 9  O2 ? ? ? 1_555 D DG  2  N2 ? ? C DC 29  D DG  32  1_555 ? ? ? ? ? ? WATSON-CRICK ?     ? ? 
# 
loop_
_struct_conn_type.id 
_struct_conn_type.criteria 
_struct_conn_type.reference 
metalc ? ? 
hydrog ? ? 
# 
loop_
_pdbx_struct_conn_angle.id 
_pdbx_struct_conn_angle.ptnr1_label_atom_id 
_pdbx_struct_conn_angle.ptnr1_label_alt_id 
_pdbx_struct_conn_angle.ptnr1_label_asym_id 
_pdbx_struct_conn_angle.ptnr1_label_comp_id 
_pdbx_struct_conn_angle.ptnr1_label_seq_id 
_pdbx_struct_conn_angle.ptnr1_auth_atom_id 
_pdbx_struct_conn_angle.ptnr1_auth_asym_id 
_pdbx_struct_conn_angle.ptnr1_auth_comp_id 
_pdbx_struct_conn_angle.ptnr1_auth_seq_id 
_pdbx_struct_conn_angle.ptnr1_PDB_ins_code 
_pdbx_struct_conn_angle.ptnr1_symmetry 
_pdbx_struct_conn_angle.ptnr2_label_atom_id 
_pdbx_struct_conn_angle.ptnr2_label_alt_id 
_pdbx_struct_conn_angle.ptnr2_label_asym_id 
_pdbx_struct_conn_angle.ptnr2_label_comp_id 
_pdbx_struct_conn_angle.ptnr2_label_seq_id 
_pdbx_struct_conn_angle.ptnr2_auth_atom_id 
_pdbx_struct_conn_angle.ptnr2_auth_asym_id 
_pdbx_struct_conn_angle.ptnr2_auth_comp_id 
_pdbx_struct_conn_angle.ptnr2_auth_seq_id 
_pdbx_struct_conn_angle.ptnr2_PDB_ins_code 
_pdbx_struct_conn_angle.ptnr2_symmetry 
_pdbx_struct_conn_angle.ptnr3_label_atom_id 
_pdbx_struct_conn_angle.ptnr3_label_alt_id 
_pdbx_struct_conn_angle.ptnr3_label_asym_id 
_pdbx_struct_conn_angle.ptnr3_label_comp_id 
_pdbx_struct_conn_angle.ptnr3_label_seq_id 
_pdbx_struct_conn_angle.ptnr3_auth_atom_id 
_pdbx_struct_conn_angle.ptnr3_auth_asym_id 
_pdbx_struct_conn_angle.ptnr3_auth_comp_id 
_pdbx_struct_conn_angle.ptnr3_auth_seq_id 
_pdbx_struct_conn_angle.ptnr3_PDB_ins_code 
_pdbx_struct_conn_angle.ptnr3_symmetry 
_pdbx_struct_conn_angle.value 
_pdbx_struct_conn_angle.value_esd 
1   N7 ? A DG  2  ? A DG  2   ? 1_555 NI ? F NI . ? A NI 300 ? 1_555 O  ? M HOH .  ? A HOH 301 ? 1_555 109.0 ? 
2   N7 ? A DG  2  ? A DG  2   ? 1_555 NI ? F NI . ? A NI 300 ? 1_555 O  ? M HOH .  ? A HOH 302 ? 1_555 77.6  ? 
3   O  ? M HOH .  ? A HOH 301 ? 1_555 NI ? F NI . ? A NI 300 ? 1_555 O  ? M HOH .  ? A HOH 302 ? 1_555 170.8 ? 
4   N7 ? A DG  2  ? A DG  2   ? 1_555 NI ? F NI . ? A NI 300 ? 1_555 O  ? M HOH .  ? A HOH 303 ? 1_555 94.9  ? 
5   O  ? M HOH .  ? A HOH 301 ? 1_555 NI ? F NI . ? A NI 300 ? 1_555 O  ? M HOH .  ? A HOH 303 ? 1_555 86.3  ? 
6   O  ? M HOH .  ? A HOH 302 ? 1_555 NI ? F NI . ? A NI 300 ? 1_555 O  ? M HOH .  ? A HOH 303 ? 1_555 86.7  ? 
7   N7 ? A DG  2  ? A DG  2   ? 1_555 NI ? F NI . ? A NI 300 ? 1_555 O  ? M HOH .  ? A HOH 304 ? 1_555 91.2  ? 
8   O  ? M HOH .  ? A HOH 301 ? 1_555 NI ? F NI . ? A NI 300 ? 1_555 O  ? M HOH .  ? A HOH 304 ? 1_555 91.6  ? 
9   O  ? M HOH .  ? A HOH 302 ? 1_555 NI ? F NI . ? A NI 300 ? 1_555 O  ? M HOH .  ? A HOH 304 ? 1_555 94.7  ? 
10  O  ? M HOH .  ? A HOH 303 ? 1_555 NI ? F NI . ? A NI 300 ? 1_555 O  ? M HOH .  ? A HOH 304 ? 1_555 173.9 ? 
11  N7 ? A DG  2  ? A DG  2   ? 1_555 NI ? F NI . ? A NI 300 ? 1_555 O  ? M HOH .  ? A HOH 305 ? 1_555 164.4 ? 
12  O  ? M HOH .  ? A HOH 301 ? 1_555 NI ? F NI . ? A NI 300 ? 1_555 O  ? M HOH .  ? A HOH 305 ? 1_555 86.5  ? 
13  O  ? M HOH .  ? A HOH 302 ? 1_555 NI ? F NI . ? A NI 300 ? 1_555 O  ? M HOH .  ? A HOH 305 ? 1_555 86.9  ? 
14  O  ? M HOH .  ? A HOH 303 ? 1_555 NI ? F NI . ? A NI 300 ? 1_555 O  ? M HOH .  ? A HOH 305 ? 1_555 84.9  ? 
15  O  ? M HOH .  ? A HOH 304 ? 1_555 NI ? F NI . ? A NI 300 ? 1_555 O  ? M HOH .  ? A HOH 305 ? 1_555 89.3  ? 
16  N7 ? A DG  10 ? A DG  10  ? 1_555 NI ? E NI . ? A NI 100 ? 1_555 O  ? M HOH .  ? A HOH 101 ? 1_555 91.6  ? 
17  N7 ? A DG  10 ? A DG  10  ? 1_555 NI ? E NI . ? A NI 100 ? 1_555 O  ? M HOH .  ? A HOH 102 ? 1_555 83.6  ? 
18  O  ? M HOH .  ? A HOH 101 ? 1_555 NI ? E NI . ? A NI 100 ? 1_555 O  ? M HOH .  ? A HOH 102 ? 1_555 173.9 ? 
19  N7 ? A DG  10 ? A DG  10  ? 1_555 NI ? E NI . ? A NI 100 ? 1_555 O  ? M HOH .  ? A HOH 103 ? 1_555 93.3  ? 
20  O  ? M HOH .  ? A HOH 101 ? 1_555 NI ? E NI . ? A NI 100 ? 1_555 O  ? M HOH .  ? A HOH 103 ? 1_555 95.8  ? 
21  O  ? M HOH .  ? A HOH 102 ? 1_555 NI ? E NI . ? A NI 100 ? 1_555 O  ? M HOH .  ? A HOH 103 ? 1_555 88.2  ? 
22  N7 ? A DG  10 ? A DG  10  ? 1_555 NI ? E NI . ? A NI 100 ? 1_555 O  ? M HOH .  ? A HOH 104 ? 1_555 84.5  ? 
23  O  ? M HOH .  ? A HOH 101 ? 1_555 NI ? E NI . ? A NI 100 ? 1_555 O  ? M HOH .  ? A HOH 104 ? 1_555 89.2  ? 
24  O  ? M HOH .  ? A HOH 102 ? 1_555 NI ? E NI . ? A NI 100 ? 1_555 O  ? M HOH .  ? A HOH 104 ? 1_555 86.6  ? 
25  O  ? M HOH .  ? A HOH 103 ? 1_555 NI ? E NI . ? A NI 100 ? 1_555 O  ? M HOH .  ? A HOH 104 ? 1_555 174.6 ? 
26  N7 ? A DG  10 ? A DG  10  ? 1_555 NI ? E NI . ? A NI 100 ? 1_555 N7 ? C DG  10 ? C DG  30  ? 3_545 167.0 ? 
27  O  ? M HOH .  ? A HOH 101 ? 1_555 NI ? E NI . ? A NI 100 ? 1_555 N7 ? C DG  10 ? C DG  30  ? 3_545 97.5  ? 
28  O  ? M HOH .  ? A HOH 102 ? 1_555 NI ? E NI . ? A NI 100 ? 1_555 N7 ? C DG  10 ? C DG  30  ? 3_545 86.6  ? 
29  O  ? M HOH .  ? A HOH 103 ? 1_555 NI ? E NI . ? A NI 100 ? 1_555 N7 ? C DG  10 ? C DG  30  ? 3_545 94.9  ? 
30  O  ? M HOH .  ? A HOH 104 ? 1_555 NI ? E NI . ? A NI 100 ? 1_555 N7 ? C DG  10 ? C DG  30  ? 3_545 86.4  ? 
31  O  ? M HOH .  ? A HOH 701 ? 1_555 NI ? G NI . ? A NI 700 ? 1_555 O  ? M HOH .  ? A HOH 702 ? 1_555 172.3 ? 
32  O  ? M HOH .  ? A HOH 701 ? 1_555 NI ? G NI . ? A NI 700 ? 1_555 O  ? M HOH .  ? A HOH 703 ? 1_555 91.8  ? 
33  O  ? M HOH .  ? A HOH 702 ? 1_555 NI ? G NI . ? A NI 700 ? 1_555 O  ? M HOH .  ? A HOH 703 ? 1_555 91.5  ? 
34  O  ? M HOH .  ? A HOH 701 ? 1_555 NI ? G NI . ? A NI 700 ? 1_555 O  ? M HOH .  ? A HOH 704 ? 1_555 88.4  ? 
35  O  ? M HOH .  ? A HOH 702 ? 1_555 NI ? G NI . ? A NI 700 ? 1_555 O  ? M HOH .  ? A HOH 704 ? 1_555 87.4  ? 
36  O  ? M HOH .  ? A HOH 703 ? 1_555 NI ? G NI . ? A NI 700 ? 1_555 O  ? M HOH .  ? A HOH 704 ? 1_555 172.9 ? 
37  O  ? M HOH .  ? A HOH 701 ? 1_555 NI ? G NI . ? A NI 700 ? 1_555 O  ? M HOH .  ? A HOH 705 ? 1_555 85.6  ? 
38  O  ? M HOH .  ? A HOH 702 ? 1_555 NI ? G NI . ? A NI 700 ? 1_555 O  ? M HOH .  ? A HOH 705 ? 1_555 87.6  ? 
39  O  ? M HOH .  ? A HOH 703 ? 1_555 NI ? G NI . ? A NI 700 ? 1_555 O  ? M HOH .  ? A HOH 705 ? 1_555 87.8  ? 
40  O  ? M HOH .  ? A HOH 704 ? 1_555 NI ? G NI . ? A NI 700 ? 1_555 O  ? M HOH .  ? A HOH 705 ? 1_555 85.1  ? 
41  O  ? M HOH .  ? A HOH 701 ? 1_555 NI ? G NI . ? A NI 700 ? 1_555 O  ? M HOH .  ? A HOH 706 ? 1_555 93.6  ? 
42  O  ? M HOH .  ? A HOH 702 ? 1_555 NI ? G NI . ? A NI 700 ? 1_555 O  ? M HOH .  ? A HOH 706 ? 1_555 92.9  ? 
43  O  ? M HOH .  ? A HOH 703 ? 1_555 NI ? G NI . ? A NI 700 ? 1_555 O  ? M HOH .  ? A HOH 706 ? 1_555 97.4  ? 
44  O  ? M HOH .  ? A HOH 704 ? 1_555 NI ? G NI . ? A NI 700 ? 1_555 O  ? M HOH .  ? A HOH 706 ? 1_555 89.6  ? 
45  O  ? M HOH .  ? A HOH 705 ? 1_555 NI ? G NI . ? A NI 700 ? 1_555 O  ? M HOH .  ? A HOH 706 ? 1_555 174.7 ? 
46  N7 ? B DG  2  ? B DG  12  ? 1_555 NI ? I NI . ? B NI 600 ? 1_555 O  ? N HOH .  ? B HOH 601 ? 1_555 104.3 ? 
47  N7 ? B DG  2  ? B DG  12  ? 1_555 NI ? I NI . ? B NI 600 ? 1_555 O  ? N HOH .  ? B HOH 602 ? 1_555 84.2  ? 
48  O  ? N HOH .  ? B HOH 601 ? 1_555 NI ? I NI . ? B NI 600 ? 1_555 O  ? N HOH .  ? B HOH 602 ? 1_555 171.3 ? 
49  N7 ? B DG  2  ? B DG  12  ? 1_555 NI ? I NI . ? B NI 600 ? 1_555 O  ? N HOH .  ? B HOH 603 ? 1_555 93.1  ? 
50  O  ? N HOH .  ? B HOH 601 ? 1_555 NI ? I NI . ? B NI 600 ? 1_555 O  ? N HOH .  ? B HOH 603 ? 1_555 91.5  ? 
51  O  ? N HOH .  ? B HOH 602 ? 1_555 NI ? I NI . ? B NI 600 ? 1_555 O  ? N HOH .  ? B HOH 603 ? 1_555 89.7  ? 
52  N7 ? B DG  2  ? B DG  12  ? 1_555 NI ? I NI . ? B NI 600 ? 1_555 O  ? N HOH .  ? B HOH 604 ? 1_555 93.9  ? 
53  O  ? N HOH .  ? B HOH 601 ? 1_555 NI ? I NI . ? B NI 600 ? 1_555 O  ? N HOH .  ? B HOH 604 ? 1_555 90.3  ? 
54  O  ? N HOH .  ? B HOH 602 ? 1_555 NI ? I NI . ? B NI 600 ? 1_555 O  ? N HOH .  ? B HOH 604 ? 1_555 87.3  ? 
55  O  ? N HOH .  ? B HOH 603 ? 1_555 NI ? I NI . ? B NI 600 ? 1_555 O  ? N HOH .  ? B HOH 604 ? 1_555 172.1 ? 
56  N7 ? B DG  2  ? B DG  12  ? 1_555 NI ? I NI . ? B NI 600 ? 1_555 O  ? N HOH .  ? B HOH 605 ? 1_555 171.2 ? 
57  O  ? N HOH .  ? B HOH 601 ? 1_555 NI ? I NI . ? B NI 600 ? 1_555 O  ? N HOH .  ? B HOH 605 ? 1_555 84.6  ? 
58  O  ? N HOH .  ? B HOH 602 ? 1_555 NI ? I NI . ? B NI 600 ? 1_555 O  ? N HOH .  ? B HOH 605 ? 1_555 86.9  ? 
59  O  ? N HOH .  ? B HOH 603 ? 1_555 NI ? I NI . ? B NI 600 ? 1_555 O  ? N HOH .  ? B HOH 605 ? 1_555 86.8  ? 
60  O  ? N HOH .  ? B HOH 604 ? 1_555 NI ? I NI . ? B NI 600 ? 1_555 O  ? N HOH .  ? B HOH 605 ? 1_555 85.7  ? 
61  N7 ? B DG  10 ? B DG  20  ? 1_555 NI ? H NI . ? B NI 200 ? 1_555 O  ? N HOH .  ? B HOH 201 ? 1_555 80.3  ? 
62  N7 ? B DG  10 ? B DG  20  ? 1_555 NI ? H NI . ? B NI 200 ? 1_555 O  ? N HOH .  ? B HOH 202 ? 1_555 110.4 ? 
63  O  ? N HOH .  ? B HOH 201 ? 1_555 NI ? H NI . ? B NI 200 ? 1_555 O  ? N HOH .  ? B HOH 202 ? 1_555 169.3 ? 
64  N7 ? B DG  10 ? B DG  20  ? 1_555 NI ? H NI . ? B NI 200 ? 1_555 O  ? N HOH .  ? B HOH 203 ? 1_555 97.4  ? 
65  O  ? N HOH .  ? B HOH 201 ? 1_555 NI ? H NI . ? B NI 200 ? 1_555 O  ? N HOH .  ? B HOH 203 ? 1_555 88.2  ? 
66  O  ? N HOH .  ? B HOH 202 ? 1_555 NI ? H NI . ? B NI 200 ? 1_555 O  ? N HOH .  ? B HOH 203 ? 1_555 90.7  ? 
67  N7 ? B DG  10 ? B DG  20  ? 1_555 NI ? H NI . ? B NI 200 ? 1_555 O  ? N HOH .  ? B HOH 204 ? 1_555 89.7  ? 
68  O  ? N HOH .  ? B HOH 201 ? 1_555 NI ? H NI . ? B NI 200 ? 1_555 O  ? N HOH .  ? B HOH 204 ? 1_555 88.5  ? 
69  O  ? N HOH .  ? B HOH 202 ? 1_555 NI ? H NI . ? B NI 200 ? 1_555 O  ? N HOH .  ? B HOH 204 ? 1_555 91.1  ? 
70  O  ? N HOH .  ? B HOH 203 ? 1_555 NI ? H NI . ? B NI 200 ? 1_555 O  ? N HOH .  ? B HOH 204 ? 1_555 171.5 ? 
71  N7 ? B DG  10 ? B DG  20  ? 1_555 NI ? H NI . ? B NI 200 ? 1_555 O  ? N HOH .  ? B HOH 205 ? 1_555 164.4 ? 
72  O  ? N HOH .  ? B HOH 201 ? 1_555 NI ? H NI . ? B NI 200 ? 1_555 O  ? N HOH .  ? B HOH 205 ? 1_555 84.5  ? 
73  O  ? N HOH .  ? B HOH 202 ? 1_555 NI ? H NI . ? B NI 200 ? 1_555 O  ? N HOH .  ? B HOH 205 ? 1_555 84.8  ? 
74  O  ? N HOH .  ? B HOH 203 ? 1_555 NI ? H NI . ? B NI 200 ? 1_555 O  ? N HOH .  ? B HOH 205 ? 1_555 85.6  ? 
75  O  ? N HOH .  ? B HOH 204 ? 1_555 NI ? H NI . ? B NI 200 ? 1_555 O  ? N HOH .  ? B HOH 205 ? 1_555 86.3  ? 
76  N7 ? C DG  2  ? C DG  22  ? 1_555 NI ? J NI . ? C NI 800 ? 1_555 O  ? O HOH .  ? C HOH 801 ? 1_555 87.9  ? 
77  N7 ? C DG  2  ? C DG  22  ? 1_555 NI ? J NI . ? C NI 800 ? 1_555 O  ? O HOH .  ? C HOH 802 ? 1_555 91.5  ? 
78  O  ? O HOH .  ? C HOH 801 ? 1_555 NI ? J NI . ? C NI 800 ? 1_555 O  ? O HOH .  ? C HOH 802 ? 1_555 178.0 ? 
79  N7 ? C DG  2  ? C DG  22  ? 1_555 NI ? J NI . ? C NI 800 ? 1_555 O  ? O HOH .  ? C HOH 803 ? 1_555 97.3  ? 
80  O  ? O HOH .  ? C HOH 801 ? 1_555 NI ? J NI . ? C NI 800 ? 1_555 O  ? O HOH .  ? C HOH 803 ? 1_555 93.5  ? 
81  O  ? O HOH .  ? C HOH 802 ? 1_555 NI ? J NI . ? C NI 800 ? 1_555 O  ? O HOH .  ? C HOH 803 ? 1_555 88.4  ? 
82  N7 ? C DG  2  ? C DG  22  ? 1_555 NI ? J NI . ? C NI 800 ? 1_555 O  ? O HOH .  ? C HOH 804 ? 1_555 81.5  ? 
83  O  ? O HOH .  ? C HOH 801 ? 1_555 NI ? J NI . ? C NI 800 ? 1_555 O  ? O HOH .  ? C HOH 804 ? 1_555 90.5  ? 
84  O  ? O HOH .  ? C HOH 802 ? 1_555 NI ? J NI . ? C NI 800 ? 1_555 O  ? O HOH .  ? C HOH 804 ? 1_555 87.5  ? 
85  O  ? O HOH .  ? C HOH 803 ? 1_555 NI ? J NI . ? C NI 800 ? 1_555 O  ? O HOH .  ? C HOH 804 ? 1_555 175.7 ? 
86  N7 ? C DG  2  ? C DG  22  ? 1_555 NI ? J NI . ? C NI 800 ? 1_555 O  ? O HOH .  ? C HOH 805 ? 1_555 171.4 ? 
87  O  ? O HOH .  ? C HOH 801 ? 1_555 NI ? J NI . ? C NI 800 ? 1_555 O  ? O HOH .  ? C HOH 805 ? 1_555 91.6  ? 
88  O  ? O HOH .  ? C HOH 802 ? 1_555 NI ? J NI . ? C NI 800 ? 1_555 O  ? O HOH .  ? C HOH 805 ? 1_555 88.7  ? 
89  O  ? O HOH .  ? C HOH 803 ? 1_555 NI ? J NI . ? C NI 800 ? 1_555 O  ? O HOH .  ? C HOH 805 ? 1_555 91.3  ? 
90  O  ? O HOH .  ? C HOH 804 ? 1_555 NI ? J NI . ? C NI 800 ? 1_555 O  ? O HOH .  ? C HOH 805 ? 1_555 89.9  ? 
91  N7 ? D DG  2  ? D DG  32  ? 1_555 NI ? L NI . ? D NI 500 ? 1_555 O  ? P HOH .  ? D HOH 501 ? 1_555 86.3  ? 
92  N7 ? D DG  2  ? D DG  32  ? 1_555 NI ? L NI . ? D NI 500 ? 1_555 O  ? P HOH .  ? D HOH 502 ? 1_555 86.9  ? 
93  O  ? P HOH .  ? D HOH 501 ? 1_555 NI ? L NI . ? D NI 500 ? 1_555 O  ? P HOH .  ? D HOH 502 ? 1_555 173.1 ? 
94  N7 ? D DG  2  ? D DG  32  ? 1_555 NI ? L NI . ? D NI 500 ? 1_555 O  ? P HOH .  ? D HOH 503 ? 1_555 84.9  ? 
95  O  ? P HOH .  ? D HOH 501 ? 1_555 NI ? L NI . ? D NI 500 ? 1_555 O  ? P HOH .  ? D HOH 503 ? 1_555 93.0  ? 
96  O  ? P HOH .  ? D HOH 502 ? 1_555 NI ? L NI . ? D NI 500 ? 1_555 O  ? P HOH .  ? D HOH 503 ? 1_555 85.1  ? 
97  N7 ? D DG  2  ? D DG  32  ? 1_555 NI ? L NI . ? D NI 500 ? 1_555 O  ? P HOH .  ? D HOH 504 ? 1_555 90.0  ? 
98  O  ? P HOH .  ? D HOH 501 ? 1_555 NI ? L NI . ? D NI 500 ? 1_555 O  ? P HOH .  ? D HOH 504 ? 1_555 91.6  ? 
99  O  ? P HOH .  ? D HOH 502 ? 1_555 NI ? L NI . ? D NI 500 ? 1_555 O  ? P HOH .  ? D HOH 504 ? 1_555 89.7  ? 
100 O  ? P HOH .  ? D HOH 503 ? 1_555 NI ? L NI . ? D NI 500 ? 1_555 O  ? P HOH .  ? D HOH 504 ? 1_555 172.9 ? 
101 N7 ? D DG  2  ? D DG  32  ? 1_555 NI ? L NI . ? D NI 500 ? 1_555 O  ? P HOH .  ? D HOH 505 ? 1_555 176.4 ? 
102 O  ? P HOH .  ? D HOH 501 ? 1_555 NI ? L NI . ? D NI 500 ? 1_555 O  ? P HOH .  ? D HOH 505 ? 1_555 96.8  ? 
103 O  ? P HOH .  ? D HOH 502 ? 1_555 NI ? L NI . ? D NI 500 ? 1_555 O  ? P HOH .  ? D HOH 505 ? 1_555 89.9  ? 
104 O  ? P HOH .  ? D HOH 503 ? 1_555 NI ? L NI . ? D NI 500 ? 1_555 O  ? P HOH .  ? D HOH 505 ? 1_555 93.2  ? 
105 O  ? P HOH .  ? D HOH 504 ? 1_555 NI ? L NI . ? D NI 500 ? 1_555 O  ? P HOH .  ? D HOH 505 ? 1_555 91.7  ? 
106 N7 ? D DG  10 ? D DG  40  ? 1_555 NI ? K NI . ? D NI 400 ? 1_555 O  ? P HOH .  ? D HOH 401 ? 1_555 71.4  ? 
107 N7 ? D DG  10 ? D DG  40  ? 1_555 NI ? K NI . ? D NI 400 ? 1_555 O  ? P HOH .  ? D HOH 402 ? 1_555 116.1 ? 
108 O  ? P HOH .  ? D HOH 401 ? 1_555 NI ? K NI . ? D NI 400 ? 1_555 O  ? P HOH .  ? D HOH 402 ? 1_555 172.4 ? 
109 N7 ? D DG  10 ? D DG  40  ? 1_555 NI ? K NI . ? D NI 400 ? 1_555 O  ? P HOH .  ? D HOH 403 ? 1_555 84.1  ? 
110 O  ? P HOH .  ? D HOH 401 ? 1_555 NI ? K NI . ? D NI 400 ? 1_555 O  ? P HOH .  ? D HOH 403 ? 1_555 93.0  ? 
111 O  ? P HOH .  ? D HOH 402 ? 1_555 NI ? K NI . ? D NI 400 ? 1_555 O  ? P HOH .  ? D HOH 403 ? 1_555 87.1  ? 
112 N7 ? D DG  10 ? D DG  40  ? 1_555 NI ? K NI . ? D NI 400 ? 1_555 O  ? P HOH .  ? D HOH 404 ? 1_555 103.7 ? 
113 O  ? P HOH .  ? D HOH 401 ? 1_555 NI ? K NI . ? D NI 400 ? 1_555 O  ? P HOH .  ? D HOH 404 ? 1_555 92.5  ? 
114 O  ? P HOH .  ? D HOH 402 ? 1_555 NI ? K NI . ? D NI 400 ? 1_555 O  ? P HOH .  ? D HOH 404 ? 1_555 86.6  ? 
115 O  ? P HOH .  ? D HOH 403 ? 1_555 NI ? K NI . ? D NI 400 ? 1_555 O  ? P HOH .  ? D HOH 404 ? 1_555 171.6 ? 
116 N7 ? D DG  10 ? D DG  40  ? 1_555 NI ? K NI . ? D NI 400 ? 1_555 O  ? P HOH .  ? D HOH 405 ? 1_555 156.7 ? 
117 O  ? P HOH .  ? D HOH 401 ? 1_555 NI ? K NI . ? D NI 400 ? 1_555 O  ? P HOH .  ? D HOH 405 ? 1_555 87.3  ? 
118 O  ? P HOH .  ? D HOH 402 ? 1_555 NI ? K NI . ? D NI 400 ? 1_555 O  ? P HOH .  ? D HOH 405 ? 1_555 85.1  ? 
119 O  ? P HOH .  ? D HOH 403 ? 1_555 NI ? K NI . ? D NI 400 ? 1_555 O  ? P HOH .  ? D HOH 405 ? 1_555 87.6  ? 
120 O  ? P HOH .  ? D HOH 404 ? 1_555 NI ? K NI . ? D NI 400 ? 1_555 O  ? P HOH .  ? D HOH 405 ? 1_555 86.3  ? 
# 
loop_
_struct_site.id 
_struct_site.pdbx_evidence_code 
_struct_site.pdbx_auth_asym_id 
_struct_site.pdbx_auth_comp_id 
_struct_site.pdbx_auth_seq_id 
_struct_site.pdbx_auth_ins_code 
_struct_site.pdbx_num_residues 
_struct_site.details 
AC1 Software A NI 100 ? 6 'BINDING SITE FOR RESIDUE NI A 100' 
AC2 Software B NI 200 ? 6 'BINDING SITE FOR RESIDUE NI B 200' 
AC3 Software A NI 300 ? 6 'BINDING SITE FOR RESIDUE NI A 300' 
AC4 Software D NI 400 ? 6 'BINDING SITE FOR RESIDUE NI D 400' 
AC5 Software D NI 500 ? 6 'BINDING SITE FOR RESIDUE NI D 500' 
AC6 Software B NI 600 ? 6 'BINDING SITE FOR RESIDUE NI B 600' 
AC7 Software A NI 700 ? 6 'BINDING SITE FOR RESIDUE NI A 700' 
AC8 Software C NI 800 ? 6 'BINDING SITE FOR RESIDUE NI C 800' 
# 
loop_
_struct_site_gen.id 
_struct_site_gen.site_id 
_struct_site_gen.pdbx_num_res 
_struct_site_gen.label_comp_id 
_struct_site_gen.label_asym_id 
_struct_site_gen.label_seq_id 
_struct_site_gen.pdbx_auth_ins_code 
_struct_site_gen.auth_comp_id 
_struct_site_gen.auth_asym_id 
_struct_site_gen.auth_seq_id 
_struct_site_gen.label_atom_id 
_struct_site_gen.label_alt_id 
_struct_site_gen.symmetry 
_struct_site_gen.details 
1  AC1 6 DG  A 10 ? DG  A 10  . ? 1_555 ? 
2  AC1 6 HOH M .  ? HOH A 101 . ? 1_555 ? 
3  AC1 6 HOH M .  ? HOH A 102 . ? 1_555 ? 
4  AC1 6 HOH M .  ? HOH A 103 . ? 1_555 ? 
5  AC1 6 HOH M .  ? HOH A 104 . ? 1_555 ? 
6  AC1 6 DG  C 10 ? DG  C 30  . ? 3_545 ? 
7  AC2 6 DG  B 10 ? DG  B 20  . ? 1_555 ? 
8  AC2 6 HOH N .  ? HOH B 201 . ? 1_555 ? 
9  AC2 6 HOH N .  ? HOH B 202 . ? 1_555 ? 
10 AC2 6 HOH N .  ? HOH B 203 . ? 1_555 ? 
11 AC2 6 HOH N .  ? HOH B 204 . ? 1_555 ? 
12 AC2 6 HOH N .  ? HOH B 205 . ? 1_555 ? 
13 AC3 6 DG  A 2  ? DG  A 2   . ? 1_555 ? 
14 AC3 6 HOH M .  ? HOH A 301 . ? 1_555 ? 
15 AC3 6 HOH M .  ? HOH A 302 . ? 1_555 ? 
16 AC3 6 HOH M .  ? HOH A 303 . ? 1_555 ? 
17 AC3 6 HOH M .  ? HOH A 304 . ? 1_555 ? 
18 AC3 6 HOH M .  ? HOH A 305 . ? 1_555 ? 
19 AC4 6 DG  D 10 ? DG  D 40  . ? 1_555 ? 
20 AC4 6 HOH P .  ? HOH D 401 . ? 1_555 ? 
21 AC4 6 HOH P .  ? HOH D 402 . ? 1_555 ? 
22 AC4 6 HOH P .  ? HOH D 403 . ? 1_555 ? 
23 AC4 6 HOH P .  ? HOH D 404 . ? 1_555 ? 
24 AC4 6 HOH P .  ? HOH D 405 . ? 1_555 ? 
25 AC5 6 DG  D 2  ? DG  D 32  . ? 1_555 ? 
26 AC5 6 HOH P .  ? HOH D 501 . ? 1_555 ? 
27 AC5 6 HOH P .  ? HOH D 502 . ? 1_555 ? 
28 AC5 6 HOH P .  ? HOH D 503 . ? 1_555 ? 
29 AC5 6 HOH P .  ? HOH D 504 . ? 1_555 ? 
30 AC5 6 HOH P .  ? HOH D 505 . ? 1_555 ? 
31 AC6 6 DG  B 2  ? DG  B 12  . ? 1_555 ? 
32 AC6 6 HOH N .  ? HOH B 601 . ? 1_555 ? 
33 AC6 6 HOH N .  ? HOH B 602 . ? 1_555 ? 
34 AC6 6 HOH N .  ? HOH B 603 . ? 1_555 ? 
35 AC6 6 HOH N .  ? HOH B 604 . ? 1_555 ? 
36 AC6 6 HOH N .  ? HOH B 605 . ? 1_555 ? 
37 AC7 6 HOH M .  ? HOH A 701 . ? 1_555 ? 
38 AC7 6 HOH M .  ? HOH A 702 . ? 1_555 ? 
39 AC7 6 HOH M .  ? HOH A 703 . ? 1_555 ? 
40 AC7 6 HOH M .  ? HOH A 704 . ? 1_555 ? 
41 AC7 6 HOH M .  ? HOH A 705 . ? 1_555 ? 
42 AC7 6 HOH M .  ? HOH A 706 . ? 1_555 ? 
43 AC8 6 DG  C 2  ? DG  C 22  . ? 1_555 ? 
44 AC8 6 HOH O .  ? HOH C 801 . ? 1_555 ? 
45 AC8 6 HOH O .  ? HOH C 802 . ? 1_555 ? 
46 AC8 6 HOH O .  ? HOH C 803 . ? 1_555 ? 
47 AC8 6 HOH O .  ? HOH C 804 . ? 1_555 ? 
48 AC8 6 HOH O .  ? HOH C 805 . ? 1_555 ? 
# 
loop_
_chem_comp_atom.comp_id 
_chem_comp_atom.atom_id 
_chem_comp_atom.type_symbol 
_chem_comp_atom.pdbx_aromatic_flag 
_chem_comp_atom.pdbx_stereo_config 
_chem_comp_atom.pdbx_ordinal 
DA  OP3    O  N N 1   
DA  P      P  N N 2   
DA  OP1    O  N N 3   
DA  OP2    O  N N 4   
DA  "O5'"  O  N N 5   
DA  "C5'"  C  N N 6   
DA  "C4'"  C  N R 7   
DA  "O4'"  O  N N 8   
DA  "C3'"  C  N S 9   
DA  "O3'"  O  N N 10  
DA  "C2'"  C  N N 11  
DA  "C1'"  C  N R 12  
DA  N9     N  Y N 13  
DA  C8     C  Y N 14  
DA  N7     N  Y N 15  
DA  C5     C  Y N 16  
DA  C6     C  Y N 17  
DA  N6     N  N N 18  
DA  N1     N  Y N 19  
DA  C2     C  Y N 20  
DA  N3     N  Y N 21  
DA  C4     C  Y N 22  
DA  HOP3   H  N N 23  
DA  HOP2   H  N N 24  
DA  "H5'"  H  N N 25  
DA  "H5''" H  N N 26  
DA  "H4'"  H  N N 27  
DA  "H3'"  H  N N 28  
DA  "HO3'" H  N N 29  
DA  "H2'"  H  N N 30  
DA  "H2''" H  N N 31  
DA  "H1'"  H  N N 32  
DA  H8     H  N N 33  
DA  H61    H  N N 34  
DA  H62    H  N N 35  
DA  H2     H  N N 36  
DC  OP3    O  N N 37  
DC  P      P  N N 38  
DC  OP1    O  N N 39  
DC  OP2    O  N N 40  
DC  "O5'"  O  N N 41  
DC  "C5'"  C  N N 42  
DC  "C4'"  C  N R 43  
DC  "O4'"  O  N N 44  
DC  "C3'"  C  N S 45  
DC  "O3'"  O  N N 46  
DC  "C2'"  C  N N 47  
DC  "C1'"  C  N R 48  
DC  N1     N  N N 49  
DC  C2     C  N N 50  
DC  O2     O  N N 51  
DC  N3     N  N N 52  
DC  C4     C  N N 53  
DC  N4     N  N N 54  
DC  C5     C  N N 55  
DC  C6     C  N N 56  
DC  HOP3   H  N N 57  
DC  HOP2   H  N N 58  
DC  "H5'"  H  N N 59  
DC  "H5''" H  N N 60  
DC  "H4'"  H  N N 61  
DC  "H3'"  H  N N 62  
DC  "HO3'" H  N N 63  
DC  "H2'"  H  N N 64  
DC  "H2''" H  N N 65  
DC  "H1'"  H  N N 66  
DC  H41    H  N N 67  
DC  H42    H  N N 68  
DC  H5     H  N N 69  
DC  H6     H  N N 70  
DG  OP3    O  N N 71  
DG  P      P  N N 72  
DG  OP1    O  N N 73  
DG  OP2    O  N N 74  
DG  "O5'"  O  N N 75  
DG  "C5'"  C  N N 76  
DG  "C4'"  C  N R 77  
DG  "O4'"  O  N N 78  
DG  "C3'"  C  N S 79  
DG  "O3'"  O  N N 80  
DG  "C2'"  C  N N 81  
DG  "C1'"  C  N R 82  
DG  N9     N  Y N 83  
DG  C8     C  Y N 84  
DG  N7     N  Y N 85  
DG  C5     C  Y N 86  
DG  C6     C  N N 87  
DG  O6     O  N N 88  
DG  N1     N  N N 89  
DG  C2     C  N N 90  
DG  N2     N  N N 91  
DG  N3     N  N N 92  
DG  C4     C  Y N 93  
DG  HOP3   H  N N 94  
DG  HOP2   H  N N 95  
DG  "H5'"  H  N N 96  
DG  "H5''" H  N N 97  
DG  "H4'"  H  N N 98  
DG  "H3'"  H  N N 99  
DG  "HO3'" H  N N 100 
DG  "H2'"  H  N N 101 
DG  "H2''" H  N N 102 
DG  "H1'"  H  N N 103 
DG  H8     H  N N 104 
DG  H1     H  N N 105 
DG  H21    H  N N 106 
DG  H22    H  N N 107 
DT  OP3    O  N N 108 
DT  P      P  N N 109 
DT  OP1    O  N N 110 
DT  OP2    O  N N 111 
DT  "O5'"  O  N N 112 
DT  "C5'"  C  N N 113 
DT  "C4'"  C  N R 114 
DT  "O4'"  O  N N 115 
DT  "C3'"  C  N S 116 
DT  "O3'"  O  N N 117 
DT  "C2'"  C  N N 118 
DT  "C1'"  C  N R 119 
DT  N1     N  N N 120 
DT  C2     C  N N 121 
DT  O2     O  N N 122 
DT  N3     N  N N 123 
DT  C4     C  N N 124 
DT  O4     O  N N 125 
DT  C5     C  N N 126 
DT  C7     C  N N 127 
DT  C6     C  N N 128 
DT  HOP3   H  N N 129 
DT  HOP2   H  N N 130 
DT  "H5'"  H  N N 131 
DT  "H5''" H  N N 132 
DT  "H4'"  H  N N 133 
DT  "H3'"  H  N N 134 
DT  "HO3'" H  N N 135 
DT  "H2'"  H  N N 136 
DT  "H2''" H  N N 137 
DT  "H1'"  H  N N 138 
DT  H3     H  N N 139 
DT  H71    H  N N 140 
DT  H72    H  N N 141 
DT  H73    H  N N 142 
DT  H6     H  N N 143 
HOH O      O  N N 144 
HOH H1     H  N N 145 
HOH H2     H  N N 146 
NI  NI     NI N N 147 
# 
loop_
_chem_comp_bond.comp_id 
_chem_comp_bond.atom_id_1 
_chem_comp_bond.atom_id_2 
_chem_comp_bond.value_order 
_chem_comp_bond.pdbx_aromatic_flag 
_chem_comp_bond.pdbx_stereo_config 
_chem_comp_bond.pdbx_ordinal 
DA  OP3   P      sing N N 1   
DA  OP3   HOP3   sing N N 2   
DA  P     OP1    doub N N 3   
DA  P     OP2    sing N N 4   
DA  P     "O5'"  sing N N 5   
DA  OP2   HOP2   sing N N 6   
DA  "O5'" "C5'"  sing N N 7   
DA  "C5'" "C4'"  sing N N 8   
DA  "C5'" "H5'"  sing N N 9   
DA  "C5'" "H5''" sing N N 10  
DA  "C4'" "O4'"  sing N N 11  
DA  "C4'" "C3'"  sing N N 12  
DA  "C4'" "H4'"  sing N N 13  
DA  "O4'" "C1'"  sing N N 14  
DA  "C3'" "O3'"  sing N N 15  
DA  "C3'" "C2'"  sing N N 16  
DA  "C3'" "H3'"  sing N N 17  
DA  "O3'" "HO3'" sing N N 18  
DA  "C2'" "C1'"  sing N N 19  
DA  "C2'" "H2'"  sing N N 20  
DA  "C2'" "H2''" sing N N 21  
DA  "C1'" N9     sing N N 22  
DA  "C1'" "H1'"  sing N N 23  
DA  N9    C8     sing Y N 24  
DA  N9    C4     sing Y N 25  
DA  C8    N7     doub Y N 26  
DA  C8    H8     sing N N 27  
DA  N7    C5     sing Y N 28  
DA  C5    C6     sing Y N 29  
DA  C5    C4     doub Y N 30  
DA  C6    N6     sing N N 31  
DA  C6    N1     doub Y N 32  
DA  N6    H61    sing N N 33  
DA  N6    H62    sing N N 34  
DA  N1    C2     sing Y N 35  
DA  C2    N3     doub Y N 36  
DA  C2    H2     sing N N 37  
DA  N3    C4     sing Y N 38  
DC  OP3   P      sing N N 39  
DC  OP3   HOP3   sing N N 40  
DC  P     OP1    doub N N 41  
DC  P     OP2    sing N N 42  
DC  P     "O5'"  sing N N 43  
DC  OP2   HOP2   sing N N 44  
DC  "O5'" "C5'"  sing N N 45  
DC  "C5'" "C4'"  sing N N 46  
DC  "C5'" "H5'"  sing N N 47  
DC  "C5'" "H5''" sing N N 48  
DC  "C4'" "O4'"  sing N N 49  
DC  "C4'" "C3'"  sing N N 50  
DC  "C4'" "H4'"  sing N N 51  
DC  "O4'" "C1'"  sing N N 52  
DC  "C3'" "O3'"  sing N N 53  
DC  "C3'" "C2'"  sing N N 54  
DC  "C3'" "H3'"  sing N N 55  
DC  "O3'" "HO3'" sing N N 56  
DC  "C2'" "C1'"  sing N N 57  
DC  "C2'" "H2'"  sing N N 58  
DC  "C2'" "H2''" sing N N 59  
DC  "C1'" N1     sing N N 60  
DC  "C1'" "H1'"  sing N N 61  
DC  N1    C2     sing N N 62  
DC  N1    C6     sing N N 63  
DC  C2    O2     doub N N 64  
DC  C2    N3     sing N N 65  
DC  N3    C4     doub N N 66  
DC  C4    N4     sing N N 67  
DC  C4    C5     sing N N 68  
DC  N4    H41    sing N N 69  
DC  N4    H42    sing N N 70  
DC  C5    C6     doub N N 71  
DC  C5    H5     sing N N 72  
DC  C6    H6     sing N N 73  
DG  OP3   P      sing N N 74  
DG  OP3   HOP3   sing N N 75  
DG  P     OP1    doub N N 76  
DG  P     OP2    sing N N 77  
DG  P     "O5'"  sing N N 78  
DG  OP2   HOP2   sing N N 79  
DG  "O5'" "C5'"  sing N N 80  
DG  "C5'" "C4'"  sing N N 81  
DG  "C5'" "H5'"  sing N N 82  
DG  "C5'" "H5''" sing N N 83  
DG  "C4'" "O4'"  sing N N 84  
DG  "C4'" "C3'"  sing N N 85  
DG  "C4'" "H4'"  sing N N 86  
DG  "O4'" "C1'"  sing N N 87  
DG  "C3'" "O3'"  sing N N 88  
DG  "C3'" "C2'"  sing N N 89  
DG  "C3'" "H3'"  sing N N 90  
DG  "O3'" "HO3'" sing N N 91  
DG  "C2'" "C1'"  sing N N 92  
DG  "C2'" "H2'"  sing N N 93  
DG  "C2'" "H2''" sing N N 94  
DG  "C1'" N9     sing N N 95  
DG  "C1'" "H1'"  sing N N 96  
DG  N9    C8     sing Y N 97  
DG  N9    C4     sing Y N 98  
DG  C8    N7     doub Y N 99  
DG  C8    H8     sing N N 100 
DG  N7    C5     sing Y N 101 
DG  C5    C6     sing N N 102 
DG  C5    C4     doub Y N 103 
DG  C6    O6     doub N N 104 
DG  C6    N1     sing N N 105 
DG  N1    C2     sing N N 106 
DG  N1    H1     sing N N 107 
DG  C2    N2     sing N N 108 
DG  C2    N3     doub N N 109 
DG  N2    H21    sing N N 110 
DG  N2    H22    sing N N 111 
DG  N3    C4     sing N N 112 
DT  OP3   P      sing N N 113 
DT  OP3   HOP3   sing N N 114 
DT  P     OP1    doub N N 115 
DT  P     OP2    sing N N 116 
DT  P     "O5'"  sing N N 117 
DT  OP2   HOP2   sing N N 118 
DT  "O5'" "C5'"  sing N N 119 
DT  "C5'" "C4'"  sing N N 120 
DT  "C5'" "H5'"  sing N N 121 
DT  "C5'" "H5''" sing N N 122 
DT  "C4'" "O4'"  sing N N 123 
DT  "C4'" "C3'"  sing N N 124 
DT  "C4'" "H4'"  sing N N 125 
DT  "O4'" "C1'"  sing N N 126 
DT  "C3'" "O3'"  sing N N 127 
DT  "C3'" "C2'"  sing N N 128 
DT  "C3'" "H3'"  sing N N 129 
DT  "O3'" "HO3'" sing N N 130 
DT  "C2'" "C1'"  sing N N 131 
DT  "C2'" "H2'"  sing N N 132 
DT  "C2'" "H2''" sing N N 133 
DT  "C1'" N1     sing N N 134 
DT  "C1'" "H1'"  sing N N 135 
DT  N1    C2     sing N N 136 
DT  N1    C6     sing N N 137 
DT  C2    O2     doub N N 138 
DT  C2    N3     sing N N 139 
DT  N3    C4     sing N N 140 
DT  N3    H3     sing N N 141 
DT  C4    O4     doub N N 142 
DT  C4    C5     sing N N 143 
DT  C5    C7     sing N N 144 
DT  C5    C6     doub N N 145 
DT  C7    H71    sing N N 146 
DT  C7    H72    sing N N 147 
DT  C7    H73    sing N N 148 
DT  C6    H6     sing N N 149 
HOH O     H1     sing N N 150 
HOH O     H2     sing N N 151 
# 
loop_
_ndb_struct_conf_na.entry_id 
_ndb_struct_conf_na.feature 
1G3V 'double helix'        
1G3V 'b-form double helix' 
# 
loop_
_ndb_struct_na_base_pair.model_number 
_ndb_struct_na_base_pair.i_label_asym_id 
_ndb_struct_na_base_pair.i_label_comp_id 
_ndb_struct_na_base_pair.i_label_seq_id 
_ndb_struct_na_base_pair.i_symmetry 
_ndb_struct_na_base_pair.j_label_asym_id 
_ndb_struct_na_base_pair.j_label_comp_id 
_ndb_struct_na_base_pair.j_label_seq_id 
_ndb_struct_na_base_pair.j_symmetry 
_ndb_struct_na_base_pair.shear 
_ndb_struct_na_base_pair.stretch 
_ndb_struct_na_base_pair.stagger 
_ndb_struct_na_base_pair.buckle 
_ndb_struct_na_base_pair.propeller 
_ndb_struct_na_base_pair.opening 
_ndb_struct_na_base_pair.pair_number 
_ndb_struct_na_base_pair.pair_name 
_ndb_struct_na_base_pair.i_auth_asym_id 
_ndb_struct_na_base_pair.i_auth_seq_id 
_ndb_struct_na_base_pair.i_PDB_ins_code 
_ndb_struct_na_base_pair.j_auth_asym_id 
_ndb_struct_na_base_pair.j_auth_seq_id 
_ndb_struct_na_base_pair.j_PDB_ins_code 
_ndb_struct_na_base_pair.hbond_type_28 
_ndb_struct_na_base_pair.hbond_type_12 
1 B DG 2 1_555 A DC 9 1_555 -0.390 -0.210 0.036  -5.786 6.016  2.623  1  B_DG12:DC9_A  B 12 ? A 9  ? 19 1 
1 B DT 3 1_555 A DA 8 1_555 -0.195 -0.155 -0.113 4.390  6.055  -5.902 2  B_DT13:DA8_A  B 13 ? A 8  ? 20 1 
1 B DG 4 1_555 A DC 7 1_555 -0.049 -0.200 0.020  2.509  -4.978 -2.049 3  B_DG14:DC7_A  B 14 ? A 7  ? 19 1 
1 B DT 5 1_555 A DA 6 1_555 -0.011 -0.217 0.059  -3.122 -7.474 3.489  4  B_DT15:DA6_A  B 15 ? A 6  ? 20 1 
1 B DA 6 1_555 A DT 5 1_555 0.160  -0.134 -0.162 -8.570 1.803  -4.394 5  B_DA16:DT5_A  B 16 ? A 5  ? 20 1 
1 B DC 7 1_555 A DG 4 1_555 0.571  -0.056 -0.026 1.576  4.498  2.832  6  B_DC17:DG4_A  B 17 ? A 4  ? 19 1 
1 B DA 8 1_555 A DT 3 1_555 -0.332 -0.304 0.013  0.968  -0.898 0.561  7  B_DA18:DT3_A  B 18 ? A 3  ? 20 1 
1 B DC 9 1_555 A DG 2 1_555 0.242  -0.148 -0.190 10.313 1.991  1.074  8  B_DC19:DG2_A  B 19 ? A 2  ? 19 1 
1 D DG 2 1_555 C DC 9 1_555 -0.251 -0.273 -0.373 -7.266 7.842  1.882  9  D_DG32:DC29_C D 32 ? C 29 ? 19 1 
1 D DT 3 1_555 C DA 8 1_555 -0.133 -0.120 -0.323 9.765  2.630  -1.611 10 D_DT33:DA28_C D 33 ? C 28 ? 20 1 
1 D DG 4 1_555 C DC 7 1_555 -0.036 -0.114 0.027  -3.997 -7.894 -1.600 11 D_DG34:DC27_C D 34 ? C 27 ? 19 1 
1 D DT 5 1_555 C DA 6 1_555 0.021  -0.084 0.065  2.870  1.177  -2.228 12 D_DT35:DA26_C D 35 ? C 26 ? 20 1 
1 D DA 6 1_555 C DT 5 1_555 0.108  -0.159 -0.175 -5.261 -1.485 -1.138 13 D_DA36:DT25_C D 36 ? C 25 ? 20 1 
1 D DC 7 1_555 C DG 4 1_555 0.325  -0.032 0.027  6.847  -4.381 2.796  14 D_DC37:DG24_C D 37 ? C 24 ? 19 1 
1 D DA 8 1_555 C DT 3 1_555 -0.071 -0.242 0.386  -0.082 3.635  -1.462 15 D_DA38:DT23_C D 38 ? C 23 ? 20 1 
1 D DC 9 1_555 C DG 2 1_555 0.409  -0.186 -0.207 8.952  1.511  -2.230 16 D_DC39:DG22_C D 39 ? C 22 ? 19 1 
# 
loop_
_ndb_struct_na_base_pair_step.model_number 
_ndb_struct_na_base_pair_step.i_label_asym_id_1 
_ndb_struct_na_base_pair_step.i_label_comp_id_1 
_ndb_struct_na_base_pair_step.i_label_seq_id_1 
_ndb_struct_na_base_pair_step.i_symmetry_1 
_ndb_struct_na_base_pair_step.j_label_asym_id_1 
_ndb_struct_na_base_pair_step.j_label_comp_id_1 
_ndb_struct_na_base_pair_step.j_label_seq_id_1 
_ndb_struct_na_base_pair_step.j_symmetry_1 
_ndb_struct_na_base_pair_step.i_label_asym_id_2 
_ndb_struct_na_base_pair_step.i_label_comp_id_2 
_ndb_struct_na_base_pair_step.i_label_seq_id_2 
_ndb_struct_na_base_pair_step.i_symmetry_2 
_ndb_struct_na_base_pair_step.j_label_asym_id_2 
_ndb_struct_na_base_pair_step.j_label_comp_id_2 
_ndb_struct_na_base_pair_step.j_label_seq_id_2 
_ndb_struct_na_base_pair_step.j_symmetry_2 
_ndb_struct_na_base_pair_step.shift 
_ndb_struct_na_base_pair_step.slide 
_ndb_struct_na_base_pair_step.rise 
_ndb_struct_na_base_pair_step.tilt 
_ndb_struct_na_base_pair_step.roll 
_ndb_struct_na_base_pair_step.twist 
_ndb_struct_na_base_pair_step.x_displacement 
_ndb_struct_na_base_pair_step.y_displacement 
_ndb_struct_na_base_pair_step.helical_rise 
_ndb_struct_na_base_pair_step.inclination 
_ndb_struct_na_base_pair_step.tip 
_ndb_struct_na_base_pair_step.helical_twist 
_ndb_struct_na_base_pair_step.step_number 
_ndb_struct_na_base_pair_step.step_name 
_ndb_struct_na_base_pair_step.i_auth_asym_id_1 
_ndb_struct_na_base_pair_step.i_auth_seq_id_1 
_ndb_struct_na_base_pair_step.i_PDB_ins_code_1 
_ndb_struct_na_base_pair_step.j_auth_asym_id_1 
_ndb_struct_na_base_pair_step.j_auth_seq_id_1 
_ndb_struct_na_base_pair_step.j_PDB_ins_code_1 
_ndb_struct_na_base_pair_step.i_auth_asym_id_2 
_ndb_struct_na_base_pair_step.i_auth_seq_id_2 
_ndb_struct_na_base_pair_step.i_PDB_ins_code_2 
_ndb_struct_na_base_pair_step.j_auth_asym_id_2 
_ndb_struct_na_base_pair_step.j_auth_seq_id_2 
_ndb_struct_na_base_pair_step.j_PDB_ins_code_2 
1 B DG 2 1_555 A DC 9 1_555 B DT 3 1_555 A DA 8 1_555 -0.599 -0.438 3.071 -1.595 3.898  25.366  -2.010 0.927  3.002 8.800  3.601   
25.708  1  BB_DG12DT13:DA8DC9_AA   B 12 ? A 9  ? B 13 ? A 8  ? 
1 B DT 3 1_555 A DA 8 1_555 B DG 4 1_555 A DC 7 1_555 0.100  0.047  3.387 -1.990 1.615  41.126  -0.114 -0.365 3.378 2.297  2.830   
41.202  2  BB_DT13DG14:DC7DA8_AA   B 13 ? A 8  ? B 14 ? A 7  ? 
1 B DG 4 1_555 A DC 7 1_555 B DT 5 1_555 A DA 6 1_555 -0.145 -0.489 3.470 0.902  0.917  28.760  -1.201 0.506  3.447 1.844  -1.815  
28.788  3  BB_DG14DT15:DA6DC7_AA   B 14 ? A 7  ? B 15 ? A 6  ? 
1 B DT 5 1_555 A DA 6 1_555 B DA 6 1_555 A DT 5 1_555 -0.264 0.983  3.524 -1.049 -3.780 45.744  1.609  0.242  3.442 -4.852 1.346   
45.903  4  BB_DT15DA16:DT5DA6_AA   B 15 ? A 6  ? B 16 ? A 5  ? 
1 B DA 6 1_555 A DT 5 1_555 B DC 7 1_555 A DG 4 1_555 0.248  -0.208 3.095 -0.683 3.126  29.723  -1.015 -0.614 3.052 6.071  1.326   
29.891  5  BB_DA16DC17:DG4DT5_AA   B 16 ? A 5  ? B 17 ? A 4  ? 
1 B DC 7 1_555 A DG 4 1_555 B DA 8 1_555 A DT 3 1_555 0.127  1.618  3.382 1.783  -4.699 41.943  2.731  0.008  3.193 -6.536 -2.481  
42.230  6  BB_DC17DA18:DT3DG4_AA   B 17 ? A 4  ? B 18 ? A 3  ? 
1 B DA 8 1_555 A DT 3 1_555 B DC 9 1_555 A DG 2 1_555 0.124  0.017  3.014 1.907  8.872  27.060  -1.839 0.152  2.876 18.317 -3.937  
28.514  7  BB_DA18DC19:DG2DT3_AA   B 18 ? A 3  ? B 19 ? A 2  ? 
1 B DC 9 1_555 A DG 2 1_555 D DG 2 1_555 C DC 9 1_555 -0.075 2.636  3.718 3.463  2.176  -57.499 -2.866 0.132  3.623 -2.259 3.594   
-57.632 8  BD_DC19DG32:DC29DG2_CA  B 19 ? A 2  ? D 32 ? C 29 ? 
1 D DG 2 1_555 C DC 9 1_555 D DT 3 1_555 C DA 8 1_555 -0.424 -0.042 2.898 -0.602 1.246  26.550  -0.383 0.781  2.902 2.710  1.309   
26.586  9  DD_DG32DT33:DA28DC29_CC D 32 ? C 29 ? D 33 ? C 28 ? 
1 D DT 3 1_555 C DA 8 1_555 D DG 4 1_555 C DC 7 1_555 -0.039 -0.159 3.667 -1.471 6.804  40.536  -1.052 -0.123 3.594 9.734  2.105   
41.105  10 DD_DT33DG34:DC27DA28_CC D 33 ? C 28 ? D 34 ? C 27 ? 
1 D DG 4 1_555 C DC 7 1_555 D DT 5 1_555 C DA 6 1_555 0.309  -0.605 3.125 -0.729 -0.018 27.951  -1.249 -0.804 3.117 -0.038 1.510   
27.961  11 DD_DG34DT35:DA26DC27_CC D 34 ? C 27 ? D 35 ? C 26 ? 
1 D DT 5 1_555 C DA 6 1_555 D DA 6 1_555 C DT 5 1_555 0.062  0.230  3.559 2.622  2.375  43.791  0.062  0.188  3.564 3.179  -3.509  
43.927  12 DD_DT35DA36:DT25DA26_CC D 35 ? C 26 ? D 36 ? C 25 ? 
1 D DA 6 1_555 C DT 5 1_555 D DC 7 1_555 C DG 4 1_555 0.062  -0.355 3.006 -3.199 -1.636 31.860  -0.371 -0.643 3.000 -2.968 5.804   
32.057  13 DD_DA36DC37:DG24DT25_CC D 36 ? C 25 ? D 37 ? C 24 ? 
1 D DC 7 1_555 C DG 4 1_555 D DA 8 1_555 C DT 3 1_555 -0.494 -0.301 3.339 -3.544 1.847  37.173  -0.719 0.291  3.352 2.888  5.540   
37.380  14 DD_DC37DA38:DT23DG24_CC D 37 ? C 24 ? D 38 ? C 23 ? 
1 D DA 8 1_555 C DT 3 1_555 D DC 9 1_555 C DG 2 1_555 0.169  -0.173 3.194 6.244  2.759  28.092  -0.947 1.022  3.127 5.581  -12.629 
28.894  15 DD_DA38DC39:DG22DT23_CC D 38 ? C 23 ? D 39 ? C 22 ? 
# 
_atom_sites.entry_id                    1G3V 
_atom_sites.fract_transf_matrix[1][1]   0.00797306 
_atom_sites.fract_transf_matrix[1][2]   -0.01672388 
_atom_sites.fract_transf_matrix[1][3]   -0.00351121 
_atom_sites.fract_transf_matrix[2][1]   -0.00804679 
_atom_sites.fract_transf_matrix[2][2]   -0.00025619 
_atom_sites.fract_transf_matrix[2][3]   -0.01705198 
_atom_sites.fract_transf_matrix[3][1]   0.00817524 
_atom_sites.fract_transf_matrix[3][2]   0.00472239 
_atom_sites.fract_transf_matrix[3][3]   -0.00392883 
_atom_sites.fract_transf_vector[1]      0.788970 
_atom_sites.fract_transf_vector[2]      0.241538 
_atom_sites.fract_transf_vector[3]      0.173550 
# 
loop_
_atom_type.symbol 
C  
N  
NI 
O  
P  
# 
loop_
_atom_site.group_PDB 
_atom_site.id 
_atom_site.type_symbol 
_atom_site.label_atom_id 
_atom_site.label_alt_id 
_atom_site.label_comp_id 
_atom_site.label_asym_id 
_atom_site.label_entity_id 
_atom_site.label_seq_id 
_atom_site.pdbx_PDB_ins_code 
_atom_site.Cartn_x 
_atom_site.Cartn_y 
_atom_site.Cartn_z 
_atom_site.occupancy 
_atom_site.B_iso_or_equiv 
_atom_site.pdbx_formal_charge 
_atom_site.auth_seq_id 
_atom_site.auth_comp_id 
_atom_site.auth_asym_id 
_atom_site.auth_atom_id 
_atom_site.pdbx_PDB_model_num 
ATOM   1   C  "C4'" . DC  A 1 1  ? -4.777  -0.739  -11.482 0.44 28.64 ? 1   DC  A "C4'" 1 
ATOM   2   O  "O4'" . DC  A 1 1  ? -5.263  0.390   -12.247 0.44 28.64 ? 1   DC  A "O4'" 1 
ATOM   3   C  "C3'" . DC  A 1 1  ? -4.958  -0.359  -10.012 0.44 28.64 ? 1   DC  A "C3'" 1 
ATOM   4   O  "O3'" . DC  A 1 1  ? -3.767  0.266   -9.525  1.00 28.64 ? 1   DC  A "O3'" 1 
ATOM   5   C  "C2'" . DC  A 1 1  ? -6.091  0.650   -10.059 0.44 28.64 ? 1   DC  A "C2'" 1 
ATOM   6   C  "C1'" . DC  A 1 1  ? -5.847  1.357   -11.383 0.44 28.64 ? 1   DC  A "C1'" 1 
ATOM   7   P  P     . DG  A 1 2  ? -2.973  -0.371  -8.279  1.00 55.78 ? 2   DG  A P     1 
ATOM   8   O  OP1   . DG  A 1 2  ? -2.072  0.714   -7.824  1.00 55.78 ? 2   DG  A OP1   1 
ATOM   9   O  OP2   . DG  A 1 2  ? -2.417  -1.712  -8.606  1.00 55.78 ? 2   DG  A OP2   1 
ATOM   10  O  "O5'" . DG  A 1 2  ? -4.095  -0.576  -7.174  1.00 55.78 ? 2   DG  A "O5'" 1 
ATOM   11  C  "C5'" . DG  A 1 2  ? -4.782  -1.816  -7.078  1.00 14.62 ? 2   DG  A "C5'" 1 
ATOM   12  C  "C4'" . DG  A 1 2  ? -5.841  -1.748  -6.005  1.00 14.62 ? 2   DG  A "C4'" 1 
ATOM   13  O  "O4'" . DG  A 1 2  ? -5.233  -1.634  -4.697  1.00 14.62 ? 2   DG  A "O4'" 1 
ATOM   14  C  "C3'" . DG  A 1 2  ? -6.819  -0.592  -6.119  1.00 14.62 ? 2   DG  A "C3'" 1 
ATOM   15  O  "O3'" . DG  A 1 2  ? -8.105  -1.097  -5.778  1.00 14.62 ? 2   DG  A "O3'" 1 
ATOM   16  C  "C2'" . DG  A 1 2  ? -6.301  0.415   -5.102  1.00 14.62 ? 2   DG  A "C2'" 1 
ATOM   17  C  "C1'" . DG  A 1 2  ? -5.616  -0.438  -4.041  1.00 14.62 ? 2   DG  A "C1'" 1 
ATOM   18  N  N9    . DG  A 1 2  ? -4.387  0.132   -3.497  1.00 13.64 ? 2   DG  A N9    1 
ATOM   19  C  C8    . DG  A 1 2  ? -3.356  0.645   -4.235  1.00 13.64 ? 2   DG  A C8    1 
ATOM   20  N  N7    . DG  A 1 2  ? -2.329  0.998   -3.509  1.00 13.64 ? 2   DG  A N7    1 
ATOM   21  C  C5    . DG  A 1 2  ? -2.706  0.711   -2.208  1.00 13.64 ? 2   DG  A C5    1 
ATOM   22  C  C6    . DG  A 1 2  ? -1.988  0.853   -1.000  1.00 13.64 ? 2   DG  A C6    1 
ATOM   23  O  O6    . DG  A 1 2  ? -0.829  1.239   -0.836  1.00 13.64 ? 2   DG  A O6    1 
ATOM   24  N  N1    . DG  A 1 2  ? -2.747  0.470   0.088   1.00 13.64 ? 2   DG  A N1    1 
ATOM   25  C  C2    . DG  A 1 2  ? -4.025  -0.008  0.020   1.00 13.64 ? 2   DG  A C2    1 
ATOM   26  N  N2    . DG  A 1 2  ? -4.601  -0.326  1.184   1.00 13.64 ? 2   DG  A N2    1 
ATOM   27  N  N3    . DG  A 1 2  ? -4.698  -0.166  -1.104  1.00 13.64 ? 2   DG  A N3    1 
ATOM   28  C  C4    . DG  A 1 2  ? -3.986  0.209   -2.172  1.00 13.64 ? 2   DG  A C4    1 
ATOM   29  P  P     . DT  A 1 3  ? -9.319  -0.085  -5.565  1.00 22.52 ? 3   DT  A P     1 
ATOM   30  O  OP1   . DT  A 1 3  ? -10.567 -0.887  -5.445  1.00 22.52 ? 3   DT  A OP1   1 
ATOM   31  O  OP2   . DT  A 1 3  ? -9.195  0.962   -6.620  1.00 22.52 ? 3   DT  A OP2   1 
ATOM   32  O  "O5'" . DT  A 1 3  ? -9.010  0.540   -4.132  1.00 22.52 ? 3   DT  A "O5'" 1 
ATOM   33  C  "C5'" . DT  A 1 3  ? -9.366  -0.176  -2.945  1.00 13.90 ? 3   DT  A "C5'" 1 
ATOM   34  C  "C4'" . DT  A 1 3  ? -9.424  0.756   -1.756  1.00 13.90 ? 3   DT  A "C4'" 1 
ATOM   35  O  "O4'" . DT  A 1 3  ? -8.092  1.119   -1.343  1.00 13.90 ? 3   DT  A "O4'" 1 
ATOM   36  C  "C3'" . DT  A 1 3  ? -10.146 2.078   -2.013  1.00 13.90 ? 3   DT  A "C3'" 1 
ATOM   37  O  "O3'" . DT  A 1 3  ? -10.810 2.497   -0.829  1.00 13.90 ? 3   DT  A "O3'" 1 
ATOM   38  C  "C2'" . DT  A 1 3  ? -8.997  3.029   -2.269  1.00 13.90 ? 3   DT  A "C2'" 1 
ATOM   39  C  "C1'" . DT  A 1 3  ? -8.006  2.519   -1.264  1.00 13.90 ? 3   DT  A "C1'" 1 
ATOM   40  N  N1    . DT  A 1 3  ? -6.625  2.896   -1.507  1.00 13.64 ? 3   DT  A N1    1 
ATOM   41  C  C2    . DT  A 1 3  ? -5.827  3.025   -0.413  1.00 13.64 ? 3   DT  A C2    1 
ATOM   42  O  O2    . DT  A 1 3  ? -6.239  2.836   0.713   1.00 13.64 ? 3   DT  A O2    1 
ATOM   43  N  N3    . DT  A 1 3  ? -4.538  3.385   -0.681  1.00 13.64 ? 3   DT  A N3    1 
ATOM   44  C  C4    . DT  A 1 3  ? -3.993  3.623   -1.922  1.00 13.64 ? 3   DT  A C4    1 
ATOM   45  O  O4    . DT  A 1 3  ? -2.822  3.937   -2.027  1.00 13.64 ? 3   DT  A O4    1 
ATOM   46  C  C5    . DT  A 1 3  ? -4.890  3.468   -3.028  1.00 13.64 ? 3   DT  A C5    1 
ATOM   47  C  C7    . DT  A 1 3  ? -4.376  3.708   -4.408  1.00 13.64 ? 3   DT  A C7    1 
ATOM   48  C  C6    . DT  A 1 3  ? -6.152  3.113   -2.773  1.00 13.64 ? 3   DT  A C6    1 
ATOM   49  P  P     . DG  A 1 4  ? -12.389 2.291   -0.688  1.00 27.20 ? 4   DG  A P     1 
ATOM   50  O  OP1   . DG  A 1 4  ? -12.673 0.827   -0.784  1.00 27.20 ? 4   DG  A OP1   1 
ATOM   51  O  OP2   . DG  A 1 4  ? -13.036 3.221   -1.631  1.00 27.20 ? 4   DG  A OP2   1 
ATOM   52  O  "O5'" . DG  A 1 4  ? -12.683 2.781   0.798   1.00 27.20 ? 4   DG  A "O5'" 1 
ATOM   53  C  "C5'" . DG  A 1 4  ? -12.550 1.877   1.894   1.00 13.75 ? 4   DG  A "C5'" 1 
ATOM   54  C  "C4'" . DG  A 1 4  ? -11.916 2.563   3.079   1.00 13.75 ? 4   DG  A "C4'" 1 
ATOM   55  O  "O4'" . DG  A 1 4  ? -10.587 3.019   2.752   1.00 13.75 ? 4   DG  A "O4'" 1 
ATOM   56  C  "C3'" . DG  A 1 4  ? -12.658 3.794   3.566   1.00 13.75 ? 4   DG  A "C3'" 1 
ATOM   57  O  "O3'" . DG  A 1 4  ? -12.581 3.823   4.978   1.00 13.75 ? 4   DG  A "O3'" 1 
ATOM   58  C  "C2'" . DG  A 1 4  ? -11.874 4.949   2.973   1.00 13.75 ? 4   DG  A "C2'" 1 
ATOM   59  C  "C1'" . DG  A 1 4  ? -10.462 4.418   2.971   1.00 13.75 ? 4   DG  A "C1'" 1 
ATOM   60  N  N9    . DG  A 1 4  ? -9.640  4.940   1.889   1.00 14.76 ? 4   DG  A N9    1 
ATOM   61  C  C8    . DG  A 1 4  ? -9.993  4.995   0.567   1.00 14.76 ? 4   DG  A C8    1 
ATOM   62  N  N7    . DG  A 1 4  ? -9.025  5.410   -0.206  1.00 14.76 ? 4   DG  A N7    1 
ATOM   63  C  C5    . DG  A 1 4  ? -7.973  5.665   0.659   1.00 14.76 ? 4   DG  A C5    1 
ATOM   64  C  C6    . DG  A 1 4  ? -6.655  6.102   0.385   1.00 14.76 ? 4   DG  A C6    1 
ATOM   65  O  O6    . DG  A 1 4  ? -6.133  6.337   -0.719  1.00 14.76 ? 4   DG  A O6    1 
ATOM   66  N  N1    . DG  A 1 4  ? -5.912  6.244   1.549   1.00 14.76 ? 4   DG  A N1    1 
ATOM   67  C  C2    . DG  A 1 4  ? -6.377  5.983   2.816   1.00 14.76 ? 4   DG  A C2    1 
ATOM   68  N  N2    . DG  A 1 4  ? -5.505  6.177   3.807   1.00 14.76 ? 4   DG  A N2    1 
ATOM   69  N  N3    . DG  A 1 4  ? -7.606  5.559   3.087   1.00 14.76 ? 4   DG  A N3    1 
ATOM   70  C  C4    . DG  A 1 4  ? -8.343  5.417   1.965   1.00 14.76 ? 4   DG  A C4    1 
ATOM   71  P  P     . DT  A 1 5  ? -13.380 4.943   5.777   1.00 24.18 ? 5   DT  A P     1 
ATOM   72  O  OP1   . DT  A 1 5  ? -13.859 4.334   7.041   1.00 24.18 ? 5   DT  A OP1   1 
ATOM   73  O  OP2   . DT  A 1 5  ? -14.349 5.565   4.839   1.00 24.18 ? 5   DT  A OP2   1 
ATOM   74  O  "O5'" . DT  A 1 5  ? -12.243 5.993   6.122   1.00 24.18 ? 5   DT  A "O5'" 1 
ATOM   75  C  "C5'" . DT  A 1 5  ? -11.184 5.653   7.003   1.00 24.73 ? 5   DT  A "C5'" 1 
ATOM   76  C  "C4'" . DT  A 1 5  ? -10.253 6.833   7.145   1.00 24.73 ? 5   DT  A "C4'" 1 
ATOM   77  O  "O4'" . DT  A 1 5  ? -9.504  7.051   5.920   1.00 24.73 ? 5   DT  A "O4'" 1 
ATOM   78  C  "C3'" . DT  A 1 5  ? -10.968 8.155   7.416   1.00 24.73 ? 5   DT  A "C3'" 1 
ATOM   79  O  "O3'" . DT  A 1 5  ? -10.074 8.977   8.150   1.00 24.73 ? 5   DT  A "O3'" 1 
ATOM   80  C  "C2'" . DT  A 1 5  ? -11.058 8.756   6.028   1.00 24.73 ? 5   DT  A "C2'" 1 
ATOM   81  C  "C1'" . DT  A 1 5  ? -9.674  8.401   5.541   1.00 24.73 ? 5   DT  A "C1'" 1 
ATOM   82  N  N1    . DT  A 1 5  ? -9.407  8.520   4.106   1.00 14.78 ? 5   DT  A N1    1 
ATOM   83  C  C2    . DT  A 1 5  ? -8.125  8.867   3.737   1.00 14.78 ? 5   DT  A C2    1 
ATOM   84  O  O2    . DT  A 1 5  ? -7.237  9.082   4.546   1.00 14.78 ? 5   DT  A O2    1 
ATOM   85  N  N3    . DT  A 1 5  ? -7.919  8.958   2.389   1.00 14.78 ? 5   DT  A N3    1 
ATOM   86  C  C4    . DT  A 1 5  ? -8.845  8.746   1.406   1.00 14.78 ? 5   DT  A C4    1 
ATOM   87  O  O4    . DT  A 1 5  ? -8.523  8.835   0.241   1.00 14.78 ? 5   DT  A O4    1 
ATOM   88  C  C5    . DT  A 1 5  ? -10.165 8.415   1.856   1.00 14.78 ? 5   DT  A C5    1 
ATOM   89  C  C7    . DT  A 1 5  ? -11.232 8.219   0.832   1.00 14.78 ? 5   DT  A C7    1 
ATOM   90  C  C6    . DT  A 1 5  ? -10.383 8.305   3.168   1.00 14.78 ? 5   DT  A C6    1 
ATOM   91  P  P     . DA  A 1 6  ? -10.308 9.230   9.705   1.00 41.25 ? 6   DA  A P     1 
ATOM   92  O  OP1   . DA  A 1 6  ? -10.349 7.889   10.333  1.00 41.25 ? 6   DA  A OP1   1 
ATOM   93  O  OP2   . DA  A 1 6  ? -11.443 10.173  9.877   1.00 41.25 ? 6   DA  A OP2   1 
ATOM   94  O  "O5'" . DA  A 1 6  ? -8.977  9.979   10.143  1.00 41.25 ? 6   DA  A "O5'" 1 
ATOM   95  C  "C5'" . DA  A 1 6  ? -7.697  9.416   9.857   1.00 17.09 ? 6   DA  A "C5'" 1 
ATOM   96  C  "C4'" . DA  A 1 6  ? -6.713  10.500  9.468   1.00 17.09 ? 6   DA  A "C4'" 1 
ATOM   97  O  "O4'" . DA  A 1 6  ? -6.663  10.751  8.038   1.00 17.09 ? 6   DA  A "O4'" 1 
ATOM   98  C  "C3'" . DA  A 1 6  ? -6.959  11.848  10.130  1.00 17.09 ? 6   DA  A "C3'" 1 
ATOM   99  O  "O3'" . DA  A 1 6  ? -5.727  12.360  10.619  1.00 17.09 ? 6   DA  A "O3'" 1 
ATOM   100 C  "C2'" . DA  A 1 6  ? -7.526  12.702  9.007   1.00 17.09 ? 6   DA  A "C2'" 1 
ATOM   101 C  "C1'" . DA  A 1 6  ? -6.881  12.124  7.753   1.00 17.09 ? 6   DA  A "C1'" 1 
ATOM   102 N  N9    . DA  A 1 6  ? -7.746  12.182  6.576   1.00 13.72 ? 6   DA  A N9    1 
ATOM   103 C  C8    . DA  A 1 6  ? -9.097  11.970  6.568   1.00 13.72 ? 6   DA  A C8    1 
ATOM   104 N  N7    . DA  A 1 6  ? -9.635  12.019  5.375   1.00 13.72 ? 6   DA  A N7    1 
ATOM   105 C  C5    . DA  A 1 6  ? -8.566  12.286  4.541   1.00 13.72 ? 6   DA  A C5    1 
ATOM   106 C  C6    . DA  A 1 6  ? -8.478  12.421  3.152   1.00 13.72 ? 6   DA  A C6    1 
ATOM   107 N  N6    . DA  A 1 6  ? -9.520  12.268  2.336   1.00 13.72 ? 6   DA  A N6    1 
ATOM   108 N  N1    . DA  A 1 6  ? -7.271  12.703  2.620   1.00 13.72 ? 6   DA  A N1    1 
ATOM   109 C  C2    . DA  A 1 6  ? -6.228  12.819  3.447   1.00 13.72 ? 6   DA  A C2    1 
ATOM   110 N  N3    . DA  A 1 6  ? -6.183  12.691  4.781   1.00 13.72 ? 6   DA  A N3    1 
ATOM   111 C  C4    . DA  A 1 6  ? -7.399  12.418  5.269   1.00 13.72 ? 6   DA  A C4    1 
ATOM   112 P  P     . DC  A 1 7  ? -5.701  13.777  11.352  1.00 41.12 ? 7   DC  A P     1 
ATOM   113 O  OP1   . DC  A 1 7  ? -4.628  13.751  12.378  1.00 41.12 ? 7   DC  A OP1   1 
ATOM   114 O  OP2   . DC  A 1 7  ? -7.097  14.117  11.734  1.00 41.12 ? 7   DC  A OP2   1 
ATOM   115 O  "O5'" . DC  A 1 7  ? -5.224  14.741  10.196  1.00 41.12 ? 7   DC  A "O5'" 1 
ATOM   116 C  "C5'" . DC  A 1 7  ? -4.129  14.367  9.383   1.00 31.17 ? 7   DC  A "C5'" 1 
ATOM   117 C  "C4'" . DC  A 1 7  ? -4.004  15.337  8.236   1.00 31.17 ? 7   DC  A "C4'" 1 
ATOM   118 O  "O4'" . DC  A 1 7  ? -4.917  15.010  7.155   1.00 31.17 ? 7   DC  A "O4'" 1 
ATOM   119 C  "C3'" . DC  A 1 7  ? -4.341  16.768  8.658   1.00 31.17 ? 7   DC  A "C3'" 1 
ATOM   120 O  "O3'" . DC  A 1 7  ? -3.412  17.681  8.098   1.00 31.17 ? 7   DC  A "O3'" 1 
ATOM   121 C  "C2'" . DC  A 1 7  ? -5.689  17.003  8.016   1.00 31.17 ? 7   DC  A "C2'" 1 
ATOM   122 C  "C1'" . DC  A 1 7  ? -5.522  16.207  6.748   1.00 31.17 ? 7   DC  A "C1'" 1 
ATOM   123 N  N1    . DC  A 1 7  ? -6.776  15.899  6.078   1.00 13.64 ? 7   DC  A N1    1 
ATOM   124 C  C2    . DC  A 1 7  ? -6.836  16.049  4.704   1.00 13.64 ? 7   DC  A C2    1 
ATOM   125 O  O2    . DC  A 1 7  ? -5.793  16.344  4.091   1.00 13.64 ? 7   DC  A O2    1 
ATOM   126 N  N3    . DC  A 1 7  ? -8.013  15.878  4.076   1.00 13.64 ? 7   DC  A N3    1 
ATOM   127 C  C4    . DC  A 1 7  ? -9.092  15.565  4.773   1.00 13.64 ? 7   DC  A C4    1 
ATOM   128 N  N4    . DC  A 1 7  ? -10.234 15.465  4.121   1.00 13.64 ? 7   DC  A N4    1 
ATOM   129 C  C5    . DC  A 1 7  ? -9.048  15.357  6.172   1.00 13.64 ? 7   DC  A C5    1 
ATOM   130 C  C6    . DC  A 1 7  ? -7.878  15.523  6.780   1.00 13.64 ? 7   DC  A C6    1 
ATOM   131 P  P     . DA  A 1 8  ? -3.403  19.202  8.601   1.00 29.54 ? 8   DA  A P     1 
ATOM   132 O  OP1   . DA  A 1 8  ? -2.345  19.316  9.638   1.00 29.54 ? 8   DA  A OP1   1 
ATOM   133 O  OP2   . DA  A 1 8  ? -4.785  19.627  8.922   1.00 29.54 ? 8   DA  A OP2   1 
ATOM   134 O  "O5'" . DA  A 1 8  ? -2.941  19.955  7.287   1.00 29.54 ? 8   DA  A "O5'" 1 
ATOM   135 C  "C5'" . DA  A 1 8  ? -2.101  19.288  6.358   1.00 18.31 ? 8   DA  A "C5'" 1 
ATOM   136 C  "C4'" . DA  A 1 8  ? -2.223  19.931  5.001   1.00 18.31 ? 8   DA  A "C4'" 1 
ATOM   137 O  "O4'" . DA  A 1 8  ? -3.417  19.484  4.327   1.00 18.31 ? 8   DA  A "O4'" 1 
ATOM   138 C  "C3'" . DA  A 1 8  ? -2.301  21.449  5.045   1.00 18.31 ? 8   DA  A "C3'" 1 
ATOM   139 O  "O3'" . DA  A 1 8  ? -1.593  21.960  3.937   1.00 18.31 ? 8   DA  A "O3'" 1 
ATOM   140 C  "C2'" . DA  A 1 8  ? -3.783  21.728  4.919   1.00 18.31 ? 8   DA  A "C2'" 1 
ATOM   141 C  "C1'" . DA  A 1 8  ? -4.275  20.572  4.061   1.00 18.31 ? 8   DA  A "C1'" 1 
ATOM   142 N  N9    . DA  A 1 8  ? -5.621  20.118  4.378   1.00 13.64 ? 8   DA  A N9    1 
ATOM   143 C  C8    . DA  A 1 8  ? -6.125  19.734  5.597   1.00 13.64 ? 8   DA  A C8    1 
ATOM   144 N  N7    . DA  A 1 8  ? -7.375  19.342  5.551   1.00 13.64 ? 8   DA  A N7    1 
ATOM   145 C  C5    . DA  A 1 8  ? -7.712  19.484  4.218   1.00 13.64 ? 8   DA  A C5    1 
ATOM   146 C  C6    . DA  A 1 8  ? -8.888  19.238  3.535   1.00 13.64 ? 8   DA  A C6    1 
ATOM   147 N  N6    . DA  A 1 8  ? -9.988  18.820  4.133   1.00 13.64 ? 8   DA  A N6    1 
ATOM   148 N  N1    . DA  A 1 8  ? -8.904  19.450  2.200   1.00 13.64 ? 8   DA  A N1    1 
ATOM   149 C  C2    . DA  A 1 8  ? -7.791  19.917  1.619   1.00 13.64 ? 8   DA  A C2    1 
ATOM   150 N  N3    . DA  A 1 8  ? -6.613  20.216  2.169   1.00 13.64 ? 8   DA  A N3    1 
ATOM   151 C  C4    . DA  A 1 8  ? -6.644  19.964  3.485   1.00 13.64 ? 8   DA  A C4    1 
ATOM   152 P  P     . DC  A 1 9  ? -1.429  23.526  3.786   1.00 13.64 ? 9   DC  A P     1 
ATOM   153 O  OP1   . DC  A 1 9  ? -0.284  23.792  2.882   1.00 13.64 ? 9   DC  A OP1   1 
ATOM   154 O  OP2   . DC  A 1 9  ? -1.447  24.078  5.149   1.00 13.64 ? 9   DC  A OP2   1 
ATOM   155 O  "O5'" . DC  A 1 9  ? -2.744  23.942  3.011   1.00 13.64 ? 9   DC  A "O5'" 1 
ATOM   156 C  "C5'" . DC  A 1 9  ? -2.867  23.667  1.626   1.00 18.47 ? 9   DC  A "C5'" 1 
ATOM   157 C  "C4'" . DC  A 1 9  ? -4.131  24.297  1.100   1.00 18.47 ? 9   DC  A "C4'" 1 
ATOM   158 O  "O4'" . DC  A 1 9  ? -5.307  23.571  1.540   1.00 18.47 ? 9   DC  A "O4'" 1 
ATOM   159 C  "C3'" . DC  A 1 9  ? -4.326  25.730  1.590   1.00 18.47 ? 9   DC  A "C3'" 1 
ATOM   160 O  "O3'" . DC  A 1 9  ? -5.007  26.459  0.584   1.00 18.47 ? 9   DC  A "O3'" 1 
ATOM   161 C  "C2'" . DC  A 1 9  ? -5.289  25.556  2.741   1.00 18.47 ? 9   DC  A "C2'" 1 
ATOM   162 C  "C1'" . DC  A 1 9  ? -6.189  24.508  2.132   1.00 18.47 ? 9   DC  A "C1'" 1 
ATOM   163 N  N1    . DC  A 1 9  ? -7.094  23.813  3.055   1.00 13.64 ? 9   DC  A N1    1 
ATOM   164 C  C2    . DC  A 1 9  ? -8.300  23.353  2.550   1.00 13.64 ? 9   DC  A C2    1 
ATOM   165 O  O2    . DC  A 1 9  ? -8.526  23.491  1.352   1.00 13.64 ? 9   DC  A O2    1 
ATOM   166 N  N3    . DC  A 1 9  ? -9.178  22.779  3.370   1.00 13.64 ? 9   DC  A N3    1 
ATOM   167 C  C4    . DC  A 1 9  ? -8.889  22.651  4.663   1.00 13.64 ? 9   DC  A C4    1 
ATOM   168 N  N4    . DC  A 1 9  ? -9.807  22.100  5.442   1.00 13.64 ? 9   DC  A N4    1 
ATOM   169 C  C5    . DC  A 1 9  ? -7.649  23.086  5.209   1.00 13.64 ? 9   DC  A C5    1 
ATOM   170 C  C6    . DC  A 1 9  ? -6.784  23.650  4.376   1.00 13.64 ? 9   DC  A C6    1 
ATOM   171 P  P     . DG  A 1 10 ? -4.551  27.945  0.254   1.00 17.65 ? 10  DG  A P     1 
ATOM   172 O  OP1   . DG  A 1 10 ? -4.368  28.039  -1.224  1.00 17.65 ? 10  DG  A OP1   1 
ATOM   173 O  OP2   . DG  A 1 10 ? -3.404  28.224  1.163   1.00 17.65 ? 10  DG  A OP2   1 
ATOM   174 O  "O5'" . DG  A 1 10 ? -5.816  28.825  0.663   1.00 17.65 ? 10  DG  A "O5'" 1 
ATOM   175 C  "C5'" . DG  A 1 10 ? -7.131  28.344  0.433   1.00 14.07 ? 10  DG  A "C5'" 1 
ATOM   176 C  "C4'" . DG  A 1 10 ? -8.130  29.187  1.183   1.00 14.07 ? 10  DG  A "C4'" 1 
ATOM   177 O  "O4'" . DG  A 1 10 ? -7.648  29.396  2.533   1.00 14.07 ? 10  DG  A "O4'" 1 
ATOM   178 C  "C3'" . DG  A 1 10 ? -8.364  30.577  0.602   1.00 14.07 ? 10  DG  A "C3'" 1 
ATOM   179 O  "O3'" . DG  A 1 10 ? -9.727  30.986  0.803   1.00 14.07 ? 10  DG  A "O3'" 1 
ATOM   180 C  "C2'" . DG  A 1 10 ? -7.441  31.461  1.411   1.00 14.07 ? 10  DG  A "C2'" 1 
ATOM   181 C  "C1'" . DG  A 1 10 ? -7.238  30.734  2.727   1.00 14.07 ? 10  DG  A "C1'" 1 
ATOM   182 N  N9    . DG  A 1 10 ? -5.820  30.678  3.020   1.00 14.39 ? 10  DG  A N9    1 
ATOM   183 C  C8    . DG  A 1 10 ? -4.844  31.518  2.561   1.00 14.39 ? 10  DG  A C8    1 
ATOM   184 N  N7    . DG  A 1 10 ? -3.651  31.175  2.945   1.00 14.39 ? 10  DG  A N7    1 
ATOM   185 C  C5    . DG  A 1 10 ? -3.862  30.048  3.715   1.00 14.39 ? 10  DG  A C5    1 
ATOM   186 C  C6    . DG  A 1 10 ? -2.950  29.237  4.405   1.00 14.39 ? 10  DG  A C6    1 
ATOM   187 O  O6    . DG  A 1 10 ? -1.717  29.357  4.478   1.00 14.39 ? 10  DG  A O6    1 
ATOM   188 N  N1    . DG  A 1 10 ? -3.595  28.196  5.069   1.00 14.39 ? 10  DG  A N1    1 
ATOM   189 C  C2    . DG  A 1 10 ? -4.948  27.979  5.067   1.00 14.39 ? 10  DG  A C2    1 
ATOM   190 N  N2    . DG  A 1 10 ? -5.383  26.935  5.767   1.00 14.39 ? 10  DG  A N2    1 
ATOM   191 N  N3    . DG  A 1 10 ? -5.809  28.733  4.424   1.00 14.39 ? 10  DG  A N3    1 
ATOM   192 C  C4    . DG  A 1 10 ? -5.201  29.741  3.776   1.00 14.39 ? 10  DG  A C4    1 
ATOM   193 C  "C3'" . DC  B 1 1  ? -20.075 19.128  0.380   1.00 38.37 ? 11  DC  B "C3'" 1 
ATOM   194 O  "O3'" . DC  B 1 1  ? -20.001 19.747  1.676   1.00 38.37 ? 11  DC  B "O3'" 1 
ATOM   195 P  P     . DG  B 1 2  ? -19.749 21.337  1.792   1.00 58.64 ? 12  DG  B P     1 
ATOM   196 O  OP1   . DG  B 1 2  ? -19.364 21.666  3.192   1.00 58.64 ? 12  DG  B OP1   1 
ATOM   197 O  OP2   . DG  B 1 2  ? -20.906 22.041  1.184   1.00 58.64 ? 12  DG  B OP2   1 
ATOM   198 O  "O5'" . DG  B 1 2  ? -18.489 21.574  0.846   1.00 58.64 ? 12  DG  B "O5'" 1 
ATOM   199 C  "C5'" . DG  B 1 2  ? -18.535 22.585  -0.150  1.00 47.12 ? 12  DG  B "C5'" 1 
ATOM   200 C  "C4'" . DG  B 1 2  ? -17.645 22.232  -1.318  1.00 47.12 ? 12  DG  B "C4'" 1 
ATOM   201 O  "O4'" . DG  B 1 2  ? -16.259 22.375  -0.953  1.00 47.12 ? 12  DG  B "O4'" 1 
ATOM   202 C  "C3'" . DG  B 1 2  ? -17.788 20.831  -1.886  1.00 47.12 ? 12  DG  B "C3'" 1 
ATOM   203 O  "O3'" . DG  B 1 2  ? -17.639 20.911  -3.307  1.00 47.12 ? 12  DG  B "O3'" 1 
ATOM   204 C  "C2'" . DG  B 1 2  ? -16.663 20.065  -1.207  1.00 47.12 ? 12  DG  B "C2'" 1 
ATOM   205 C  "C1'" . DG  B 1 2  ? -15.603 21.125  -0.909  1.00 47.12 ? 12  DG  B "C1'" 1 
ATOM   206 N  N9    . DG  B 1 2  ? -15.032 21.041  0.426   1.00 16.86 ? 12  DG  B N9    1 
ATOM   207 C  C8    . DG  B 1 2  ? -15.696 20.678  1.571   1.00 16.86 ? 12  DG  B C8    1 
ATOM   208 N  N7    . DG  B 1 2  ? -14.959 20.770  2.645   1.00 16.86 ? 12  DG  B N7    1 
ATOM   209 C  C5    . DG  B 1 2  ? -13.730 21.211  2.178   1.00 16.86 ? 12  DG  B C5    1 
ATOM   210 C  C6    . DG  B 1 2  ? -12.541 21.506  2.883   1.00 16.86 ? 12  DG  B C6    1 
ATOM   211 O  O6    . DG  B 1 2  ? -12.338 21.442  4.106   1.00 16.86 ? 12  DG  B O6    1 
ATOM   212 N  N1    . DG  B 1 2  ? -11.526 21.920  2.026   1.00 16.86 ? 12  DG  B N1    1 
ATOM   213 C  C2    . DG  B 1 2  ? -11.648 22.045  0.670   1.00 16.86 ? 12  DG  B C2    1 
ATOM   214 N  N2    . DG  B 1 2  ? -10.561 22.468  0.026   1.00 16.86 ? 12  DG  B N2    1 
ATOM   215 N  N3    . DG  B 1 2  ? -12.758 21.774  -0.005  1.00 16.86 ? 12  DG  B N3    1 
ATOM   216 C  C4    . DG  B 1 2  ? -13.751 21.366  0.808   1.00 16.86 ? 12  DG  B C4    1 
ATOM   217 P  P     . DT  B 1 3  ? -17.400 19.578  -4.155  1.00 48.36 ? 13  DT  B P     1 
ATOM   218 O  OP1   . DT  B 1 3  ? -17.713 19.862  -5.589  1.00 48.36 ? 13  DT  B OP1   1 
ATOM   219 O  OP2   . DT  B 1 3  ? -18.085 18.471  -3.439  1.00 48.36 ? 13  DT  B OP2   1 
ATOM   220 O  "O5'" . DT  B 1 3  ? -15.833 19.355  -4.039  1.00 48.36 ? 13  DT  B "O5'" 1 
ATOM   221 C  "C5'" . DT  B 1 3  ? -14.961 20.299  -4.629  1.00 17.25 ? 13  DT  B "C5'" 1 
ATOM   222 C  "C4'" . DT  B 1 3  ? -13.527 19.840  -4.546  1.00 17.25 ? 13  DT  B "C4'" 1 
ATOM   223 O  "O4'" . DT  B 1 3  ? -13.001 19.966  -3.212  1.00 17.25 ? 13  DT  B "O4'" 1 
ATOM   224 C  "C3'" . DT  B 1 3  ? -13.210 18.418  -4.986  1.00 17.25 ? 13  DT  B "C3'" 1 
ATOM   225 O  "O3'" . DT  B 1 3  ? -11.968 18.508  -5.654  1.00 17.25 ? 13  DT  B "O3'" 1 
ATOM   226 C  "C2'" . DT  B 1 3  ? -12.981 17.700  -3.668  1.00 17.25 ? 13  DT  B "C2'" 1 
ATOM   227 C  "C1'" . DT  B 1 3  ? -12.283 18.792  -2.891  1.00 17.25 ? 13  DT  B "C1'" 1 
ATOM   228 N  N1    . DT  B 1 3  ? -12.278 18.671  -1.428  1.00 14.42 ? 13  DT  B N1    1 
ATOM   229 C  C2    . DT  B 1 3  ? -11.116 18.998  -0.757  1.00 14.42 ? 13  DT  B C2    1 
ATOM   230 O  O2    . DT  B 1 3  ? -10.095 19.363  -1.328  1.00 14.42 ? 13  DT  B O2    1 
ATOM   231 N  N3    . DT  B 1 3  ? -11.198 18.902  0.613   1.00 14.42 ? 13  DT  B N3    1 
ATOM   232 C  C4    . DT  B 1 3  ? -12.305 18.545  1.343   1.00 14.42 ? 13  DT  B C4    1 
ATOM   233 O  O4    . DT  B 1 3  ? -12.256 18.551  2.554   1.00 14.42 ? 13  DT  B O4    1 
ATOM   234 C  C5    . DT  B 1 3  ? -13.476 18.202  0.571   1.00 14.42 ? 13  DT  B C5    1 
ATOM   235 C  C7    . DT  B 1 3  ? -14.717 17.792  1.287   1.00 14.42 ? 13  DT  B C7    1 
ATOM   236 C  C6    . DT  B 1 3  ? -13.404 18.273  -0.756  1.00 14.42 ? 13  DT  B C6    1 
ATOM   237 P  P     . DG  B 1 4  ? -11.483 17.331  -6.601  1.00 42.48 ? 14  DG  B P     1 
ATOM   238 O  OP1   . DG  B 1 4  ? -11.746 17.775  -8.002  1.00 42.48 ? 14  DG  B OP1   1 
ATOM   239 O  OP2   . DG  B 1 4  ? -12.036 16.045  -6.097  1.00 42.48 ? 14  DG  B OP2   1 
ATOM   240 O  "O5'" . DG  B 1 4  ? -9.918  17.332  -6.361  1.00 42.48 ? 14  DG  B "O5'" 1 
ATOM   241 C  "C5'" . DG  B 1 4  ? -9.198  18.548  -6.438  1.00 13.64 ? 14  DG  B "C5'" 1 
ATOM   242 C  "C4'" . DG  B 1 4  ? -7.914  18.421  -5.668  1.00 13.64 ? 14  DG  B "C4'" 1 
ATOM   243 O  "O4'" . DG  B 1 4  ? -8.219  18.295  -4.262  1.00 13.64 ? 14  DG  B "O4'" 1 
ATOM   244 C  "C3'" . DG  B 1 4  ? -7.096  17.189  -6.035  1.00 13.64 ? 14  DG  B "C3'" 1 
ATOM   245 O  "O3'" . DG  B 1 4  ? -5.729  17.574  -6.098  1.00 13.64 ? 14  DG  B "O3'" 1 
ATOM   246 C  "C2'" . DG  B 1 4  ? -7.345  16.226  -4.885  1.00 13.64 ? 14  DG  B "C2'" 1 
ATOM   247 C  "C1'" . DG  B 1 4  ? -7.574  17.158  -3.711  1.00 13.64 ? 14  DG  B "C1'" 1 
ATOM   248 N  N9    . DG  B 1 4  ? -8.447  16.649  -2.661  1.00 13.64 ? 14  DG  B N9    1 
ATOM   249 C  C8    . DG  B 1 4  ? -9.740  16.229  -2.826  1.00 13.64 ? 14  DG  B C8    1 
ATOM   250 N  N7    . DG  B 1 4  ? -10.318 15.902  -1.703  1.00 13.64 ? 14  DG  B N7    1 
ATOM   251 C  C5    . DG  B 1 4  ? -9.342  16.104  -0.740  1.00 13.64 ? 14  DG  B C5    1 
ATOM   252 C  C6    . DG  B 1 4  ? -9.401  15.950  0.656   1.00 13.64 ? 14  DG  B C6    1 
ATOM   253 O  O6    . DG  B 1 4  ? -10.353 15.603  1.343   1.00 13.64 ? 14  DG  B O6    1 
ATOM   254 N  N1    . DG  B 1 4  ? -8.202  16.267  1.255   1.00 13.64 ? 14  DG  B N1    1 
ATOM   255 C  C2    . DG  B 1 4  ? -7.097  16.693  0.599   1.00 13.64 ? 14  DG  B C2    1 
ATOM   256 N  N2    . DG  B 1 4  ? -6.059  16.962  1.361   1.00 13.64 ? 14  DG  B N2    1 
ATOM   257 N  N3    . DG  B 1 4  ? -7.018  16.848  -0.707  1.00 13.64 ? 14  DG  B N3    1 
ATOM   258 C  C4    . DG  B 1 4  ? -8.174  16.541  -1.313  1.00 13.64 ? 14  DG  B C4    1 
ATOM   259 P  P     . DT  B 1 5  ? -4.623  16.500  -6.504  1.00 39.14 ? 15  DT  B P     1 
ATOM   260 O  OP1   . DT  B 1 5  ? -3.520  17.225  -7.185  1.00 39.14 ? 15  DT  B OP1   1 
ATOM   261 O  OP2   . DT  B 1 5  ? -5.344  15.408  -7.202  1.00 39.14 ? 15  DT  B OP2   1 
ATOM   262 O  "O5'" . DT  B 1 5  ? -4.096  15.977  -5.099  1.00 39.14 ? 15  DT  B "O5'" 1 
ATOM   263 C  "C5'" . DT  B 1 5  ? -3.420  16.868  -4.217  1.00 19.01 ? 15  DT  B "C5'" 1 
ATOM   264 C  "C4'" . DT  B 1 5  ? -2.889  16.111  -3.028  1.00 19.01 ? 15  DT  B "C4'" 1 
ATOM   265 O  "O4'" . DT  B 1 5  ? -3.954  15.752  -2.117  1.00 19.01 ? 15  DT  B "O4'" 1 
ATOM   266 C  "C3'" . DT  B 1 5  ? -2.241  14.795  -3.439  1.00 19.01 ? 15  DT  B "C3'" 1 
ATOM   267 O  "O3'" . DT  B 1 5  ? -1.182  14.508  -2.547  1.00 19.01 ? 15  DT  B "O3'" 1 
ATOM   268 C  "C2'" . DT  B 1 5  ? -3.339  13.789  -3.189  1.00 19.01 ? 15  DT  B "C2'" 1 
ATOM   269 C  "C1'" . DT  B 1 5  ? -3.907  14.351  -1.910  1.00 19.01 ? 15  DT  B "C1'" 1 
ATOM   270 N  N1    . DT  B 1 5  ? -5.247  13.882  -1.575  1.00 13.64 ? 15  DT  B N1    1 
ATOM   271 C  C2    . DT  B 1 5  ? -5.512  13.638  -0.259  1.00 13.64 ? 15  DT  B C2    1 
ATOM   272 O  O2    . DT  B 1 5  ? -4.687  13.808  0.623   1.00 13.64 ? 15  DT  B O2    1 
ATOM   273 N  N3    . DT  B 1 5  ? -6.774  13.194  -0.003  1.00 13.64 ? 15  DT  B N3    1 
ATOM   274 C  C4    . DT  B 1 5  ? -7.769  12.974  -0.917  1.00 13.64 ? 15  DT  B C4    1 
ATOM   275 O  O4    . DT  B 1 5  ? -8.856  12.577  -0.540  1.00 13.64 ? 15  DT  B O4    1 
ATOM   276 C  C5    . DT  B 1 5  ? -7.419  13.246  -2.285  1.00 13.64 ? 15  DT  B C5    1 
ATOM   277 C  C7    . DT  B 1 5  ? -8.437  13.019  -3.349  1.00 13.64 ? 15  DT  B C7    1 
ATOM   278 C  C6    . DT  B 1 5  ? -6.194  13.688  -2.543  1.00 13.64 ? 15  DT  B C6    1 
ATOM   279 P  P     . DA  B 1 6  ? 0.142   13.849  -3.109  1.00 40.77 ? 16  DA  B P     1 
ATOM   280 O  OP1   . DA  B 1 6  ? 0.897   14.932  -3.782  1.00 40.77 ? 16  DA  B OP1   1 
ATOM   281 O  OP2   . DA  B 1 6  ? -0.241  12.621  -3.852  1.00 40.77 ? 16  DA  B OP2   1 
ATOM   282 O  "O5'" . DA  B 1 6  ? 0.929   13.454  -1.804  1.00 40.77 ? 16  DA  B "O5'" 1 
ATOM   283 C  "C5'" . DA  B 1 6  ? 1.066   14.391  -0.777  1.00 27.89 ? 16  DA  B "C5'" 1 
ATOM   284 C  "C4'" . DA  B 1 6  ? 0.773   13.727  0.540   1.00 27.89 ? 16  DA  B "C4'" 1 
ATOM   285 O  "O4'" . DA  B 1 6  ? -0.608  13.300  0.575   1.00 27.89 ? 16  DA  B "O4'" 1 
ATOM   286 C  "C3'" . DA  B 1 6  ? 1.604   12.476  0.774   1.00 27.89 ? 16  DA  B "C3'" 1 
ATOM   287 O  "O3'" . DA  B 1 6  ? 2.068   12.487  2.112   1.00 27.89 ? 16  DA  B "O3'" 1 
ATOM   288 C  "C2'" . DA  B 1 6  ? 0.634   11.332  0.519   1.00 27.89 ? 16  DA  B "C2'" 1 
ATOM   289 C  "C1'" . DA  B 1 6  ? -0.696  11.934  0.929   1.00 27.89 ? 16  DA  B "C1'" 1 
ATOM   290 N  N9    . DA  B 1 6  ? -1.886  11.409  0.257   1.00 13.64 ? 16  DA  B N9    1 
ATOM   291 C  C8    . DA  B 1 6  ? -2.159  11.444  -1.087  1.00 13.64 ? 16  DA  B C8    1 
ATOM   292 N  N7    . DA  B 1 6  ? -3.355  11.004  -1.396  1.00 13.64 ? 16  DA  B N7    1 
ATOM   293 C  C5    . DA  B 1 6  ? -3.892  10.633  -0.180  1.00 13.64 ? 16  DA  B C5    1 
ATOM   294 C  C6    . DA  B 1 6  ? -5.129  10.133  0.156   1.00 13.64 ? 16  DA  B C6    1 
ATOM   295 N  N6    . DA  B 1 6  ? -6.070  9.914   -0.742  1.00 13.64 ? 16  DA  B N6    1 
ATOM   296 N  N1    . DA  B 1 6  ? -5.380  9.873   1.455   1.00 13.64 ? 16  DA  B N1    1 
ATOM   297 C  C2    . DA  B 1 6  ? -4.413  10.112  2.350   1.00 13.64 ? 16  DA  B C2    1 
ATOM   298 N  N3    . DA  B 1 6  ? -3.186  10.594  2.152   1.00 13.64 ? 16  DA  B N3    1 
ATOM   299 C  C4    . DA  B 1 6  ? -2.990  10.844  0.845   1.00 13.64 ? 16  DA  B C4    1 
ATOM   300 P  P     . DC  B 1 7  ? 2.945   11.270  2.627   1.00 27.96 ? 17  DC  B P     1 
ATOM   301 O  OP1   . DC  B 1 7  ? 3.755   11.734  3.792   1.00 27.96 ? 17  DC  B OP1   1 
ATOM   302 O  OP2   . DC  B 1 7  ? 3.617   10.692  1.441   1.00 27.96 ? 17  DC  B OP2   1 
ATOM   303 O  "O5'" . DC  B 1 7  ? 1.831   10.239  3.083   1.00 27.96 ? 17  DC  B "O5'" 1 
ATOM   304 C  "C5'" . DC  B 1 7  ? 1.110   10.444  4.283   1.00 13.64 ? 17  DC  B "C5'" 1 
ATOM   305 C  "C4'" . DC  B 1 7  ? 0.619   9.117   4.796   1.00 13.64 ? 17  DC  B "C4'" 1 
ATOM   306 O  "O4'" . DC  B 1 7  ? -0.552  8.718   4.053   1.00 13.64 ? 17  DC  B "O4'" 1 
ATOM   307 C  "C3'" . DC  B 1 7  ? 1.633   8.001   4.595   1.00 13.64 ? 17  DC  B "C3'" 1 
ATOM   308 O  "O3'" . DC  B 1 7  ? 1.399   7.057   5.620   1.00 13.64 ? 17  DC  B "O3'" 1 
ATOM   309 C  "C2'" . DC  B 1 7  ? 1.219   7.423   3.253   1.00 13.64 ? 17  DC  B "C2'" 1 
ATOM   310 C  "C1'" . DC  B 1 7  ? -0.295  7.538   3.339   1.00 13.64 ? 17  DC  B "C1'" 1 
ATOM   311 N  N1    . DC  B 1 7  ? -1.057  7.610   2.079   1.00 13.64 ? 17  DC  B N1    1 
ATOM   312 C  C2    . DC  B 1 7  ? -2.382  7.220   2.115   1.00 13.64 ? 17  DC  B C2    1 
ATOM   313 O  O2    . DC  B 1 7  ? -2.861  6.898   3.214   1.00 13.64 ? 17  DC  B O2    1 
ATOM   314 N  N3    . DC  B 1 7  ? -3.104  7.200   0.971   1.00 13.64 ? 17  DC  B N3    1 
ATOM   315 C  C4    . DC  B 1 7  ? -2.533  7.568   -0.178  1.00 13.64 ? 17  DC  B C4    1 
ATOM   316 N  N4    . DC  B 1 7  ? -3.255  7.495   -1.295  1.00 13.64 ? 17  DC  B N4    1 
ATOM   317 C  C5    . DC  B 1 7  ? -1.191  8.017   -0.238  1.00 13.64 ? 17  DC  B C5    1 
ATOM   318 C  C6    . DC  B 1 7  ? -0.492  8.025   0.905   1.00 13.64 ? 17  DC  B C6    1 
ATOM   319 P  P     . DA  B 1 8  ? 2.572   6.643   6.624   1.00 49.44 ? 18  DA  B P     1 
ATOM   320 O  OP1   . DA  B 1 8  ? 2.983   7.872   7.341   1.00 49.44 ? 18  DA  B OP1   1 
ATOM   321 O  OP2   . DA  B 1 8  ? 3.582   5.823   5.899   1.00 49.44 ? 18  DA  B OP2   1 
ATOM   322 O  "O5'" . DA  B 1 8  ? 1.814   5.717   7.666   1.00 49.44 ? 18  DA  B "O5'" 1 
ATOM   323 C  "C5'" . DA  B 1 8  ? 0.647   6.202   8.327   1.00 15.00 ? 18  DA  B "C5'" 1 
ATOM   324 C  "C4'" . DA  B 1 8  ? -0.484  5.201   8.229   1.00 15.00 ? 18  DA  B "C4'" 1 
ATOM   325 O  "O4'" . DA  B 1 8  ? -1.085  5.159   6.917   1.00 15.00 ? 18  DA  B "O4'" 1 
ATOM   326 C  "C3'" . DA  B 1 8  ? -0.156  3.760   8.583   1.00 15.00 ? 18  DA  B "C3'" 1 
ATOM   327 O  "O3'" . DA  B 1 8  ? -1.222  3.290   9.393   1.00 15.00 ? 18  DA  B "O3'" 1 
ATOM   328 C  "C2'" . DA  B 1 8  ? -0.143  3.056   7.236   1.00 15.00 ? 18  DA  B "C2'" 1 
ATOM   329 C  "C1'" . DA  B 1 8  ? -1.186  3.819   6.452   1.00 15.00 ? 18  DA  B "C1'" 1 
ATOM   330 N  N9    . DA  B 1 8  ? -0.967  3.867   5.008   1.00 13.64 ? 18  DA  B N9    1 
ATOM   331 C  C8    . DA  B 1 8  ? 0.215   4.171   4.388   1.00 13.64 ? 18  DA  B C8    1 
ATOM   332 N  N7    . DA  B 1 8  ? 0.127   4.246   3.087   1.00 13.64 ? 18  DA  B N7    1 
ATOM   333 C  C5    . DA  B 1 8  ? -1.199  3.944   2.827   1.00 13.64 ? 18  DA  B C5    1 
ATOM   334 C  C6    . DA  B 1 8  ? -1.916  3.877   1.637   1.00 13.64 ? 18  DA  B C6    1 
ATOM   335 N  N6    . DA  B 1 8  ? -1.368  4.123   0.453   1.00 13.64 ? 18  DA  B N6    1 
ATOM   336 N  N1    . DA  B 1 8  ? -3.220  3.559   1.699   1.00 13.64 ? 18  DA  B N1    1 
ATOM   337 C  C2    . DA  B 1 8  ? -3.757  3.332   2.901   1.00 13.64 ? 18  DA  B C2    1 
ATOM   338 N  N3    . DA  B 1 8  ? -3.185  3.369   4.104   1.00 13.64 ? 18  DA  B N3    1 
ATOM   339 C  C4    . DA  B 1 8  ? -1.884  3.688   3.996   1.00 13.64 ? 18  DA  B C4    1 
ATOM   340 P  P     . DC  B 1 9  ? -1.086  1.901   10.152  1.00 26.15 ? 19  DC  B P     1 
ATOM   341 O  OP1   . DC  B 1 9  ? -2.046  1.915   11.279  1.00 26.15 ? 19  DC  B OP1   1 
ATOM   342 O  OP2   . DC  B 1 9  ? 0.349   1.594   10.397  1.00 26.15 ? 19  DC  B OP2   1 
ATOM   343 O  "O5'" . DC  B 1 9  ? -1.657  0.899   9.074   1.00 26.15 ? 19  DC  B "O5'" 1 
ATOM   344 C  "C5'" . DC  B 1 9  ? -3.045  0.865   8.823   1.00 13.64 ? 19  DC  B "C5'" 1 
ATOM   345 C  "C4'" . DC  B 1 9  ? -3.353  -0.263  7.878   1.00 13.64 ? 19  DC  B "C4'" 1 
ATOM   346 O  "O4'" . DC  B 1 9  ? -3.032  0.135   6.532   1.00 13.64 ? 19  DC  B "O4'" 1 
ATOM   347 C  "C3'" . DC  B 1 9  ? -2.532  -1.511  8.143   1.00 13.64 ? 19  DC  B "C3'" 1 
ATOM   348 O  "O3'" . DC  B 1 9  ? -3.362  -2.609  7.876   1.00 13.64 ? 19  DC  B "O3'" 1 
ATOM   349 C  "C2'" . DC  B 1 9  ? -1.431  -1.424  7.104   1.00 13.64 ? 19  DC  B "C2'" 1 
ATOM   350 C  "C1'" . DC  B 1 9  ? -2.199  -0.828  5.953   1.00 13.64 ? 19  DC  B "C1'" 1 
ATOM   351 N  N1    . DC  B 1 9  ? -1.448  -0.172  4.881   1.00 13.64 ? 19  DC  B N1    1 
ATOM   352 C  C2    . DC  B 1 9  ? -2.076  -0.023  3.657   1.00 13.64 ? 19  DC  B C2    1 
ATOM   353 O  O2    . DC  B 1 9  ? -3.245  -0.390  3.545   1.00 13.64 ? 19  DC  B O2    1 
ATOM   354 N  N3    . DC  B 1 9  ? -1.406  0.522   2.634   1.00 13.64 ? 19  DC  B N3    1 
ATOM   355 C  C4    . DC  B 1 9  ? -0.154  0.928   2.808   1.00 13.64 ? 19  DC  B C4    1 
ATOM   356 N  N4    . DC  B 1 9  ? 0.479   1.436   1.758   1.00 13.64 ? 19  DC  B N4    1 
ATOM   357 C  C5    . DC  B 1 9  ? 0.505   0.823   4.062   1.00 13.64 ? 19  DC  B C5    1 
ATOM   358 C  C6    . DC  B 1 9  ? -0.173  0.271   5.064   1.00 13.64 ? 19  DC  B C6    1 
ATOM   359 P  P     . DG  B 1 10 ? -3.112  -3.982  8.634   1.00 15.97 ? 20  DG  B P     1 
ATOM   360 O  OP1   . DG  B 1 10 ? -4.459  -4.478  8.999   1.00 15.97 ? 20  DG  B OP1   1 
ATOM   361 O  OP2   . DG  B 1 10 ? -2.087  -3.794  9.689   1.00 15.97 ? 20  DG  B OP2   1 
ATOM   362 O  "O5'" . DG  B 1 10 ? -2.479  -4.921  7.507   1.00 15.97 ? 20  DG  B "O5'" 1 
ATOM   363 C  "C5'" . DG  B 1 10 ? -2.754  -4.702  6.125   1.00 13.64 ? 20  DG  B "C5'" 1 
ATOM   364 C  "C4'" . DG  B 1 10 ? -2.101  -5.768  5.273   1.00 13.64 ? 20  DG  B "C4'" 1 
ATOM   365 O  "O4'" . DG  B 1 10 ? -0.679  -5.778  5.509   1.00 13.64 ? 20  DG  B "O4'" 1 
ATOM   366 C  "C3'" . DG  B 1 10 ? -2.583  -7.197  5.488   1.00 13.64 ? 20  DG  B "C3'" 1 
ATOM   367 O  "O3'" . DG  B 1 10 ? -2.725  -7.874  4.241   1.00 13.64 ? 20  DG  B "O3'" 1 
ATOM   368 C  "C2'" . DG  B 1 10 ? -1.494  -7.838  6.323   1.00 13.64 ? 20  DG  B "C2'" 1 
ATOM   369 C  "C1'" . DG  B 1 10 ? -0.294  -6.903  6.258   1.00 13.64 ? 20  DG  B "C1'" 1 
ATOM   370 N  N9    . DG  B 1 10 ? 0.033   -6.434  7.602   1.00 20.67 ? 20  DG  B N9    1 
ATOM   371 C  C8    . DG  B 1 10 ? -0.245  -7.100  8.765   1.00 20.67 ? 20  DG  B C8    1 
ATOM   372 N  N7    . DG  B 1 10 ? 0.117   -6.448  9.833   1.00 20.67 ? 20  DG  B N7    1 
ATOM   373 C  C5    . DG  B 1 10 ? 0.684   -5.285  9.351   1.00 20.67 ? 20  DG  B C5    1 
ATOM   374 C  C6    . DG  B 1 10 ? 1.273   -4.216  10.047  1.00 20.67 ? 20  DG  B C6    1 
ATOM   375 O  O6    . DG  B 1 10 ? 1.399   -4.072  11.265  1.00 20.67 ? 20  DG  B O6    1 
ATOM   376 N  N1    . DG  B 1 10 ? 1.756   -3.248  9.181   1.00 20.67 ? 20  DG  B N1    1 
ATOM   377 C  C2    . DG  B 1 10 ? 1.681   -3.310  7.815   1.00 20.67 ? 20  DG  B C2    1 
ATOM   378 N  N2    . DG  B 1 10 ? 2.255   -2.308  7.147   1.00 20.67 ? 20  DG  B N2    1 
ATOM   379 N  N3    . DG  B 1 10 ? 1.103   -4.296  7.151   1.00 20.67 ? 20  DG  B N3    1 
ATOM   380 C  C4    . DG  B 1 10 ? 0.642   -5.253  7.976   1.00 20.67 ? 20  DG  B C4    1 
ATOM   381 O  "O3'" . DC  C 1 1  ? 15.072  -25.648 2.615   1.00 13.64 ? 21  DC  C "O3'" 1 
ATOM   382 P  P     . DG  C 1 2  ? 14.867  -24.154 3.189   1.00 49.69 ? 22  DG  C P     1 
ATOM   383 O  OP1   . DG  C 1 2  ? 15.711  -23.993 4.403   1.00 49.69 ? 22  DG  C OP1   1 
ATOM   384 O  OP2   . DG  C 1 2  ? 13.430  -23.799 3.244   1.00 49.69 ? 22  DG  C OP2   1 
ATOM   385 O  "O5'" . DG  C 1 2  ? 15.491  -23.245 2.058   1.00 49.69 ? 22  DG  C "O5'" 1 
ATOM   386 C  "C5'" . DG  C 1 2  ? 16.776  -23.535 1.554   1.00 13.64 ? 22  DG  C "C5'" 1 
ATOM   387 C  "C4'" . DG  C 1 2  ? 17.258  -22.375 0.726   1.00 13.64 ? 22  DG  C "C4'" 1 
ATOM   388 O  "O4'" . DG  C 1 2  ? 16.439  -22.298 -0.461  1.00 13.64 ? 22  DG  C "O4'" 1 
ATOM   389 C  "C3'" . DG  C 1 2  ? 17.115  -21.035 1.429   1.00 13.64 ? 22  DG  C "C3'" 1 
ATOM   390 O  "O3'" . DG  C 1 2  ? 18.275  -20.252 1.162   1.00 13.64 ? 22  DG  C "O3'" 1 
ATOM   391 C  "C2'" . DG  C 1 2  ? 15.823  -20.459 0.860   1.00 13.64 ? 22  DG  C "C2'" 1 
ATOM   392 C  "C1'" . DG  C 1 2  ? 15.731  -21.075 -0.534  1.00 13.64 ? 22  DG  C "C1'" 1 
ATOM   393 N  N9    . DG  C 1 2  ? 14.395  -21.407 -1.028  1.00 13.64 ? 22  DG  C N9    1 
ATOM   394 C  C8    . DG  C 1 2  ? 13.402  -22.030 -0.317  1.00 13.64 ? 22  DG  C C8    1 
ATOM   395 N  N7    . DG  C 1 2  ? 12.341  -22.287 -1.030  1.00 13.64 ? 22  DG  C N7    1 
ATOM   396 C  C5    . DG  C 1 2  ? 12.644  -21.796 -2.293  1.00 13.64 ? 22  DG  C C5    1 
ATOM   397 C  C6    . DG  C 1 2  ? 11.881  -21.815 -3.478  1.00 13.64 ? 22  DG  C C6    1 
ATOM   398 O  O6    . DG  C 1 2  ? 10.754  -22.297 -3.660  1.00 13.64 ? 22  DG  C O6    1 
ATOM   399 N  N1    . DG  C 1 2  ? 12.551  -21.199 -4.524  1.00 13.64 ? 22  DG  C N1    1 
ATOM   400 C  C2    . DG  C 1 2  ? 13.796  -20.635 -4.442  1.00 13.64 ? 22  DG  C C2    1 
ATOM   401 N  N2    . DG  C 1 2  ? 14.255  -20.069 -5.570  1.00 13.64 ? 22  DG  C N2    1 
ATOM   402 N  N3    . DG  C 1 2  ? 14.528  -20.622 -3.339  1.00 13.64 ? 22  DG  C N3    1 
ATOM   403 C  C4    . DG  C 1 2  ? 13.894  -21.219 -2.308  1.00 13.64 ? 22  DG  C C4    1 
ATOM   404 P  P     . DT  C 1 3  ? 18.331  -18.740 1.671   1.00 43.28 ? 23  DT  C P     1 
ATOM   405 O  OP1   . DT  C 1 3  ? 19.751  -18.326 1.804   1.00 43.28 ? 23  DT  C OP1   1 
ATOM   406 O  OP2   . DT  C 1 3  ? 17.396  -18.587 2.822   1.00 43.28 ? 23  DT  C OP2   1 
ATOM   407 O  "O5'" . DT  C 1 3  ? 17.728  -17.965 0.435   1.00 43.28 ? 23  DT  C "O5'" 1 
ATOM   408 C  "C5'" . DT  C 1 3  ? 18.273  -18.192 -0.841  1.00 27.69 ? 23  DT  C "C5'" 1 
ATOM   409 C  "C4'" . DT  C 1 3  ? 17.604  -17.302 -1.850  1.00 27.69 ? 23  DT  C "C4'" 1 
ATOM   410 O  "O4'" . DT  C 1 3  ? 16.309  -17.817 -2.224  1.00 27.69 ? 23  DT  C "O4'" 1 
ATOM   411 C  "C3'" . DT  C 1 3  ? 17.371  -15.882 -1.358  1.00 27.69 ? 23  DT  C "C3'" 1 
ATOM   412 O  "O3'" . DT  C 1 3  ? 17.721  -15.027 -2.418  1.00 27.69 ? 23  DT  C "O3'" 1 
ATOM   413 C  "C2'" . DT  C 1 3  ? 15.870  -15.829 -1.123  1.00 27.69 ? 23  DT  C "C2'" 1 
ATOM   414 C  "C1'" . DT  C 1 3  ? 15.368  -16.766 -2.194  1.00 27.69 ? 23  DT  C "C1'" 1 
ATOM   415 N  N1    . DT  C 1 3  ? 14.054  -17.369 -1.978  1.00 14.32 ? 23  DT  C N1    1 
ATOM   416 C  C2    . DT  C 1 3  ? 13.163  -17.376 -3.029  1.00 14.32 ? 23  DT  C C2    1 
ATOM   417 O  O2    . DT  C 1 3  ? 13.381  -16.828 -4.099  1.00 14.32 ? 23  DT  C O2    1 
ATOM   418 N  N3    . DT  C 1 3  ? 12.000  -18.039 -2.782  1.00 14.32 ? 23  DT  C N3    1 
ATOM   419 C  C4    . DT  C 1 3  ? 11.642  -18.654 -1.612  1.00 14.32 ? 23  DT  C C4    1 
ATOM   420 O  O4    . DT  C 1 3  ? 10.577  -19.222 -1.531  1.00 14.32 ? 23  DT  C O4    1 
ATOM   421 C  C5    . DT  C 1 3  ? 12.597  -18.571 -0.550  1.00 14.32 ? 23  DT  C C5    1 
ATOM   422 C  C7    . DT  C 1 3  ? 12.261  -19.196 0.758   1.00 14.32 ? 23  DT  C C7    1 
ATOM   423 C  C6    . DT  C 1 3  ? 13.743  -17.940 -0.776  1.00 14.32 ? 23  DT  C C6    1 
ATOM   424 P  P     . DG  C 1 4  ? 17.762  -13.459 -2.184  1.00 15.08 ? 24  DG  C P     1 
ATOM   425 O  OP1   . DG  C 1 4  ? 19.126  -13.072 -2.599  1.00 15.08 ? 24  DG  C OP1   1 
ATOM   426 O  OP2   . DG  C 1 4  ? 17.291  -13.150 -0.809  1.00 15.08 ? 24  DG  C OP2   1 
ATOM   427 O  "O5'" . DG  C 1 4  ? 16.744  -12.916 -3.270  1.00 15.08 ? 24  DG  C "O5'" 1 
ATOM   428 C  "C5'" . DG  C 1 4  ? 16.914  -13.311 -4.610  1.00 14.85 ? 24  DG  C "C5'" 1 
ATOM   429 C  "C4'" . DG  C 1 4  ? 15.673  -13.011 -5.409  1.00 14.85 ? 24  DG  C "C4'" 1 
ATOM   430 O  "O4'" . DG  C 1 4  ? 14.576  -13.884 -5.050  1.00 14.85 ? 24  DG  C "O4'" 1 
ATOM   431 C  "C3'" . DG  C 1 4  ? 15.159  -11.588 -5.273  1.00 14.85 ? 24  DG  C "C3'" 1 
ATOM   432 O  "O3'" . DG  C 1 4  ? 14.967  -11.087 -6.578  1.00 14.85 ? 24  DG  C "O3'" 1 
ATOM   433 C  "C2'" . DG  C 1 4  ? 13.849  -11.731 -4.514  1.00 14.85 ? 24  DG  C "C2'" 1 
ATOM   434 C  "C1'" . DG  C 1 4  ? 13.393  -13.133 -4.858  1.00 14.85 ? 24  DG  C "C1'" 1 
ATOM   435 N  N9    . DG  C 1 4  ? 12.619  -13.804 -3.818  1.00 13.64 ? 24  DG  C N9    1 
ATOM   436 C  C8    . DG  C 1 4  ? 13.000  -14.042 -2.522  1.00 13.64 ? 24  DG  C C8    1 
ATOM   437 N  N7    . DG  C 1 4  ? 12.090  -14.675 -1.830  1.00 13.64 ? 24  DG  C N7    1 
ATOM   438 C  C5    . DG  C 1 4  ? 11.045  -14.860 -2.725  1.00 13.64 ? 24  DG  C C5    1 
ATOM   439 C  C6    . DG  C 1 4  ? 9.781   -15.484 -2.552  1.00 13.64 ? 24  DG  C C6    1 
ATOM   440 O  O6    . DG  C 1 4  ? 9.310   -15.999 -1.531  1.00 13.64 ? 24  DG  C O6    1 
ATOM   441 N  N1    . DG  C 1 4  ? 9.042   -15.472 -3.725  1.00 13.64 ? 24  DG  C N1    1 
ATOM   442 C  C2    . DG  C 1 4  ? 9.462   -14.930 -4.908  1.00 13.64 ? 24  DG  C C2    1 
ATOM   443 N  N2    . DG  C 1 4  ? 8.630   -15.027 -5.948  1.00 13.64 ? 24  DG  C N2    1 
ATOM   444 N  N3    . DG  C 1 4  ? 10.623  -14.336 -5.076  1.00 13.64 ? 24  DG  C N3    1 
ATOM   445 C  C4    . DG  C 1 4  ? 11.359  -14.337 -3.954  1.00 13.64 ? 24  DG  C C4    1 
ATOM   446 P  P     . DT  C 1 5  ? 14.518  -9.577  -6.778  1.00 23.40 ? 25  DT  C P     1 
ATOM   447 O  OP1   . DT  C 1 5  ? 15.096  -9.120  -8.071  1.00 23.40 ? 25  DT  C OP1   1 
ATOM   448 O  OP2   . DT  C 1 5  ? 14.819  -8.839  -5.528  1.00 23.40 ? 25  DT  C OP2   1 
ATOM   449 O  "O5'" . DT  C 1 5  ? 12.945  -9.733  -6.940  1.00 23.40 ? 25  DT  C "O5'" 1 
ATOM   450 C  "C5'" . DT  C 1 5  ? 12.434  -10.519 -8.008  1.00 27.54 ? 25  DT  C "C5'" 1 
ATOM   451 C  "C4'" . DT  C 1 5  ? 10.928  -10.531 -7.986  1.00 27.54 ? 25  DT  C "C4'" 1 
ATOM   452 O  "O4'" . DT  C 1 5  ? 10.451  -11.288 -6.854  1.00 27.54 ? 25  DT  C "O4'" 1 
ATOM   453 C  "C3'" . DT  C 1 5  ? 10.259  -9.164  -7.880  1.00 27.54 ? 25  DT  C "C3'" 1 
ATOM   454 O  "O3'" . DT  C 1 5  ? 9.076   -9.211  -8.658  1.00 27.54 ? 25  DT  C "O3'" 1 
ATOM   455 C  "C2'" . DT  C 1 5  ? 9.861   -9.095  -6.418  1.00 27.54 ? 25  DT  C "C2'" 1 
ATOM   456 C  "C1'" . DT  C 1 5  ? 9.454   -10.530 -6.198  1.00 27.54 ? 25  DT  C "C1'" 1 
ATOM   457 N  N1    . DT  C 1 5  ? 9.362   -11.006 -4.813  1.00 13.64 ? 25  DT  C N1    1 
ATOM   458 C  C2    . DT  C 1 5  ? 8.302   -11.815 -4.519  1.00 13.64 ? 25  DT  C C2    1 
ATOM   459 O  O2    . DT  C 1 5  ? 7.441   -12.085 -5.334  1.00 13.64 ? 25  DT  C O2    1 
ATOM   460 N  N3    . DT  C 1 5  ? 8.278   -12.295 -3.244  1.00 13.64 ? 25  DT  C N3    1 
ATOM   461 C  C4    . DT  C 1 5  ? 9.182   -12.029 -2.259  1.00 13.64 ? 25  DT  C C4    1 
ATOM   462 O  O4    . DT  C 1 5  ? 9.055   -12.540 -1.166  1.00 13.64 ? 25  DT  C O4    1 
ATOM   463 C  C5    . DT  C 1 5  ? 10.244  -11.139 -2.619  1.00 13.64 ? 25  DT  C C5    1 
ATOM   464 C  C7    . DT  C 1 5  ? 11.239  -10.759 -1.572  1.00 13.64 ? 25  DT  C C7    1 
ATOM   465 C  C6    . DT  C 1 5  ? 10.293  -10.681 -3.866  1.00 13.64 ? 25  DT  C C6    1 
ATOM   466 P  P     . DA  C 1 6  ? 8.557   -7.898  -9.388  1.00 27.94 ? 26  DA  C P     1 
ATOM   467 O  OP1   . DA  C 1 6  ? 9.054   -7.982  -10.780 1.00 27.94 ? 26  DA  C OP1   1 
ATOM   468 O  OP2   . DA  C 1 6  ? 8.901   -6.731  -8.536  1.00 27.94 ? 26  DA  C OP2   1 
ATOM   469 O  "O5'" . DA  C 1 6  ? 6.985   -8.109  -9.442  1.00 27.94 ? 26  DA  C "O5'" 1 
ATOM   470 C  "C5'" . DA  C 1 6  ? 6.457   -9.306  -9.995  1.00 13.64 ? 26  DA  C "C5'" 1 
ATOM   471 C  "C4'" . DA  C 1 6  ? 5.150   -9.666  -9.327  1.00 13.64 ? 26  DA  C "C4'" 1 
ATOM   472 O  "O4'" . DA  C 1 6  ? 5.325   -10.099 -7.956  1.00 13.64 ? 26  DA  C "O4'" 1 
ATOM   473 C  "C3'" . DA  C 1 6  ? 4.151   -8.524  -9.271  1.00 13.64 ? 26  DA  C "C3'" 1 
ATOM   474 O  "O3'" . DA  C 1 6  ? 2.872   -9.031  -9.600  1.00 13.64 ? 26  DA  C "O3'" 1 
ATOM   475 C  "C2'" . DA  C 1 6  ? 4.195   -8.078  -7.820  1.00 13.64 ? 26  DA  C "C2'" 1 
ATOM   476 C  "C1'" . DA  C 1 6  ? 4.465   -9.377  -7.091  1.00 13.64 ? 26  DA  C "C1'" 1 
ATOM   477 N  N9    . DA  C 1 6  ? 5.162   -9.241  -5.815  1.00 13.64 ? 26  DA  C N9    1 
ATOM   478 C  C8    . DA  C 1 6  ? 6.370   -8.643  -5.622  1.00 13.64 ? 26  DA  C C8    1 
ATOM   479 N  N7    . DA  C 1 6  ? 6.820   -8.748  -4.393  1.00 13.64 ? 26  DA  C N7    1 
ATOM   480 C  C5    . DA  C 1 6  ? 5.827   -9.452  -3.729  1.00 13.64 ? 26  DA  C C5    1 
ATOM   481 C  C6    . DA  C 1 6  ? 5.722   -9.927  -2.403  1.00 13.64 ? 26  DA  C C6    1 
ATOM   482 N  N6    . DA  C 1 6  ? 6.648   -9.741  -1.475  1.00 13.64 ? 26  DA  C N6    1 
ATOM   483 N  N1    . DA  C 1 6  ? 4.621   -10.606 -2.067  1.00 13.64 ? 26  DA  C N1    1 
ATOM   484 C  C2    . DA  C 1 6  ? 3.687   -10.782 -2.992  1.00 13.64 ? 26  DA  C C2    1 
ATOM   485 N  N3    . DA  C 1 6  ? 3.664   -10.388 -4.270  1.00 13.64 ? 26  DA  C N3    1 
ATOM   486 C  C4    . DA  C 1 6  ? 4.784   -9.730  -4.584  1.00 13.64 ? 26  DA  C C4    1 
ATOM   487 P  P     . DC  C 1 7  ? 1.672   -8.013  -9.807  1.00 37.55 ? 27  DC  C P     1 
ATOM   488 O  OP1   . DC  C 1 7  ? 0.794   -8.521  -10.886 1.00 37.55 ? 27  DC  C OP1   1 
ATOM   489 O  OP2   . DC  C 1 7  ? 2.242   -6.641  -9.880  1.00 37.55 ? 27  DC  C OP2   1 
ATOM   490 O  "O5'" . DC  C 1 7  ? 0.884   -8.156  -8.454  1.00 37.55 ? 27  DC  C "O5'" 1 
ATOM   491 C  "C5'" . DC  C 1 7  ? 0.227   -9.360  -8.166  1.00 13.78 ? 27  DC  C "C5'" 1 
ATOM   492 C  "C4'" . DC  C 1 7  ? -0.493  -9.215  -6.857  1.00 13.78 ? 27  DC  C "C4'" 1 
ATOM   493 O  "O4'" . DC  C 1 7  ? 0.474   -9.215  -5.778  1.00 13.78 ? 27  DC  C "O4'" 1 
ATOM   494 C  "C3'" . DC  C 1 7  ? -1.232  -7.884  -6.772  1.00 13.78 ? 27  DC  C "C3'" 1 
ATOM   495 O  "O3'" . DC  C 1 7  ? -2.572  -8.101  -6.343  1.00 13.78 ? 27  DC  C "O3'" 1 
ATOM   496 C  "C2'" . DC  C 1 7  ? -0.421  -7.080  -5.773  1.00 13.78 ? 27  DC  C "C2'" 1 
ATOM   497 C  "C1'" . DC  C 1 7  ? 0.171   -8.166  -4.903  1.00 13.78 ? 27  DC  C "C1'" 1 
ATOM   498 N  N1    . DC  C 1 7  ? 1.390   -7.804  -4.165  1.00 13.64 ? 27  DC  C N1    1 
ATOM   499 C  C2    . DC  C 1 7  ? 1.522   -8.268  -2.870  1.00 13.64 ? 27  DC  C C2    1 
ATOM   500 O  O2    . DC  C 1 7  ? 0.647   -9.023  -2.420  1.00 13.64 ? 27  DC  C O2    1 
ATOM   501 N  N3    . DC  C 1 7  ? 2.589   -7.887  -2.134  1.00 13.64 ? 27  DC  C N3    1 
ATOM   502 C  C4    . DC  C 1 7  ? 3.500   -7.077  -2.659  1.00 13.64 ? 27  DC  C C4    1 
ATOM   503 N  N4    . DC  C 1 7  ? 4.508   -6.700  -1.885  1.00 13.64 ? 27  DC  C N4    1 
ATOM   504 C  C5    . DC  C 1 7  ? 3.410   -6.613  -3.997  1.00 13.64 ? 27  DC  C C5    1 
ATOM   505 C  C6    . DC  C 1 7  ? 2.352   -7.005  -4.712  1.00 13.64 ? 27  DC  C C6    1 
ATOM   506 P  P     . DA  C 1 8  ? -3.429  -6.878  -5.792  1.00 35.73 ? 28  DA  C P     1 
ATOM   507 O  OP1   . DA  C 1 8  ? -4.812  -7.013  -6.320  1.00 35.73 ? 28  DA  C OP1   1 
ATOM   508 O  OP2   . DA  C 1 8  ? -2.678  -5.615  -6.002  1.00 35.73 ? 28  DA  C OP2   1 
ATOM   509 O  "O5'" . DA  C 1 8  ? -3.456  -7.229  -4.247  1.00 35.73 ? 28  DA  C "O5'" 1 
ATOM   510 C  "C5'" . DA  C 1 8  ? -3.675  -8.580  -3.831  1.00 13.64 ? 28  DA  C "C5'" 1 
ATOM   511 C  "C4'" . DA  C 1 8  ? -4.110  -8.611  -2.384  1.00 13.64 ? 28  DA  C "C4'" 1 
ATOM   512 O  "O4'" . DA  C 1 8  ? -2.975  -8.394  -1.516  1.00 13.64 ? 28  DA  C "O4'" 1 
ATOM   513 C  "C3'" . DA  C 1 8  ? -5.106  -7.511  -2.054  1.00 13.64 ? 28  DA  C "C3'" 1 
ATOM   514 O  "O3'" . DA  C 1 8  ? -6.045  -7.981  -1.111  1.00 13.64 ? 28  DA  C "O3'" 1 
ATOM   515 C  "C2'" . DA  C 1 8  ? -4.239  -6.394  -1.500  1.00 13.64 ? 28  DA  C "C2'" 1 
ATOM   516 C  "C1'" . DA  C 1 8  ? -3.049  -7.120  -0.892  1.00 13.64 ? 28  DA  C "C1'" 1 
ATOM   517 N  N9    . DA  C 1 8  ? -1.769  -6.458  -1.130  1.00 13.64 ? 28  DA  C N9    1 
ATOM   518 C  C8    . DA  C 1 8  ? -1.276  -5.984  -2.312  1.00 13.64 ? 28  DA  C C8    1 
ATOM   519 N  N7    . DA  C 1 8  ? -0.078  -5.467  -2.214  1.00 13.64 ? 28  DA  C N7    1 
ATOM   520 C  C5    . DA  C 1 8  ? 0.233   -5.608  -0.875  1.00 13.64 ? 28  DA  C C5    1 
ATOM   521 C  C6    . DA  C 1 8  ? 1.359   -5.260  -0.135  1.00 13.64 ? 28  DA  C C6    1 
ATOM   522 N  N6    . DA  C 1 8  ? 2.422   -4.665  -0.649  1.00 13.64 ? 28  DA  C N6    1 
ATOM   523 N  N1    . DA  C 1 8  ? 1.359   -5.538  1.176   1.00 13.64 ? 28  DA  C N1    1 
ATOM   524 C  C2    . DA  C 1 8  ? 0.278   -6.118  1.701   1.00 13.64 ? 28  DA  C C2    1 
ATOM   525 N  N3    . DA  C 1 8  ? -0.850  -6.489  1.109   1.00 13.64 ? 28  DA  C N3    1 
ATOM   526 C  C4    . DA  C 1 8  ? -0.802  -6.207  -0.196  1.00 13.64 ? 28  DA  C C4    1 
ATOM   527 P  P     . DC  C 1 9  ? -7.113  -6.967  -0.509  1.00 13.64 ? 29  DC  C P     1 
ATOM   528 O  OP1   . DC  C 1 9  ? -8.159  -7.762  0.176   1.00 13.64 ? 29  DC  C OP1   1 
ATOM   529 O  OP2   . DC  C 1 9  ? -7.490  -6.001  -1.566  1.00 13.64 ? 29  DC  C OP2   1 
ATOM   530 O  "O5'" . DC  C 1 9  ? -6.299  -6.214  0.624   1.00 13.64 ? 29  DC  C "O5'" 1 
ATOM   531 C  "C5'" . DC  C 1 9  ? -6.128  -6.825  1.884   1.00 13.64 ? 29  DC  C "C5'" 1 
ATOM   532 C  "C4'" . DC  C 1 9  ? -5.527  -5.843  2.855   1.00 13.64 ? 29  DC  C "C4'" 1 
ATOM   533 O  "O4'" . DC  C 1 9  ? -4.228  -5.446  2.373   1.00 13.64 ? 29  DC  C "O4'" 1 
ATOM   534 C  "C3'" . DC  C 1 9  ? -6.303  -4.541  3.052   1.00 13.64 ? 29  DC  C "C3'" 1 
ATOM   535 O  "O3'" . DC  C 1 9  ? -6.112  -4.116  4.401   1.00 13.64 ? 29  DC  C "O3'" 1 
ATOM   536 C  "C2'" . DC  C 1 9  ? -5.547  -3.575  2.165   1.00 13.64 ? 29  DC  C "C2'" 1 
ATOM   537 C  "C1'" . DC  C 1 9  ? -4.147  -4.049  2.432   1.00 13.64 ? 29  DC  C "C1'" 1 
ATOM   538 N  N1    . DC  C 1 9  ? -3.120  -3.617  1.499   1.00 13.64 ? 29  DC  C N1    1 
ATOM   539 C  C2    . DC  C 1 9  ? -1.862  -3.394  2.003   1.00 13.64 ? 29  DC  C C2    1 
ATOM   540 O  O2    . DC  C 1 9  ? -1.671  -3.614  3.190   1.00 13.64 ? 29  DC  C O2    1 
ATOM   541 N  N3    . DC  C 1 9  ? -0.888  -2.952  1.199   1.00 13.64 ? 29  DC  C N3    1 
ATOM   542 C  C4    . DC  C 1 9  ? -1.141  -2.741  -0.083  1.00 13.64 ? 29  DC  C C4    1 
ATOM   543 N  N4    . DC  C 1 9  ? -0.159  -2.277  -0.825  1.00 13.64 ? 29  DC  C N4    1 
ATOM   544 C  C5    . DC  C 1 9  ? -2.423  -2.990  -0.651  1.00 13.64 ? 29  DC  C C5    1 
ATOM   545 C  C6    . DC  C 1 9  ? -3.380  -3.425  0.173   1.00 13.64 ? 29  DC  C C6    1 
ATOM   546 P  P     . DG  C 1 10 ? -7.325  -3.446  5.209   1.00 16.19 ? 30  DG  C P     1 
ATOM   547 O  OP1   . DG  C 1 10 ? -6.991  -3.598  6.655   1.00 16.19 ? 30  DG  C OP1   1 
ATOM   548 O  OP2   . DG  C 1 10 ? -8.594  -4.032  4.664   1.00 16.19 ? 30  DG  C OP2   1 
ATOM   549 O  "O5'" . DG  C 1 10 ? -7.192  -1.895  4.885   1.00 16.19 ? 30  DG  C "O5'" 1 
ATOM   550 C  "C5'" . DG  C 1 10 ? -5.931  -1.269  5.003   1.00 13.64 ? 30  DG  C "C5'" 1 
ATOM   551 C  "C4'" . DG  C 1 10 ? -6.042  0.198   4.676   1.00 13.64 ? 30  DG  C "C4'" 1 
ATOM   552 O  "O4'" . DG  C 1 10 ? -6.626  0.341   3.360   1.00 13.64 ? 30  DG  C "O4'" 1 
ATOM   553 C  "C3'" . DG  C 1 10 ? -6.922  1.018   5.613   1.00 13.64 ? 30  DG  C "C3'" 1 
ATOM   554 O  "O3'" . DG  C 1 10 ? -6.436  2.366   5.624   1.00 13.64 ? 30  DG  C "O3'" 1 
ATOM   555 C  "C2'" . DG  C 1 10 ? -8.276  0.978   4.934   1.00 13.64 ? 30  DG  C "C2'" 1 
ATOM   556 C  "C1'" . DG  C 1 10 ? -7.962  0.799   3.447   1.00 13.64 ? 30  DG  C "C1'" 1 
ATOM   557 N  N9    . DG  C 1 10 ? -8.779  -0.258  2.872   1.00 18.18 ? 30  DG  C N9    1 
ATOM   558 C  C8    . DG  C 1 10 ? -9.972  -0.734  3.358   1.00 18.18 ? 30  DG  C C8    1 
ATOM   559 N  N7    . DG  C 1 10 ? -10.444 -1.731  2.669   1.00 18.18 ? 30  DG  C N7    1 
ATOM   560 C  C5    . DG  C 1 10 ? -9.514  -1.914  1.661   1.00 18.18 ? 30  DG  C C5    1 
ATOM   561 C  C6    . DG  C 1 10 ? -9.490  -2.841  0.635   1.00 18.18 ? 30  DG  C C6    1 
ATOM   562 O  O6    . DG  C 1 10 ? -10.310 -3.715  0.384   1.00 18.18 ? 30  DG  C O6    1 
ATOM   563 N  N1    . DG  C 1 10 ? -8.367  -2.698  -0.163  1.00 18.18 ? 30  DG  C N1    1 
ATOM   564 C  C2    . DG  C 1 10 ? -7.393  -1.770  0.014   1.00 18.18 ? 30  DG  C C2    1 
ATOM   565 N  N2    . DG  C 1 10 ? -6.393  -1.819  -0.866  1.00 18.18 ? 30  DG  C N2    1 
ATOM   566 N  N3    . DG  C 1 10 ? -7.402  -0.875  0.981   1.00 18.18 ? 30  DG  C N3    1 
ATOM   567 C  C4    . DG  C 1 10 ? -8.487  -1.007  1.765   1.00 18.18 ? 30  DG  C C4    1 
ATOM   568 O  "O5'" . DC  D 1 1  ? 11.845  -0.816  5.850   1.00 42.22 ? 31  DC  D "O5'" 1 
ATOM   569 C  "C5'" . DC  D 1 1  ? 11.371  -0.037  6.974   1.00 16.40 ? 31  DC  D "C5'" 1 
ATOM   570 C  "C4'" . DC  D 1 1  ? 11.193  1.405   6.569   1.00 16.40 ? 31  DC  D "C4'" 1 
ATOM   571 O  "O4'" . DC  D 1 1  ? 12.499  2.019   6.491   1.00 16.40 ? 31  DC  D "O4'" 1 
ATOM   572 C  "C3'" . DC  D 1 1  ? 10.580  1.553   5.179   1.00 16.40 ? 31  DC  D "C3'" 1 
ATOM   573 O  "O3'" . DC  D 1 1  ? 9.811   2.740   5.089   1.00 16.40 ? 31  DC  D "O3'" 1 
ATOM   574 C  "C2'" . DC  D 1 1  ? 11.786  1.742   4.296   1.00 16.40 ? 31  DC  D "C2'" 1 
ATOM   575 C  "C1'" . DC  D 1 1  ? 12.663  2.568   5.202   1.00 16.40 ? 31  DC  D "C1'" 1 
ATOM   576 N  N1    . DC  D 1 1  ? 14.065  2.479   4.846   1.00 22.56 ? 31  DC  D N1    1 
ATOM   577 C  C2    . DC  D 1 1  ? 14.696  3.614   4.416   1.00 22.56 ? 31  DC  D C2    1 
ATOM   578 O  O2    . DC  D 1 1  ? 14.067  4.664   4.428   1.00 22.56 ? 31  DC  D O2    1 
ATOM   579 N  N3    . DC  D 1 1  ? 15.966  3.552   4.006   1.00 22.56 ? 31  DC  D N3    1 
ATOM   580 C  C4    . DC  D 1 1  ? 16.609  2.393   4.039   1.00 22.56 ? 31  DC  D C4    1 
ATOM   581 N  N4    . DC  D 1 1  ? 17.870  2.361   3.610   1.00 22.56 ? 31  DC  D N4    1 
ATOM   582 C  C5    . DC  D 1 1  ? 15.990  1.207   4.512   1.00 22.56 ? 31  DC  D C5    1 
ATOM   583 C  C6    . DC  D 1 1  ? 14.728  1.296   4.905   1.00 22.56 ? 31  DC  D C6    1 
ATOM   584 P  P     . DG  D 1 2  ? 8.330   2.662   4.499   1.00 14.80 ? 32  DG  D P     1 
ATOM   585 O  OP1   . DG  D 1 2  ? 8.344   1.595   3.461   1.00 14.80 ? 32  DG  D OP1   1 
ATOM   586 O  OP2   . DG  D 1 2  ? 7.791   4.014   4.158   1.00 14.80 ? 32  DG  D OP2   1 
ATOM   587 O  "O5'" . DG  D 1 2  ? 7.540   2.123   5.761   1.00 14.80 ? 32  DG  D "O5'" 1 
ATOM   588 C  "C5'" . DG  D 1 2  ? 6.303   1.502   5.598   1.00 17.47 ? 32  DG  D "C5'" 1 
ATOM   589 C  "C4'" . DG  D 1 2  ? 6.111   0.477   6.680   1.00 17.47 ? 32  DG  D "C4'" 1 
ATOM   590 O  "O4'" . DG  D 1 2  ? 4.960   -0.283  6.284   1.00 17.47 ? 32  DG  D "O4'" 1 
ATOM   591 C  "C3'" . DG  D 1 2  ? 7.226   -0.547  6.782   1.00 17.47 ? 32  DG  D "C3'" 1 
ATOM   592 O  "O3'" . DG  D 1 2  ? 7.175   -1.093  8.102   1.00 17.47 ? 32  DG  D "O3'" 1 
ATOM   593 C  "C2'" . DG  D 1 2  ? 6.867   -1.535  5.685   1.00 17.47 ? 32  DG  D "C2'" 1 
ATOM   594 C  "C1'" . DG  D 1 2  ? 5.348   -1.432  5.575   1.00 17.47 ? 32  DG  D "C1'" 1 
ATOM   595 N  N9    . DG  D 1 2  ? 4.826   -1.251  4.234   1.00 13.64 ? 32  DG  D N9    1 
ATOM   596 C  C8    . DG  D 1 2  ? 5.431   -0.617  3.191   1.00 13.64 ? 32  DG  D C8    1 
ATOM   597 N  N7    . DG  D 1 2  ? 4.700   -0.597  2.115   1.00 13.64 ? 32  DG  D N7    1 
ATOM   598 C  C5    . DG  D 1 2  ? 3.546   -1.261  2.480   1.00 13.64 ? 32  DG  D C5    1 
ATOM   599 C  C6    . DG  D 1 2  ? 2.381   -1.548  1.734   1.00 13.64 ? 32  DG  D C6    1 
ATOM   600 O  O6    . DG  D 1 2  ? 2.129   -1.259  0.549   1.00 13.64 ? 32  DG  D O6    1 
ATOM   601 N  N1    . DG  D 1 2  ? 1.448   -2.240  2.501   1.00 13.64 ? 32  DG  D N1    1 
ATOM   602 C  C2    . DG  D 1 2  ? 1.622   -2.598  3.811   1.00 13.64 ? 32  DG  D C2    1 
ATOM   603 N  N2    . DG  D 1 2  ? 0.628   -3.264  4.376   1.00 13.64 ? 32  DG  D N2    1 
ATOM   604 N  N3    . DG  D 1 2  ? 2.699   -2.325  4.512   1.00 13.64 ? 32  DG  D N3    1 
ATOM   605 C  C4    . DG  D 1 2  ? 3.613   -1.664  3.787   1.00 13.64 ? 32  DG  D C4    1 
ATOM   606 P  P     . DT  D 1 3  ? 7.944   -2.459  8.443   1.00 37.85 ? 33  DT  D P     1 
ATOM   607 O  OP1   . DT  D 1 3  ? 8.150   -2.434  9.917   1.00 37.85 ? 33  DT  D OP1   1 
ATOM   608 O  OP2   . DT  D 1 3  ? 9.097   -2.687  7.534   1.00 37.85 ? 33  DT  D OP2   1 
ATOM   609 O  "O5'" . DT  D 1 3  ? 6.872   -3.584  8.124   1.00 37.85 ? 33  DT  D "O5'" 1 
ATOM   610 C  "C5'" . DT  D 1 3  ? 5.667   -3.625  8.854   1.00 13.64 ? 33  DT  D "C5'" 1 
ATOM   611 C  "C4'" . DT  D 1 3  ? 4.854   -4.823  8.445   1.00 13.64 ? 33  DT  D "C4'" 1 
ATOM   612 O  "O4'" . DT  D 1 3  ? 4.304   -4.654  7.119   1.00 13.64 ? 33  DT  D "O4'" 1 
ATOM   613 C  "C3'" . DT  D 1 3  ? 5.598   -6.146  8.418   1.00 13.64 ? 33  DT  D "C3'" 1 
ATOM   614 O  "O3'" . DT  D 1 3  ? 4.661   -7.111  8.895   1.00 13.64 ? 33  DT  D "O3'" 1 
ATOM   615 C  "C2'" . DT  D 1 3  ? 5.852   -6.345  6.934   1.00 13.64 ? 33  DT  D "C2'" 1 
ATOM   616 C  "C1'" . DT  D 1 3  ? 4.575   -5.797  6.348   1.00 13.64 ? 33  DT  D "C1'" 1 
ATOM   617 N  N1    . DT  D 1 3  ? 4.619   -5.377  4.941   1.00 13.64 ? 33  DT  D N1    1 
ATOM   618 C  C2    . DT  D 1 3  ? 3.473   -5.524  4.185   1.00 13.64 ? 33  DT  D C2    1 
ATOM   619 O  O2    . DT  D 1 3  ? 2.465   -6.054  4.598   1.00 13.64 ? 33  DT  D O2    1 
ATOM   620 N  N3    . DT  D 1 3  ? 3.559   -5.020  2.916   1.00 13.64 ? 33  DT  D N3    1 
ATOM   621 C  C4    . DT  D 1 3  ? 4.647   -4.409  2.339   1.00 13.64 ? 33  DT  D C4    1 
ATOM   622 O  O4    . DT  D 1 3  ? 4.561   -3.938  1.231   1.00 13.64 ? 33  DT  D O4    1 
ATOM   623 C  C5    . DT  D 1 3  ? 5.821   -4.354  3.141   1.00 13.64 ? 33  DT  D C5    1 
ATOM   624 C  C7    . DT  D 1 3  ? 7.058   -3.784  2.536   1.00 13.64 ? 33  DT  D C7    1 
ATOM   625 C  C6    . DT  D 1 3  ? 5.761   -4.826  4.397   1.00 13.64 ? 33  DT  D C6    1 
ATOM   626 P  P     . DG  D 1 4  ? 5.092   -8.644  9.101   1.00 26.59 ? 34  DG  D P     1 
ATOM   627 O  OP1   . DG  D 1 4  ? 4.975   -8.855  10.573  1.00 26.59 ? 34  DG  D OP1   1 
ATOM   628 O  OP2   . DG  D 1 4  ? 6.364   -8.971  8.385   1.00 26.59 ? 34  DG  D OP2   1 
ATOM   629 O  "O5'" . DG  D 1 4  ? 3.931   -9.444  8.370   1.00 26.59 ? 34  DG  D "O5'" 1 
ATOM   630 C  "C5'" . DG  D 1 4  ? 2.576   -9.148  8.647   1.00 13.90 ? 34  DG  D "C5'" 1 
ATOM   631 C  "C4'" . DG  D 1 4  ? 1.692   -9.919  7.703   1.00 13.90 ? 34  DG  D "C4'" 1 
ATOM   632 O  "O4'" . DG  D 1 4  ? 1.759   -9.360  6.368   1.00 13.90 ? 34  DG  D "O4'" 1 
ATOM   633 C  "C3'" . DG  D 1 4  ? 2.101   -11.377 7.568   1.00 13.90 ? 34  DG  D "C3'" 1 
ATOM   634 O  "O3'" . DG  D 1 4  ? 0.935   -12.191 7.549   1.00 13.90 ? 34  DG  D "O3'" 1 
ATOM   635 C  "C2'" . DG  D 1 4  ? 2.837   -11.426 6.241   1.00 13.90 ? 34  DG  D "C2'" 1 
ATOM   636 C  "C1'" . DG  D 1 4  ? 2.174   -10.328 5.425   1.00 13.90 ? 34  DG  D "C1'" 1 
ATOM   637 N  N9    . DG  D 1 4  ? 3.068   -9.661  4.479   1.00 13.64 ? 34  DG  D N9    1 
ATOM   638 C  C8    . DG  D 1 4  ? 4.314   -9.164  4.743   1.00 13.64 ? 34  DG  D C8    1 
ATOM   639 N  N7    . DG  D 1 4  ? 4.878   -8.624  3.701   1.00 13.64 ? 34  DG  D N7    1 
ATOM   640 C  C5    . DG  D 1 4  ? 3.949   -8.769  2.691   1.00 13.64 ? 34  DG  D C5    1 
ATOM   641 C  C6    . DG  D 1 4  ? 4.000   -8.370  1.336   1.00 13.64 ? 34  DG  D C6    1 
ATOM   642 O  O6    . DG  D 1 4  ? 4.908   -7.810  0.736   1.00 13.64 ? 34  DG  D O6    1 
ATOM   643 N  N1    . DG  D 1 4  ? 2.838   -8.695  0.664   1.00 13.64 ? 34  DG  D N1    1 
ATOM   644 C  C2    . DG  D 1 4  ? 1.774   -9.342  1.218   1.00 13.64 ? 34  DG  D C2    1 
ATOM   645 N  N2    . DG  D 1 4  ? 0.755   -9.590  0.410   1.00 13.64 ? 34  DG  D N2    1 
ATOM   646 N  N3    . DG  D 1 4  ? 1.713   -9.725  2.477   1.00 13.64 ? 34  DG  D N3    1 
ATOM   647 C  C4    . DG  D 1 4  ? 2.827   -9.406  3.152   1.00 13.64 ? 34  DG  D C4    1 
ATOM   648 P  P     . DT  D 1 5  ? 1.086   -13.764 7.338   1.00 21.53 ? 35  DT  D P     1 
ATOM   649 O  OP1   . DT  D 1 5  ? -0.089  -14.436 7.952   1.00 21.53 ? 35  DT  D OP1   1 
ATOM   650 O  OP2   . DT  D 1 5  ? 2.470   -14.124 7.752   1.00 21.53 ? 35  DT  D OP2   1 
ATOM   651 O  "O5'" . DT  D 1 5  ? 0.980   -13.919 5.768   1.00 21.53 ? 35  DT  D "O5'" 1 
ATOM   652 C  "C5'" . DT  D 1 5  ? -0.157  -13.440 5.094   1.00 24.67 ? 35  DT  D "C5'" 1 
ATOM   653 C  "C4'" . DT  D 1 5  ? -0.049  -13.769 3.632   1.00 24.67 ? 35  DT  D "C4'" 1 
ATOM   654 O  "O4'" . DT  D 1 5  ? 0.916   -12.908 2.987   1.00 24.67 ? 35  DT  D "O4'" 1 
ATOM   655 C  "C3'" . DT  D 1 5  ? 0.442   -15.188 3.394   1.00 24.67 ? 35  DT  D "C3'" 1 
ATOM   656 O  "O3'" . DT  D 1 5  ? -0.211  -15.684 2.248   1.00 24.67 ? 35  DT  D "O3'" 1 
ATOM   657 C  "C2'" . DT  D 1 5  ? 1.911   -14.991 3.070   1.00 24.67 ? 35  DT  D "C2'" 1 
ATOM   658 C  "C1'" . DT  D 1 5  ? 1.822   -13.716 2.275   1.00 24.67 ? 35  DT  D "C1'" 1 
ATOM   659 N  N1    . DT  D 1 5  ? 3.054   -12.957 2.062   1.00 13.64 ? 35  DT  D N1    1 
ATOM   660 C  C2    . DT  D 1 5  ? 3.192   -12.452 0.806   1.00 13.64 ? 35  DT  D C2    1 
ATOM   661 O  O2    . DT  D 1 5  ? 2.345   -12.628 -0.059  1.00 13.64 ? 35  DT  D O2    1 
ATOM   662 N  N3    . DT  D 1 5  ? 4.345   -11.727 0.594   1.00 13.64 ? 35  DT  D N3    1 
ATOM   663 C  C4    . DT  D 1 5  ? 5.343   -11.473 1.516   1.00 13.64 ? 35  DT  D C4    1 
ATOM   664 O  O4    . DT  D 1 5  ? 6.305   -10.778 1.202   1.00 13.64 ? 35  DT  D O4    1 
ATOM   665 C  C5    . DT  D 1 5  ? 5.139   -12.063 2.817   1.00 13.64 ? 35  DT  D C5    1 
ATOM   666 C  C7    . DT  D 1 5  ? 6.198   -11.891 3.849   1.00 13.64 ? 35  DT  D C7    1 
ATOM   667 C  C6    . DT  D 1 5  ? 4.012   -12.757 3.031   1.00 13.64 ? 35  DT  D C6    1 
ATOM   668 P  P     . DA  D 1 6  ? -0.428  -17.247 2.091   1.00 41.49 ? 36  DA  D P     1 
ATOM   669 O  OP1   . DA  D 1 6  ? -1.774  -17.505 2.664   1.00 41.49 ? 36  DA  D OP1   1 
ATOM   670 O  OP2   . DA  D 1 6  ? 0.759   -17.986 2.594   1.00 41.49 ? 36  DA  D OP2   1 
ATOM   671 O  "O5'" . DA  D 1 6  ? -0.517  -17.401 0.519   1.00 41.49 ? 36  DA  D "O5'" 1 
ATOM   672 C  "C5'" . DA  D 1 6  ? -1.353  -16.528 -0.209  1.00 20.39 ? 36  DA  D "C5'" 1 
ATOM   673 C  "C4'" . DA  D 1 6  ? -0.790  -16.303 -1.587  1.00 20.39 ? 36  DA  D "C4'" 1 
ATOM   674 O  "O4'" . DA  D 1 6  ? 0.437   -15.535 -1.557  1.00 20.39 ? 36  DA  D "O4'" 1 
ATOM   675 C  "C3'" . DA  D 1 6  ? -0.470  -17.585 -2.339  1.00 20.39 ? 36  DA  D "C3'" 1 
ATOM   676 O  "O3'" . DA  D 1 6  ? -0.927  -17.394 -3.676  1.00 20.39 ? 36  DA  D "O3'" 1 
ATOM   677 C  "C2'" . DA  D 1 6  ? 1.046   -17.683 -2.245  1.00 20.39 ? 36  DA  D "C2'" 1 
ATOM   678 C  "C1'" . DA  D 1 6  ? 1.472   -16.220 -2.248  1.00 20.39 ? 36  DA  D "C1'" 1 
ATOM   679 N  N9    . DA  D 1 6  ? 2.732   -15.903 -1.569  1.00 13.64 ? 36  DA  D N9    1 
ATOM   680 C  C8    . DA  D 1 6  ? 3.056   -16.181 -0.266  1.00 13.64 ? 36  DA  D C8    1 
ATOM   681 N  N7    . DA  D 1 6  ? 4.208   -15.686 0.112   1.00 13.64 ? 36  DA  D N7    1 
ATOM   682 C  C5    . DA  D 1 6  ? 4.686   -15.057 -1.020  1.00 13.64 ? 36  DA  D C5    1 
ATOM   683 C  C6    . DA  D 1 6  ? 5.843   -14.312 -1.249  1.00 13.64 ? 36  DA  D C6    1 
ATOM   684 N  N6    . DA  D 1 6  ? 6.756   -14.093 -0.308  1.00 13.64 ? 36  DA  D N6    1 
ATOM   685 N  N1    . DA  D 1 6  ? 6.035   -13.796 -2.486  1.00 13.64 ? 36  DA  D N1    1 
ATOM   686 C  C2    . DA  D 1 6  ? 5.105   -14.037 -3.426  1.00 13.64 ? 36  DA  D C2    1 
ATOM   687 N  N3    . DA  D 1 6  ? 3.961   -14.731 -3.326  1.00 13.64 ? 36  DA  D N3    1 
ATOM   688 C  C4    . DA  D 1 6  ? 3.806   -15.211 -2.077  1.00 13.64 ? 36  DA  D C4    1 
ATOM   689 P  P     . DC  D 1 7  ? -0.972  -18.626 -4.680  1.00 50.17 ? 37  DC  D P     1 
ATOM   690 O  OP1   . DC  D 1 7  ? -2.247  -18.517 -5.442  1.00 50.17 ? 37  DC  D OP1   1 
ATOM   691 O  OP2   . DC  D 1 7  ? -0.660  -19.857 -3.910  1.00 50.17 ? 37  DC  D OP2   1 
ATOM   692 O  "O5'" . DC  D 1 7  ? 0.262   -18.323 -5.626  1.00 50.17 ? 37  DC  D "O5'" 1 
ATOM   693 C  "C5'" . DC  D 1 7  ? 0.434   -17.029 -6.203  1.00 39.01 ? 37  DC  D "C5'" 1 
ATOM   694 C  "C4'" . DC  D 1 7  ? 1.738   -16.980 -6.959  1.00 39.01 ? 37  DC  D "C4'" 1 
ATOM   695 O  "O4'" . DC  D 1 7  ? 2.832   -16.632 -6.075  1.00 39.01 ? 37  DC  D "O4'" 1 
ATOM   696 C  "C3'" . DC  D 1 7  ? 2.095   -18.336 -7.562  1.00 39.01 ? 37  DC  D "C3'" 1 
ATOM   697 O  "O3'" . DC  D 1 7  ? 2.602   -18.168 -8.872  1.00 39.01 ? 37  DC  D "O3'" 1 
ATOM   698 C  "C2'" . DC  D 1 7  ? 3.163   -18.875 -6.627  1.00 39.01 ? 37  DC  D "C2'" 1 
ATOM   699 C  "C1'" . DC  D 1 7  ? 3.857   -17.602 -6.199  1.00 39.01 ? 37  DC  D "C1'" 1 
ATOM   700 N  N1    . DC  D 1 7  ? 4.587   -17.663 -4.925  1.00 17.77 ? 37  DC  D N1    1 
ATOM   701 C  C2    . DC  D 1 7  ? 5.772   -16.956 -4.824  1.00 17.77 ? 37  DC  D C2    1 
ATOM   702 O  O2    . DC  D 1 7  ? 6.152   -16.299 -5.815  1.00 17.77 ? 37  DC  D O2    1 
ATOM   703 N  N3    . DC  D 1 7  ? 6.472   -16.992 -3.657  1.00 17.77 ? 37  DC  D N3    1 
ATOM   704 C  C4    . DC  D 1 7  ? 5.999   -17.690 -2.622  1.00 17.77 ? 37  DC  D C4    1 
ATOM   705 N  N4    . DC  D 1 7  ? 6.683   -17.667 -1.484  1.00 17.77 ? 37  DC  D N4    1 
ATOM   706 C  C5    . DC  D 1 7  ? 4.797   -18.429 -2.706  1.00 17.77 ? 37  DC  D C5    1 
ATOM   707 C  C6    . DC  D 1 7  ? 4.124   -18.389 -3.866  1.00 17.77 ? 37  DC  D C6    1 
ATOM   708 P  P     . DA  D 1 8  ? 3.251   -19.416 -9.627  1.00 39.47 ? 38  DA  D P     1 
ATOM   709 O  OP1   . DA  D 1 8  ? 2.452   -19.634 -10.855 1.00 39.47 ? 38  DA  D OP1   1 
ATOM   710 O  OP2   . DA  D 1 8  ? 3.503   -20.551 -8.700  1.00 39.47 ? 38  DA  D OP2   1 
ATOM   711 O  "O5'" . DA  D 1 8  ? 4.644   -18.806 -10.060 1.00 39.47 ? 38  DA  D "O5'" 1 
ATOM   712 C  "C5'" . DA  D 1 8  ? 4.723   -17.440 -10.453 1.00 32.65 ? 38  DA  D "C5'" 1 
ATOM   713 C  "C4'" . DA  D 1 8  ? 6.152   -17.089 -10.781 1.00 32.65 ? 38  DA  D "C4'" 1 
ATOM   714 O  "O4'" . DA  D 1 8  ? 6.923   -16.995 -9.566  1.00 32.65 ? 38  DA  D "O4'" 1 
ATOM   715 C  "C3'" . DA  D 1 8  ? 6.819   -18.173 -11.612 1.00 32.65 ? 38  DA  D "C3'" 1 
ATOM   716 O  "O3'" . DA  D 1 8  ? 7.706   -17.592 -12.551 1.00 32.65 ? 38  DA  D "O3'" 1 
ATOM   717 C  "C2'" . DA  D 1 8  ? 7.546   -19.021 -10.585 1.00 32.65 ? 38  DA  D "C2'" 1 
ATOM   718 C  "C1'" . DA  D 1 8  ? 7.913   -18.014 -9.515  1.00 32.65 ? 38  DA  D "C1'" 1 
ATOM   719 N  N9    . DA  D 1 8  ? 7.899   -18.534 -8.154  1.00 13.64 ? 38  DA  D N9    1 
ATOM   720 C  C8    . DA  D 1 8  ? 6.870   -19.183 -7.525  1.00 13.64 ? 38  DA  D C8    1 
ATOM   721 N  N7    . DA  D 1 8  ? 7.117   -19.469 -6.271  1.00 13.64 ? 38  DA  D N7    1 
ATOM   722 C  C5    . DA  D 1 8  ? 8.404   -18.993 -6.068  1.00 13.64 ? 38  DA  D C5    1 
ATOM   723 C  C6    . DA  D 1 8  ? 9.231   -18.986 -4.944  1.00 13.64 ? 38  DA  D C6    1 
ATOM   724 N  N6    . DA  D 1 8  ? 8.872   -19.501 -3.780  1.00 13.64 ? 38  DA  D N6    1 
ATOM   725 N  N1    . DA  D 1 8  ? 10.452  -18.430 -5.058  1.00 13.64 ? 38  DA  D N1    1 
ATOM   726 C  C2    . DA  D 1 8  ? 10.806  -17.920 -6.247  1.00 13.64 ? 38  DA  D C2    1 
ATOM   727 N  N3    . DA  D 1 8  ? 10.112  -17.868 -7.391  1.00 13.64 ? 38  DA  D N3    1 
ATOM   728 C  C4    . DA  D 1 8  ? 8.903   -18.427 -7.225  1.00 13.64 ? 38  DA  D C4    1 
ATOM   729 P  P     . DC  D 1 9  ? 8.378   -18.529 -13.641 1.00 26.43 ? 39  DC  D P     1 
ATOM   730 O  OP1   . DC  D 1 9  ? 8.737   -17.709 -14.827 1.00 26.43 ? 39  DC  D OP1   1 
ATOM   731 O  OP2   . DC  D 1 9  ? 7.514   -19.731 -13.798 1.00 26.43 ? 39  DC  D OP2   1 
ATOM   732 O  "O5'" . DC  D 1 9  ? 9.689   -19.015 -12.898 1.00 26.43 ? 39  DC  D "O5'" 1 
ATOM   733 C  "C5'" . DC  D 1 9  ? 10.717  -18.105 -12.582 1.00 13.64 ? 39  DC  D "C5'" 1 
ATOM   734 C  "C4'" . DC  D 1 9  ? 11.874  -18.859 -11.987 1.00 13.64 ? 39  DC  D "C4'" 1 
ATOM   735 O  "O4'" . DC  D 1 9  ? 11.542  -19.214 -10.626 1.00 13.64 ? 39  DC  D "O4'" 1 
ATOM   736 C  "C3'" . DC  D 1 9  ? 12.187  -20.176 -12.704 1.00 13.64 ? 39  DC  D "C3'" 1 
ATOM   737 O  "O3'" . DC  D 1 9  ? 13.602  -20.356 -12.715 1.00 13.64 ? 39  DC  D "O3'" 1 
ATOM   738 C  "C2'" . DC  D 1 9  ? 11.548  -21.216 -11.802 1.00 13.64 ? 39  DC  D "C2'" 1 
ATOM   739 C  "C1'" . DC  D 1 9  ? 11.810  -20.586 -10.453 1.00 13.64 ? 39  DC  D "C1'" 1 
ATOM   740 N  N1    . DC  D 1 9  ? 11.043  -21.061 -9.303  1.00 13.64 ? 39  DC  D N1    1 
ATOM   741 C  C2    . DC  D 1 9  ? 11.617  -20.922 -8.056  1.00 13.64 ? 39  DC  D C2    1 
ATOM   742 O  O2    . DC  D 1 9  ? 12.721  -20.389 -7.974  1.00 13.64 ? 39  DC  D O2    1 
ATOM   743 N  N3    . DC  D 1 9  ? 10.970  -21.357 -6.975  1.00 13.64 ? 39  DC  D N3    1 
ATOM   744 C  C4    . DC  D 1 9  ? 9.773   -21.919 -7.108  1.00 13.64 ? 39  DC  D C4    1 
ATOM   745 N  N4    . DC  D 1 9  ? 9.165   -22.351 -6.000  1.00 13.64 ? 39  DC  D N4    1 
ATOM   746 C  C5    . DC  D 1 9  ? 9.146   -22.065 -8.379  1.00 13.64 ? 39  DC  D C5    1 
ATOM   747 C  C6    . DC  D 1 9  ? 9.812   -21.626 -9.441  1.00 13.64 ? 39  DC  D C6    1 
ATOM   748 P  P     . DG  D 1 10 ? 14.285  -21.282 -13.819 1.00 13.64 ? 40  DG  D P     1 
ATOM   749 O  OP1   . DG  D 1 10 ? 15.625  -20.718 -14.096 1.00 13.64 ? 40  DG  D OP1   1 
ATOM   750 O  OP2   . DG  D 1 10 ? 13.306  -21.443 -14.926 1.00 13.64 ? 40  DG  D OP2   1 
ATOM   751 O  "O5'" . DG  D 1 10 ? 14.483  -22.671 -13.066 1.00 13.64 ? 40  DG  D "O5'" 1 
ATOM   752 C  "C5'" . DG  D 1 10 ? 14.730  -22.713 -11.665 1.00 14.44 ? 40  DG  D "C5'" 1 
ATOM   753 C  "C4'" . DG  D 1 10 ? 15.115  -24.110 -11.231 1.00 14.44 ? 40  DG  D "C4'" 1 
ATOM   754 O  "O4'" . DG  D 1 10 ? 14.074  -25.044 -11.601 1.00 14.44 ? 40  DG  D "O4'" 1 
ATOM   755 C  "C3'" . DG  D 1 10 ? 16.408  -24.661 -11.826 1.00 14.44 ? 40  DG  D "C3'" 1 
ATOM   756 O  "O3'" . DG  D 1 10 ? 17.088  -25.521 -10.909 1.00 14.44 ? 40  DG  D "O3'" 1 
ATOM   757 C  "C2'" . DG  D 1 10 ? 15.939  -25.514 -12.988 1.00 14.44 ? 40  DG  D "C2'" 1 
ATOM   758 C  "C1'" . DG  D 1 10 ? 14.457  -25.791 -12.735 1.00 14.44 ? 40  DG  D "C1'" 1 
ATOM   759 N  N9    . DG  D 1 10 ? 13.699  -25.251 -13.849 1.00 19.23 ? 40  DG  D N9    1 
ATOM   760 C  C8    . DG  D 1 10 ? 14.175  -25.045 -15.119 1.00 19.23 ? 40  DG  D C8    1 
ATOM   761 N  N7    . DG  D 1 10 ? 13.315  -24.464 -15.898 1.00 19.23 ? 40  DG  D N7    1 
ATOM   762 C  C5    . DG  D 1 10 ? 12.198  -24.291 -15.105 1.00 19.23 ? 40  DG  D C5    1 
ATOM   763 C  C6    . DG  D 1 10 ? 10.971  -23.702 -15.411 1.00 19.23 ? 40  DG  D C6    1 
ATOM   764 O  O6    . DG  D 1 10 ? 10.623  -23.171 -16.476 1.00 19.23 ? 40  DG  D O6    1 
ATOM   765 N  N1    . DG  D 1 10 ? 10.092  -23.752 -14.327 1.00 19.23 ? 40  DG  D N1    1 
ATOM   766 C  C2    . DG  D 1 10 ? 10.385  -24.292 -13.105 1.00 19.23 ? 40  DG  D C2    1 
ATOM   767 N  N2    . DG  D 1 10 ? 9.392   -24.278 -12.206 1.00 19.23 ? 40  DG  D N2    1 
ATOM   768 N  N3    . DG  D 1 10 ? 11.560  -24.819 -12.796 1.00 19.23 ? 40  DG  D N3    1 
ATOM   769 C  C4    . DG  D 1 10 ? 12.409  -24.792 -13.842 1.00 19.23 ? 40  DG  D C4    1 
HETATM 770 NI NI    . NI  E 2 .  ? -2.348  32.097  1.792   1.00 18.89 ? 100 NI  A NI    1 
HETATM 771 NI NI    . NI  F 2 .  ? -0.617  1.686   -4.380  1.00 38.29 ? 300 NI  A NI    1 
HETATM 772 NI NI    . NI  G 2 .  ? 1.024   27.099  1.165   1.00 36.13 ? 700 NI  A NI    1 
HETATM 773 NI NI    . NI  H 2 .  ? -0.677  -7.523  11.257  1.00 32.48 ? 200 NI  B NI    1 
HETATM 774 NI NI    . NI  I 2 .  ? -15.833 20.306  4.444   1.00 39.30 ? 600 NI  B NI    1 
HETATM 775 NI NI    . NI  J 2 .  ? 10.997  -23.299 0.110   1.00 46.99 ? 800 NI  C NI    1 
HETATM 776 NI NI    . NI  K 2 .  ? 14.441  -24.069 -17.564 1.00 40.88 ? 400 NI  D NI    1 
HETATM 777 NI NI    . NI  L 2 .  ? 5.190   0.830   0.409   1.00 50.06 ? 500 NI  D NI    1 
HETATM 778 O  O     . HOH M 3 .  ? -9.046  6.711   -3.151  1.00 17.55 ? 50  HOH A O     1 
HETATM 779 O  O     . HOH M 3 .  ? -0.882  17.579  7.953   1.00 9.00  ? 53  HOH A O     1 
HETATM 780 O  O     . HOH M 3 .  ? -7.107  6.618   12.810  1.00 31.54 ? 54  HOH A O     1 
HETATM 781 O  O     . HOH M 3 .  ? -6.239  32.110  -2.569  1.00 23.56 ? 55  HOH A O     1 
HETATM 782 O  O     . HOH M 3 .  ? -2.574  10.567  7.366   1.00 38.99 ? 56  HOH A O     1 
HETATM 783 O  O     . HOH M 3 .  ? -20.627 6.070   -3.097  1.00 23.12 ? 57  HOH A O     1 
HETATM 784 O  O     . HOH M 3 .  ? -1.320  30.389  1.494   1.00 8.91  ? 101 HOH A O     1 
HETATM 785 O  O     . HOH M 3 .  ? -3.452  33.810  2.314   1.00 8.91  ? 102 HOH A O     1 
HETATM 786 O  O     . HOH M 3 .  ? -3.472  31.932  0.198   1.00 8.91  ? 103 HOH A O     1 
HETATM 787 O  O     . HOH M 3 .  ? -1.257  32.399  3.619   1.00 8.91  ? 104 HOH A O     1 
HETATM 788 O  O     . HOH M 3 .  ? 0.993   0.632   -3.629  1.00 40.31 ? 301 HOH A O     1 
HETATM 789 O  O     . HOH M 3 .  ? -2.074  2.686   -5.419  1.00 40.31 ? 302 HOH A O     1 
HETATM 790 O  O     . HOH M 3 .  ? -0.633  0.255   -5.974  1.00 40.31 ? 303 HOH A O     1 
HETATM 791 O  O     . HOH M 3 .  ? -0.419  3.096   -2.976  1.00 40.31 ? 304 HOH A O     1 
HETATM 792 O  O     . HOH M 3 .  ? 0.808   2.737   -5.597  1.00 40.31 ? 305 HOH A O     1 
HETATM 793 O  O     . HOH M 3 .  ? 1.227   28.286  2.843   1.00 50.06 ? 701 HOH A O     1 
HETATM 794 O  O     . HOH M 3 .  ? 1.064   25.770  -0.470  1.00 50.06 ? 702 HOH A O     1 
HETATM 795 O  O     . HOH M 3 .  ? -0.644  26.225  1.906   1.00 50.06 ? 703 HOH A O     1 
HETATM 796 O  O     . HOH M 3 .  ? 2.930   27.828  0.492   1.00 50.06 ? 704 HOH A O     1 
HETATM 797 O  O     . HOH M 3 .  ? 2.182   25.634  2.266   1.00 50.06 ? 705 HOH A O     1 
HETATM 798 O  O     . HOH M 3 .  ? 0.107   28.551  0.095   1.00 50.06 ? 706 HOH A O     1 
HETATM 799 O  O     . HOH N 3 .  ? -1.562  14.917  3.732   1.00 12.19 ? 51  HOH B O     1 
HETATM 800 O  O     . HOH N 3 .  ? -1.311  -2.184  12.263  1.00 16.36 ? 58  HOH B O     1 
HETATM 801 O  O     . HOH N 3 .  ? -0.715  -5.666  12.158  1.00 27.94 ? 201 HOH B O     1 
HETATM 802 O  O     . HOH N 3 .  ? -0.785  -9.496  10.690  1.00 27.94 ? 202 HOH B O     1 
HETATM 803 O  O     . HOH N 3 .  ? -2.654  -7.238  10.735  1.00 27.94 ? 203 HOH B O     1 
HETATM 804 O  O     . HOH N 3 .  ? 1.208   -7.819  12.071  1.00 27.94 ? 204 HOH B O     1 
HETATM 805 O  O     . HOH N 3 .  ? -1.441  -8.220  13.128  1.00 27.94 ? 205 HOH B O     1 
HETATM 806 O  O     . HOH N 3 .  ? -16.417 22.104  5.196   1.00 29.33 ? 601 HOH B O     1 
HETATM 807 O  O     . HOH N 3 .  ? -15.298 18.354  3.961   1.00 29.33 ? 602 HOH B O     1 
HETATM 808 O  O     . HOH N 3 .  ? -17.701 19.996  3.585   1.00 29.33 ? 603 HOH B O     1 
HETATM 809 O  O     . HOH N 3 .  ? -14.074 20.428  5.488   1.00 29.33 ? 604 HOH B O     1 
HETATM 810 O  O     . HOH N 3 .  ? -16.658 19.516  6.238   1.00 29.33 ? 605 HOH B O     1 
HETATM 811 O  O     . HOH O 3 .  ? 18.031  -8.399  -3.723  1.00 13.80 ? 52  HOH C O     1 
HETATM 812 O  O     . HOH O 3 .  ? 11.781  -15.164 1.641   1.00 30.65 ? 59  HOH C O     1 
HETATM 813 O  O     . HOH O 3 .  ? 2.161   -4.001  -7.384  1.00 24.11 ? 60  HOH C O     1 
HETATM 814 O  O     . HOH O 3 .  ? 10.350  -24.188 -1.569  1.00 34.52 ? 801 HOH C O     1 
HETATM 815 O  O     . HOH O 3 .  ? 11.644  -22.302 1.853   1.00 34.52 ? 802 HOH C O     1 
HETATM 816 O  O     . HOH O 3 .  ? 12.228  -24.879 0.626   1.00 34.52 ? 803 HOH C O     1 
HETATM 817 O  O     . HOH O 3 .  ? 9.847   -21.630 -0.309  1.00 34.52 ? 804 HOH C O     1 
HETATM 818 O  O     . HOH O 3 .  ? 9.445   -24.093 1.197   1.00 34.52 ? 805 HOH C O     1 
HETATM 819 O  O     . HOH P 3 .  ? 1.864   -20.809 -1.779  1.00 30.66 ? 61  HOH D O     1 
HETATM 820 O  O     . HOH P 3 .  ? 12.638  -24.810 -18.159 1.00 39.06 ? 401 HOH D O     1 
HETATM 821 O  O     . HOH P 3 .  ? 16.354  -23.257 -17.219 1.00 39.06 ? 402 HOH D O     1 
HETATM 822 O  O     . HOH P 3 .  ? 13.712  -22.173 -17.348 1.00 39.06 ? 403 HOH D O     1 
HETATM 823 O  O     . HOH P 3 .  ? 15.414  -25.880 -17.946 1.00 39.06 ? 404 HOH D O     1 
HETATM 824 O  O     . HOH P 3 .  ? 14.808  -23.602 -19.593 1.00 39.06 ? 405 HOH D O     1 
HETATM 825 O  O     . HOH P 3 .  ? 5.881   2.088   1.833   1.00 49.28 ? 501 HOH D O     1 
HETATM 826 O  O     . HOH P 3 .  ? 4.460   -0.657  -0.893  1.00 49.28 ? 502 HOH D O     1 
HETATM 827 O  O     . HOH P 3 .  ? 6.966   -0.196  0.302   1.00 49.28 ? 503 HOH D O     1 
HETATM 828 O  O     . HOH P 3 .  ? 3.297   1.632   0.537   1.00 49.28 ? 504 HOH D O     1 
HETATM 829 O  O     . HOH P 3 .  ? 5.635   1.985   -1.165  1.00 49.28 ? 505 HOH D O     1 
# 
